data_2MB7
#
_entry.id   2MB7
#
_entity_poly.entity_id   1
_entity_poly.type   'polypeptide(L)'
_entity_poly.pdbx_seq_one_letter_code
;GSMERKRWECPALPQGWEREEVPRRSGLSAGHRDVFYYSPSGKKFRSKPQLARYLGGSMDLSTFDFRTGKML
;
_entity_poly.pdbx_strand_id   A
#
# COMPACT_ATOMS: atom_id res chain seq x y z
N GLY A 1 -7.62 -4.27 -20.97
CA GLY A 1 -7.32 -5.41 -19.98
C GLY A 1 -8.30 -5.72 -18.91
N SER A 2 -8.40 -6.97 -18.54
CA SER A 2 -9.38 -7.35 -17.47
C SER A 2 -8.72 -7.15 -16.10
N MET A 3 -9.51 -6.88 -15.09
CA MET A 3 -8.94 -6.68 -13.74
C MET A 3 -7.64 -5.88 -13.84
N GLU A 4 -7.72 -4.67 -14.33
CA GLU A 4 -6.49 -3.84 -14.46
C GLU A 4 -6.02 -3.41 -13.07
N ARG A 5 -4.76 -3.60 -12.77
CA ARG A 5 -4.25 -3.20 -11.43
C ARG A 5 -3.03 -2.29 -11.60
N LYS A 6 -2.96 -1.22 -10.84
CA LYS A 6 -1.79 -0.31 -10.94
C LYS A 6 -0.66 -0.82 -10.05
N ARG A 7 0.51 -0.25 -10.18
CA ARG A 7 1.66 -0.73 -9.37
C ARG A 7 2.68 0.40 -9.23
N TRP A 8 2.62 1.15 -8.16
CA TRP A 8 3.59 2.26 -7.97
C TRP A 8 4.53 1.93 -6.81
N GLU A 9 5.79 2.23 -6.95
CA GLU A 9 6.75 1.93 -5.85
C GLU A 9 6.71 3.07 -4.83
N CYS A 10 6.97 2.76 -3.58
CA CYS A 10 6.94 3.82 -2.53
C CYS A 10 8.35 4.01 -1.96
N PRO A 11 9.03 5.03 -2.40
CA PRO A 11 10.39 5.36 -1.91
C PRO A 11 10.44 5.54 -0.38
N ALA A 12 9.33 5.92 0.21
CA ALA A 12 9.31 6.12 1.68
C ALA A 12 9.65 4.79 2.38
N LEU A 13 9.23 3.69 1.80
CA LEU A 13 9.53 2.37 2.43
C LEU A 13 10.87 1.84 1.89
N PRO A 14 11.49 0.96 2.63
CA PRO A 14 12.79 0.36 2.23
C PRO A 14 12.73 -0.30 0.84
N GLN A 15 13.80 -0.23 0.10
CA GLN A 15 13.81 -0.85 -1.25
C GLN A 15 13.27 -2.28 -1.16
N GLY A 16 12.30 -2.62 -1.97
CA GLY A 16 11.74 -3.99 -1.92
C GLY A 16 10.23 -3.92 -1.68
N TRP A 17 9.74 -2.81 -1.19
CA TRP A 17 8.29 -2.68 -0.95
C TRP A 17 7.62 -2.05 -2.17
N GLU A 18 6.37 -2.37 -2.41
CA GLU A 18 5.67 -1.80 -3.59
C GLU A 18 4.21 -1.55 -3.24
N ARG A 19 3.55 -0.71 -4.01
CA ARG A 19 2.11 -0.43 -3.73
C ARG A 19 1.27 -0.81 -4.95
N GLU A 20 0.00 -1.06 -4.76
CA GLU A 20 -0.85 -1.44 -5.92
C GLU A 20 -2.28 -0.92 -5.68
N GLU A 21 -2.94 -0.48 -6.72
CA GLU A 21 -4.32 0.03 -6.55
C GLU A 21 -5.30 -0.87 -7.32
N VAL A 22 -6.39 -1.25 -6.71
CA VAL A 22 -7.35 -2.15 -7.41
C VAL A 22 -8.75 -1.56 -7.33
N PRO A 23 -9.38 -1.34 -8.46
CA PRO A 23 -10.75 -0.77 -8.54
C PRO A 23 -11.82 -1.81 -8.19
N ARG A 24 -12.72 -1.47 -7.30
CA ARG A 24 -13.80 -2.44 -6.93
C ARG A 24 -14.89 -2.41 -8.00
N ARG A 25 -15.67 -3.46 -8.08
CA ARG A 25 -16.75 -3.50 -9.11
C ARG A 25 -17.89 -4.40 -8.61
N SER A 26 -18.15 -4.40 -7.33
CA SER A 26 -19.23 -5.27 -6.79
C SER A 26 -20.46 -4.42 -6.49
N GLY A 27 -21.47 -4.51 -7.30
CA GLY A 27 -22.72 -3.73 -7.04
C GLY A 27 -22.34 -2.34 -6.52
N LEU A 28 -22.92 -1.93 -5.42
CA LEU A 28 -22.60 -0.58 -4.87
C LEU A 28 -21.12 -0.53 -4.48
N SER A 29 -20.54 -1.64 -4.14
CA SER A 29 -19.11 -1.64 -3.74
C SER A 29 -18.23 -1.36 -4.96
N ALA A 30 -18.83 -0.85 -6.01
CA ALA A 30 -18.02 -0.55 -7.23
C ALA A 30 -17.50 0.88 -7.17
N GLY A 31 -16.53 1.20 -7.98
CA GLY A 31 -15.99 2.59 -7.97
C GLY A 31 -14.97 2.73 -6.83
N HIS A 32 -15.24 2.12 -5.71
CA HIS A 32 -14.28 2.22 -4.57
C HIS A 32 -12.93 1.61 -4.97
N ARG A 33 -11.86 2.25 -4.60
CA ARG A 33 -10.51 1.72 -4.97
C ARG A 33 -9.76 1.30 -3.71
N ASP A 34 -9.26 0.10 -3.66
CA ASP A 34 -8.51 -0.36 -2.46
C ASP A 34 -7.01 -0.41 -2.78
N VAL A 35 -6.19 -0.05 -1.84
CA VAL A 35 -4.72 -0.07 -2.09
C VAL A 35 -4.07 -1.18 -1.26
N PHE A 36 -3.28 -2.01 -1.88
CA PHE A 36 -2.61 -3.10 -1.13
C PHE A 36 -1.09 -2.90 -1.18
N TYR A 37 -0.39 -3.25 -0.13
CA TYR A 37 1.08 -3.08 -0.12
C TYR A 37 1.75 -4.46 -0.04
N TYR A 38 2.92 -4.59 -0.60
CA TYR A 38 3.62 -5.90 -0.55
C TYR A 38 5.05 -5.69 -0.02
N SER A 39 5.52 -6.59 0.81
CA SER A 39 6.90 -6.45 1.35
C SER A 39 7.85 -7.32 0.53
N PRO A 40 9.12 -7.27 0.86
CA PRO A 40 10.16 -8.07 0.17
C PRO A 40 9.86 -9.56 0.17
N SER A 41 9.17 -10.04 1.18
CA SER A 41 8.84 -11.50 1.23
C SER A 41 7.53 -11.74 0.48
N GLY A 42 6.93 -10.71 -0.04
CA GLY A 42 5.65 -10.89 -0.80
C GLY A 42 4.49 -10.92 0.19
N LYS A 43 4.66 -10.37 1.35
CA LYS A 43 3.56 -10.36 2.35
C LYS A 43 2.51 -9.32 1.94
N LYS A 44 1.27 -9.73 1.84
CA LYS A 44 0.20 -8.76 1.45
C LYS A 44 -0.47 -8.20 2.71
N PHE A 45 -0.43 -6.91 2.88
CA PHE A 45 -1.06 -6.30 4.09
C PHE A 45 -1.75 -4.99 3.70
N ARG A 46 -2.80 -4.64 4.39
CA ARG A 46 -3.51 -3.37 4.07
C ARG A 46 -3.86 -2.64 5.37
N SER A 47 -2.88 -2.15 6.07
CA SER A 47 -3.16 -1.42 7.35
C SER A 47 -2.07 -0.38 7.59
N LYS A 48 -2.45 0.83 7.87
CA LYS A 48 -1.43 1.90 8.12
C LYS A 48 -0.55 1.50 9.30
N PRO A 49 -1.16 1.21 10.42
CA PRO A 49 -0.44 0.83 11.66
C PRO A 49 0.55 -0.33 11.41
N GLN A 50 0.17 -1.28 10.61
CA GLN A 50 1.09 -2.42 10.31
C GLN A 50 2.32 -1.89 9.58
N LEU A 51 2.16 -0.93 8.71
CA LEU A 51 3.33 -0.38 7.98
C LEU A 51 4.28 0.30 8.96
N ALA A 52 3.76 1.07 9.87
CA ALA A 52 4.64 1.77 10.85
C ALA A 52 5.17 0.77 11.87
N ARG A 53 4.31 -0.08 12.39
CA ARG A 53 4.77 -1.08 13.39
C ARG A 53 5.83 -1.99 12.77
N TYR A 54 5.60 -2.44 11.56
CA TYR A 54 6.58 -3.34 10.91
C TYR A 54 7.87 -2.57 10.62
N LEU A 55 7.77 -1.46 9.94
CA LEU A 55 8.99 -0.66 9.62
C LEU A 55 9.22 0.38 10.72
N GLY A 56 8.51 0.27 11.81
CA GLY A 56 8.69 1.26 12.91
C GLY A 56 10.17 1.40 13.24
N GLY A 57 10.75 0.40 13.84
CA GLY A 57 12.20 0.48 14.20
C GLY A 57 13.01 0.83 12.95
N SER A 58 12.72 0.20 11.85
CA SER A 58 13.49 0.50 10.60
C SER A 58 13.34 1.97 10.25
N MET A 59 12.25 2.58 10.60
CA MET A 59 12.05 4.02 10.29
C MET A 59 10.68 4.47 10.80
N ASP A 60 10.39 5.74 10.73
CA ASP A 60 9.08 6.25 11.20
C ASP A 60 8.16 6.50 10.01
N LEU A 61 7.01 5.88 9.98
CA LEU A 61 6.08 6.09 8.83
C LEU A 61 4.80 6.74 9.33
N SER A 62 4.80 7.25 10.53
CA SER A 62 3.58 7.90 11.07
C SER A 62 3.13 9.02 10.12
N THR A 63 4.05 9.68 9.48
CA THR A 63 3.68 10.77 8.55
C THR A 63 3.56 10.20 7.13
N PHE A 64 3.40 8.91 7.01
CA PHE A 64 3.28 8.31 5.65
C PHE A 64 1.81 8.31 5.22
N ASP A 65 1.54 8.68 4.00
CA ASP A 65 0.13 8.69 3.52
C ASP A 65 -0.23 7.32 2.96
N PHE A 66 -1.10 6.61 3.64
CA PHE A 66 -1.49 5.25 3.16
C PHE A 66 -2.44 5.37 1.97
N ARG A 67 -3.37 6.30 2.03
CA ARG A 67 -4.33 6.45 0.90
C ARG A 67 -3.58 6.84 -0.37
N THR A 68 -2.59 7.68 -0.26
CA THR A 68 -1.84 8.12 -1.46
C THR A 68 -0.49 7.39 -1.52
N GLY A 69 -0.11 6.76 -0.45
CA GLY A 69 1.19 6.02 -0.45
C GLY A 69 2.34 7.01 -0.67
N LYS A 70 2.28 8.15 -0.02
CA LYS A 70 3.36 9.15 -0.19
C LYS A 70 3.81 9.67 1.19
N MET A 71 5.02 10.13 1.29
CA MET A 71 5.50 10.64 2.60
C MET A 71 5.23 12.15 2.69
N LEU A 72 4.56 12.58 3.72
CA LEU A 72 4.26 14.02 3.87
C LEU A 72 4.56 14.46 5.31
N GLY A 1 -15.60 -7.71 -13.01
CA GLY A 1 -15.11 -8.17 -14.38
C GLY A 1 -13.92 -7.51 -15.01
N SER A 2 -13.87 -6.21 -14.93
CA SER A 2 -12.71 -5.48 -15.53
C SER A 2 -11.46 -5.71 -14.68
N MET A 3 -10.36 -6.03 -15.29
CA MET A 3 -9.11 -6.27 -14.53
C MET A 3 -8.16 -5.09 -14.72
N GLU A 4 -7.81 -4.41 -13.66
CA GLU A 4 -6.87 -3.26 -13.79
C GLU A 4 -5.99 -3.18 -12.54
N ARG A 5 -4.95 -3.97 -12.48
CA ARG A 5 -4.05 -3.94 -11.30
C ARG A 5 -2.75 -3.24 -11.67
N LYS A 6 -2.48 -2.10 -11.11
CA LYS A 6 -1.21 -1.38 -11.44
C LYS A 6 -0.29 -1.39 -10.21
N ARG A 7 0.74 -2.19 -10.25
CA ARG A 7 1.68 -2.25 -9.09
C ARG A 7 2.94 -1.44 -9.40
N TRP A 8 3.20 -0.42 -8.63
CA TRP A 8 4.41 0.42 -8.88
C TRP A 8 5.24 0.48 -7.60
N GLU A 9 6.54 0.50 -7.73
CA GLU A 9 7.41 0.56 -6.53
C GLU A 9 7.06 1.81 -5.71
N CYS A 10 7.06 1.69 -4.40
CA CYS A 10 6.74 2.87 -3.55
C CYS A 10 8.03 3.55 -3.10
N PRO A 11 8.18 4.81 -3.39
CA PRO A 11 9.39 5.59 -3.05
C PRO A 11 9.46 5.92 -1.55
N ALA A 12 8.33 6.12 -0.92
CA ALA A 12 8.32 6.44 0.53
C ALA A 12 8.81 5.23 1.32
N LEU A 13 8.44 4.04 0.91
CA LEU A 13 8.90 2.83 1.63
C LEU A 13 10.30 2.42 1.15
N PRO A 14 11.01 1.71 1.96
CA PRO A 14 12.39 1.23 1.62
C PRO A 14 12.45 0.56 0.25
N GLN A 15 13.60 0.55 -0.37
CA GLN A 15 13.71 -0.10 -1.71
C GLN A 15 13.24 -1.55 -1.63
N GLY A 16 12.28 -1.92 -2.43
CA GLY A 16 11.78 -3.33 -2.40
C GLY A 16 10.28 -3.33 -2.12
N TRP A 17 9.80 -2.41 -1.34
CA TRP A 17 8.34 -2.36 -1.05
C TRP A 17 7.58 -1.89 -2.29
N GLU A 18 6.37 -2.33 -2.47
CA GLU A 18 5.60 -1.93 -3.68
C GLU A 18 4.12 -1.79 -3.31
N ARG A 19 3.38 -1.05 -4.09
CA ARG A 19 1.93 -0.89 -3.80
C ARG A 19 1.15 -0.88 -5.11
N GLU A 20 -0.05 -1.42 -5.12
CA GLU A 20 -0.85 -1.44 -6.37
C GLU A 20 -2.25 -0.92 -6.09
N GLU A 21 -2.83 -0.20 -7.02
CA GLU A 21 -4.21 0.31 -6.82
C GLU A 21 -5.20 -0.61 -7.54
N VAL A 22 -6.31 -0.92 -6.91
CA VAL A 22 -7.30 -1.83 -7.54
C VAL A 22 -8.71 -1.37 -7.19
N PRO A 23 -9.36 -0.69 -8.10
CA PRO A 23 -10.76 -0.23 -7.92
C PRO A 23 -11.71 -1.38 -7.61
N ARG A 24 -12.60 -1.21 -6.67
CA ARG A 24 -13.56 -2.29 -6.34
C ARG A 24 -14.99 -1.81 -6.58
N ARG A 25 -15.51 -2.01 -7.76
CA ARG A 25 -16.91 -1.58 -8.05
C ARG A 25 -17.86 -2.75 -7.78
N SER A 26 -17.43 -3.71 -7.01
CA SER A 26 -18.32 -4.88 -6.72
C SER A 26 -18.29 -5.19 -5.22
N GLY A 27 -19.39 -5.01 -4.54
CA GLY A 27 -19.42 -5.30 -3.09
C GLY A 27 -20.54 -4.48 -2.43
N LEU A 28 -20.57 -4.42 -1.12
CA LEU A 28 -21.62 -3.63 -0.44
C LEU A 28 -21.25 -2.16 -0.46
N SER A 29 -20.06 -1.82 -0.07
CA SER A 29 -19.62 -0.39 -0.10
C SER A 29 -18.85 -0.12 -1.39
N ALA A 30 -19.07 -0.90 -2.41
CA ALA A 30 -18.35 -0.68 -3.69
C ALA A 30 -18.33 0.82 -4.02
N GLY A 31 -17.56 1.21 -5.00
CA GLY A 31 -17.49 2.65 -5.36
C GLY A 31 -16.13 3.21 -4.99
N HIS A 32 -15.52 2.68 -3.96
CA HIS A 32 -14.18 3.18 -3.53
C HIS A 32 -13.09 2.28 -4.12
N ARG A 33 -11.85 2.65 -3.94
CA ARG A 33 -10.74 1.80 -4.48
C ARG A 33 -9.87 1.30 -3.33
N ASP A 34 -9.49 0.06 -3.38
CA ASP A 34 -8.64 -0.50 -2.27
C ASP A 34 -7.19 -0.61 -2.75
N VAL A 35 -6.26 -0.18 -1.95
CA VAL A 35 -4.82 -0.28 -2.34
C VAL A 35 -4.13 -1.34 -1.48
N PHE A 36 -3.38 -2.21 -2.10
CA PHE A 36 -2.69 -3.28 -1.32
C PHE A 36 -1.18 -3.03 -1.35
N TYR A 37 -0.51 -3.27 -0.26
CA TYR A 37 0.97 -3.05 -0.22
C TYR A 37 1.68 -4.39 -0.04
N TYR A 38 2.80 -4.57 -0.66
CA TYR A 38 3.54 -5.86 -0.53
C TYR A 38 4.95 -5.60 0.00
N SER A 39 5.38 -6.35 0.97
CA SER A 39 6.75 -6.14 1.52
C SER A 39 7.70 -7.17 0.90
N PRO A 40 8.95 -7.10 1.26
CA PRO A 40 10.00 -8.03 0.74
C PRO A 40 9.63 -9.50 0.96
N SER A 41 8.88 -9.79 1.99
CA SER A 41 8.48 -11.20 2.26
C SER A 41 7.21 -11.52 1.46
N GLY A 42 6.79 -10.63 0.61
CA GLY A 42 5.55 -10.89 -0.19
C GLY A 42 4.32 -10.76 0.72
N LYS A 43 4.51 -10.30 1.93
CA LYS A 43 3.36 -10.16 2.86
C LYS A 43 2.42 -9.08 2.35
N LYS A 44 1.15 -9.37 2.24
CA LYS A 44 0.19 -8.34 1.77
C LYS A 44 -0.53 -7.73 2.97
N PHE A 45 -0.57 -6.42 3.04
CA PHE A 45 -1.25 -5.75 4.19
C PHE A 45 -2.00 -4.52 3.70
N ARG A 46 -3.09 -4.19 4.34
CA ARG A 46 -3.86 -2.98 3.90
C ARG A 46 -4.17 -2.10 5.12
N SER A 47 -3.16 -1.79 5.89
CA SER A 47 -3.39 -0.94 7.09
C SER A 47 -2.07 -0.29 7.53
N LYS A 48 -2.12 0.92 7.99
CA LYS A 48 -0.87 1.61 8.42
C LYS A 48 -0.21 0.81 9.55
N PRO A 49 -0.99 0.37 10.49
CA PRO A 49 -0.50 -0.43 11.65
C PRO A 49 0.24 -1.69 11.21
N GLN A 50 -0.23 -2.34 10.18
CA GLN A 50 0.46 -3.57 9.69
C GLN A 50 1.82 -3.19 9.11
N LEU A 51 1.90 -2.08 8.44
CA LEU A 51 3.21 -1.66 7.85
C LEU A 51 4.23 -1.47 8.98
N ALA A 52 3.85 -0.81 10.03
CA ALA A 52 4.80 -0.57 11.15
C ALA A 52 5.09 -1.91 11.85
N ARG A 53 4.10 -2.73 12.02
CA ARG A 53 4.31 -4.05 12.69
C ARG A 53 5.44 -4.79 11.98
N TYR A 54 5.44 -4.80 10.67
CA TYR A 54 6.52 -5.51 9.93
C TYR A 54 7.85 -4.78 10.16
N LEU A 55 7.86 -3.49 9.99
CA LEU A 55 9.12 -2.73 10.20
C LEU A 55 9.33 -2.49 11.71
N GLY A 56 8.47 -3.04 12.52
CA GLY A 56 8.61 -2.83 13.99
C GLY A 56 8.52 -1.34 14.32
N GLY A 57 9.56 -0.61 14.03
CA GLY A 57 9.54 0.86 14.33
C GLY A 57 10.89 1.47 13.96
N SER A 58 11.48 1.03 12.88
CA SER A 58 12.80 1.59 12.47
C SER A 58 12.57 2.73 11.47
N MET A 59 11.34 3.14 11.28
CA MET A 59 11.06 4.23 10.31
C MET A 59 9.88 5.06 10.83
N ASP A 60 9.95 6.36 10.69
CA ASP A 60 8.83 7.22 11.15
C ASP A 60 7.71 7.22 10.11
N LEU A 61 6.73 6.39 10.28
CA LEU A 61 5.61 6.32 9.28
C LEU A 61 4.46 7.21 9.75
N SER A 62 4.60 7.81 10.90
CA SER A 62 3.51 8.69 11.41
C SER A 62 3.16 9.74 10.36
N THR A 63 4.11 10.13 9.56
CA THR A 63 3.83 11.15 8.50
C THR A 63 3.80 10.47 7.13
N PHE A 64 3.64 9.18 7.10
CA PHE A 64 3.60 8.46 5.79
C PHE A 64 2.17 8.45 5.26
N ASP A 65 1.96 8.92 4.06
CA ASP A 65 0.59 8.94 3.50
C ASP A 65 0.23 7.55 2.96
N PHE A 66 -0.71 6.89 3.57
CA PHE A 66 -1.10 5.53 3.08
C PHE A 66 -1.99 5.65 1.86
N ARG A 67 -2.92 6.58 1.88
CA ARG A 67 -3.84 6.73 0.72
C ARG A 67 -3.03 7.13 -0.52
N THR A 68 -2.06 7.99 -0.35
CA THR A 68 -1.24 8.42 -1.52
C THR A 68 0.06 7.61 -1.55
N GLY A 69 0.37 6.92 -0.48
CA GLY A 69 1.63 6.11 -0.45
C GLY A 69 2.83 7.04 -0.62
N LYS A 70 2.81 8.19 0.00
CA LYS A 70 3.95 9.13 -0.12
C LYS A 70 4.41 9.56 1.27
N MET A 71 5.68 9.86 1.41
CA MET A 71 6.19 10.29 2.75
C MET A 71 6.18 11.81 2.83
N LEU A 72 5.36 12.36 3.67
CA LEU A 72 5.29 13.85 3.79
C LEU A 72 6.71 14.40 3.97
N GLY A 1 -9.44 0.32 -21.95
CA GLY A 1 -9.52 1.50 -20.99
C GLY A 1 -9.40 1.27 -19.53
N SER A 2 -9.17 2.31 -18.77
CA SER A 2 -9.02 2.13 -17.29
C SER A 2 -8.07 0.97 -17.00
N MET A 3 -6.80 1.24 -16.88
CA MET A 3 -5.82 0.15 -16.59
C MET A 3 -6.17 -0.51 -15.26
N GLU A 4 -6.13 -1.81 -15.20
CA GLU A 4 -6.46 -2.51 -13.93
C GLU A 4 -5.17 -2.99 -13.26
N ARG A 5 -5.19 -3.12 -11.96
CA ARG A 5 -3.96 -3.59 -11.25
C ARG A 5 -2.81 -2.60 -11.50
N LYS A 6 -2.85 -1.46 -10.86
CA LYS A 6 -1.77 -0.45 -11.06
C LYS A 6 -0.54 -0.86 -10.24
N ARG A 7 0.56 -0.20 -10.46
CA ARG A 7 1.80 -0.56 -9.72
C ARG A 7 2.60 0.71 -9.41
N TRP A 8 3.08 0.85 -8.21
CA TRP A 8 3.87 2.06 -7.86
C TRP A 8 4.77 1.76 -6.65
N GLU A 9 6.03 2.04 -6.74
CA GLU A 9 6.94 1.79 -5.59
C GLU A 9 6.92 2.99 -4.65
N CYS A 10 6.58 2.79 -3.41
CA CYS A 10 6.52 3.92 -2.45
C CYS A 10 7.94 4.23 -1.96
N PRO A 11 8.36 5.45 -2.13
CA PRO A 11 9.72 5.90 -1.70
C PRO A 11 9.84 6.01 -0.17
N ALA A 12 8.74 5.98 0.52
CA ALA A 12 8.78 6.08 2.01
C ALA A 12 9.08 4.70 2.59
N LEU A 13 8.95 3.67 1.81
CA LEU A 13 9.23 2.30 2.33
C LEU A 13 10.62 1.85 1.87
N PRO A 14 11.22 0.94 2.60
CA PRO A 14 12.56 0.40 2.26
C PRO A 14 12.61 -0.20 0.85
N GLN A 15 13.70 -0.03 0.16
CA GLN A 15 13.80 -0.60 -1.22
C GLN A 15 13.35 -2.06 -1.20
N GLY A 16 12.46 -2.42 -2.08
CA GLY A 16 11.98 -3.83 -2.11
C GLY A 16 10.48 -3.87 -1.81
N TRP A 17 9.95 -2.82 -1.26
CA TRP A 17 8.49 -2.79 -0.95
C TRP A 17 7.74 -2.16 -2.13
N GLU A 18 6.50 -2.55 -2.31
CA GLU A 18 5.71 -1.98 -3.44
C GLU A 18 4.22 -1.97 -3.07
N ARG A 19 3.42 -1.24 -3.80
CA ARG A 19 1.98 -1.19 -3.50
C ARG A 19 1.18 -1.14 -4.82
N GLU A 20 0.00 -1.69 -4.83
CA GLU A 20 -0.81 -1.66 -6.08
C GLU A 20 -2.17 -1.04 -5.79
N GLU A 21 -2.87 -0.63 -6.81
CA GLU A 21 -4.22 0.00 -6.60
C GLU A 21 -5.29 -0.87 -7.27
N VAL A 22 -6.38 -1.10 -6.60
CA VAL A 22 -7.46 -1.92 -7.20
C VAL A 22 -8.81 -1.21 -7.04
N PRO A 23 -9.41 -0.82 -8.13
CA PRO A 23 -10.71 -0.11 -8.12
C PRO A 23 -11.89 -1.04 -7.85
N ARG A 24 -12.86 -0.58 -7.11
CA ARG A 24 -14.04 -1.45 -6.81
C ARG A 24 -15.02 -1.39 -7.99
N ARG A 25 -15.84 -2.40 -8.13
CA ARG A 25 -16.83 -2.40 -9.26
C ARG A 25 -18.24 -2.46 -8.69
N SER A 26 -19.08 -1.52 -9.05
CA SER A 26 -20.49 -1.54 -8.54
C SER A 26 -20.47 -1.57 -7.01
N GLY A 27 -21.58 -1.28 -6.40
CA GLY A 27 -21.63 -1.30 -4.91
C GLY A 27 -21.49 0.13 -4.38
N LEU A 28 -21.99 0.39 -3.20
CA LEU A 28 -21.87 1.76 -2.62
C LEU A 28 -20.39 2.14 -2.53
N SER A 29 -19.52 1.26 -2.93
CA SER A 29 -18.06 1.58 -2.85
C SER A 29 -17.53 1.91 -4.25
N ALA A 30 -18.38 2.44 -5.10
CA ALA A 30 -17.93 2.78 -6.48
C ALA A 30 -16.96 3.97 -6.41
N GLY A 31 -15.92 3.94 -7.20
CA GLY A 31 -14.94 5.07 -7.19
C GLY A 31 -13.93 4.86 -6.07
N HIS A 32 -14.21 3.97 -5.16
CA HIS A 32 -13.26 3.71 -4.04
C HIS A 32 -12.12 2.83 -4.54
N ARG A 33 -10.90 3.30 -4.42
CA ARG A 33 -9.74 2.49 -4.90
C ARG A 33 -8.95 1.98 -3.69
N ASP A 34 -8.96 0.70 -3.47
CA ASP A 34 -8.20 0.14 -2.32
C ASP A 34 -6.75 -0.10 -2.75
N VAL A 35 -5.81 0.20 -1.89
CA VAL A 35 -4.37 0.00 -2.25
C VAL A 35 -3.78 -1.10 -1.36
N PHE A 36 -3.15 -2.07 -1.95
CA PHE A 36 -2.54 -3.16 -1.14
C PHE A 36 -1.02 -2.99 -1.11
N TYR A 37 -0.40 -3.27 0.00
CA TYR A 37 1.07 -3.11 0.10
C TYR A 37 1.74 -4.48 0.17
N TYR A 38 2.89 -4.63 -0.43
CA TYR A 38 3.58 -5.95 -0.41
C TYR A 38 5.03 -5.76 0.08
N SER A 39 5.52 -6.69 0.85
CA SER A 39 6.92 -6.57 1.36
C SER A 39 7.84 -7.46 0.51
N PRO A 40 9.11 -7.42 0.79
CA PRO A 40 10.12 -8.21 0.04
C PRO A 40 9.80 -9.71 0.03
N SER A 41 9.26 -10.21 1.10
CA SER A 41 8.92 -11.66 1.15
C SER A 41 7.59 -11.91 0.43
N GLY A 42 6.96 -10.86 -0.03
CA GLY A 42 5.67 -11.04 -0.75
C GLY A 42 4.51 -11.02 0.25
N LYS A 43 4.76 -10.54 1.45
CA LYS A 43 3.67 -10.50 2.47
C LYS A 43 2.61 -9.48 2.02
N LYS A 44 1.39 -9.92 1.89
CA LYS A 44 0.30 -8.99 1.48
C LYS A 44 -0.40 -8.44 2.73
N PHE A 45 -0.44 -7.15 2.88
CA PHE A 45 -1.10 -6.56 4.08
C PHE A 45 -1.85 -5.29 3.66
N ARG A 46 -2.95 -5.00 4.32
CA ARG A 46 -3.73 -3.78 3.96
C ARG A 46 -4.10 -3.03 5.25
N SER A 47 -3.12 -2.51 5.95
CA SER A 47 -3.42 -1.75 7.19
C SER A 47 -2.36 -0.68 7.41
N LYS A 48 -2.76 0.54 7.66
CA LYS A 48 -1.77 1.63 7.88
C LYS A 48 -0.94 1.32 9.12
N PRO A 49 -1.58 1.08 10.22
CA PRO A 49 -0.90 0.76 11.51
C PRO A 49 0.01 -0.47 11.40
N GLN A 50 -0.41 -1.46 10.67
CA GLN A 50 0.43 -2.69 10.51
C GLN A 50 1.70 -2.33 9.75
N LEU A 51 1.60 -1.50 8.76
CA LEU A 51 2.82 -1.11 7.99
C LEU A 51 3.73 -0.24 8.86
N ALA A 52 3.16 0.66 9.61
CA ALA A 52 3.99 1.53 10.49
C ALA A 52 4.73 0.68 11.51
N ARG A 53 4.06 -0.27 12.10
CA ARG A 53 4.72 -1.15 13.10
C ARG A 53 5.91 -1.86 12.45
N TYR A 54 5.73 -2.35 11.25
CA TYR A 54 6.86 -3.03 10.55
C TYR A 54 8.03 -2.07 10.40
N LEU A 55 7.78 -0.89 9.90
CA LEU A 55 8.88 0.11 9.76
C LEU A 55 9.03 0.89 11.07
N GLY A 56 8.23 0.57 12.05
CA GLY A 56 8.33 1.29 13.36
C GLY A 56 9.71 1.06 13.97
N GLY A 57 10.62 1.97 13.78
CA GLY A 57 11.98 1.79 14.35
C GLY A 57 13.03 2.10 13.29
N SER A 58 13.07 1.33 12.24
CA SER A 58 14.07 1.57 11.16
C SER A 58 13.70 2.85 10.41
N MET A 59 12.46 3.23 10.43
CA MET A 59 12.04 4.47 9.72
C MET A 59 10.71 4.96 10.29
N ASP A 60 10.49 6.25 10.27
CA ASP A 60 9.21 6.80 10.80
C ASP A 60 8.22 6.98 9.66
N LEU A 61 7.11 6.27 9.70
CA LEU A 61 6.11 6.39 8.60
C LEU A 61 4.83 7.02 9.15
N SER A 62 4.88 7.53 10.35
CA SER A 62 3.67 8.16 10.95
C SER A 62 3.12 9.22 9.98
N THR A 63 3.98 9.92 9.31
CA THR A 63 3.51 10.95 8.35
C THR A 63 3.40 10.33 6.95
N PHE A 64 3.35 9.04 6.87
CA PHE A 64 3.23 8.38 5.53
C PHE A 64 1.76 8.18 5.18
N ASP A 65 1.37 8.54 3.99
CA ASP A 65 -0.05 8.37 3.59
C ASP A 65 -0.30 6.93 3.14
N PHE A 66 -1.07 6.18 3.88
CA PHE A 66 -1.33 4.77 3.49
C PHE A 66 -2.30 4.73 2.32
N ARG A 67 -3.34 5.52 2.38
CA ARG A 67 -4.34 5.51 1.27
C ARG A 67 -3.66 5.85 -0.05
N THR A 68 -2.80 6.85 -0.04
CA THR A 68 -2.11 7.24 -1.30
C THR A 68 -0.72 6.59 -1.34
N GLY A 69 -0.27 6.06 -0.24
CA GLY A 69 1.06 5.42 -0.21
C GLY A 69 2.14 6.46 -0.54
N LYS A 70 2.01 7.65 -0.02
CA LYS A 70 3.02 8.71 -0.31
C LYS A 70 3.46 9.36 1.01
N MET A 71 4.63 9.94 1.02
CA MET A 71 5.11 10.59 2.28
C MET A 71 4.78 12.08 2.23
N LEU A 72 4.02 12.56 3.18
CA LEU A 72 3.66 14.00 3.20
C LEU A 72 4.62 14.76 4.11
N GLY A 1 -9.53 -8.73 -12.78
CA GLY A 1 -9.91 -9.89 -13.71
C GLY A 1 -9.33 -9.97 -15.07
N SER A 2 -9.06 -8.84 -15.67
CA SER A 2 -8.48 -8.83 -17.05
C SER A 2 -7.19 -8.01 -17.05
N MET A 3 -7.29 -6.73 -16.82
CA MET A 3 -6.08 -5.88 -16.83
C MET A 3 -5.41 -5.92 -15.45
N GLU A 4 -4.11 -6.05 -15.41
CA GLU A 4 -3.40 -6.11 -14.10
C GLU A 4 -3.57 -4.78 -13.37
N ARG A 5 -3.72 -4.81 -12.08
CA ARG A 5 -3.89 -3.54 -11.32
C ARG A 5 -2.76 -2.58 -11.68
N LYS A 6 -2.77 -1.41 -11.11
CA LYS A 6 -1.69 -0.42 -11.43
C LYS A 6 -0.65 -0.41 -10.31
N ARG A 7 0.42 -1.13 -10.47
CA ARG A 7 1.47 -1.16 -9.41
C ARG A 7 2.20 0.18 -9.40
N TRP A 8 2.98 0.42 -8.38
CA TRP A 8 3.73 1.71 -8.30
C TRP A 8 4.80 1.62 -7.23
N GLU A 9 5.93 2.25 -7.43
CA GLU A 9 7.02 2.19 -6.42
C GLU A 9 6.89 3.38 -5.47
N CYS A 10 7.06 3.17 -4.20
CA CYS A 10 6.94 4.29 -3.23
C CYS A 10 8.30 4.53 -2.56
N PRO A 11 9.00 5.54 -3.00
CA PRO A 11 10.34 5.89 -2.44
C PRO A 11 10.31 6.02 -0.92
N ALA A 12 9.25 6.55 -0.37
CA ALA A 12 9.16 6.70 1.11
C ALA A 12 9.26 5.31 1.76
N LEU A 13 8.91 4.29 1.03
CA LEU A 13 8.99 2.91 1.61
C LEU A 13 10.39 2.34 1.39
N PRO A 14 10.77 1.39 2.19
CA PRO A 14 12.12 0.75 2.09
C PRO A 14 12.34 0.09 0.73
N GLN A 15 13.53 0.19 0.20
CA GLN A 15 13.81 -0.42 -1.12
C GLN A 15 13.41 -1.90 -1.11
N GLY A 16 12.51 -2.29 -1.97
CA GLY A 16 12.09 -3.72 -2.02
C GLY A 16 10.58 -3.81 -1.82
N TRP A 17 10.00 -2.86 -1.13
CA TRP A 17 8.52 -2.90 -0.92
C TRP A 17 7.81 -2.30 -2.13
N GLU A 18 6.59 -2.68 -2.36
CA GLU A 18 5.84 -2.14 -3.53
C GLU A 18 4.37 -1.94 -3.15
N ARG A 19 3.68 -1.10 -3.87
CA ARG A 19 2.23 -0.88 -3.56
C ARG A 19 1.40 -1.13 -4.81
N GLU A 20 0.12 -1.31 -4.66
CA GLU A 20 -0.75 -1.58 -5.84
C GLU A 20 -2.08 -0.85 -5.67
N GLU A 21 -2.61 -0.31 -6.74
CA GLU A 21 -3.91 0.41 -6.64
C GLU A 21 -5.03 -0.47 -7.18
N VAL A 22 -6.02 -0.75 -6.36
CA VAL A 22 -7.14 -1.61 -6.82
C VAL A 22 -8.45 -0.82 -6.80
N PRO A 23 -8.86 -0.31 -7.93
CA PRO A 23 -10.11 0.47 -8.06
C PRO A 23 -11.35 -0.34 -7.62
N ARG A 24 -12.15 0.21 -6.75
CA ARG A 24 -13.37 -0.52 -6.31
C ARG A 24 -14.54 -0.14 -7.23
N ARG A 25 -15.61 -0.92 -7.19
CA ARG A 25 -16.77 -0.60 -8.06
C ARG A 25 -18.05 -0.77 -7.25
N SER A 26 -17.98 -0.64 -5.96
CA SER A 26 -19.20 -0.81 -5.12
C SER A 26 -20.10 0.43 -5.28
N GLY A 27 -21.23 0.44 -4.63
CA GLY A 27 -22.15 1.60 -4.75
C GLY A 27 -21.52 2.82 -4.07
N LEU A 28 -21.68 2.94 -2.78
CA LEU A 28 -21.11 4.11 -2.06
C LEU A 28 -19.58 4.09 -2.21
N SER A 29 -18.99 2.94 -2.15
CA SER A 29 -17.51 2.86 -2.27
C SER A 29 -17.10 3.04 -3.73
N ALA A 30 -17.94 3.66 -4.51
CA ALA A 30 -17.62 3.87 -5.95
C ALA A 30 -16.51 4.92 -6.07
N GLY A 31 -15.60 4.75 -6.99
CA GLY A 31 -14.50 5.74 -7.15
C GLY A 31 -13.46 5.53 -6.05
N HIS A 32 -13.78 4.75 -5.05
CA HIS A 32 -12.80 4.50 -3.96
C HIS A 32 -11.73 3.53 -4.43
N ARG A 33 -10.48 3.86 -4.24
CA ARG A 33 -9.39 2.95 -4.68
C ARG A 33 -8.70 2.34 -3.46
N ASP A 34 -8.69 1.05 -3.35
CA ASP A 34 -8.01 0.40 -2.19
C ASP A 34 -6.52 0.25 -2.49
N VAL A 35 -5.69 0.55 -1.53
CA VAL A 35 -4.21 0.45 -1.76
C VAL A 35 -3.65 -0.71 -0.94
N PHE A 36 -2.92 -1.59 -1.56
CA PHE A 36 -2.33 -2.74 -0.81
C PHE A 36 -0.80 -2.65 -0.88
N TYR A 37 -0.12 -3.08 0.15
CA TYR A 37 1.37 -3.02 0.13
C TYR A 37 1.93 -4.43 0.24
N TYR A 38 3.08 -4.67 -0.36
CA TYR A 38 3.67 -6.03 -0.32
C TYR A 38 5.15 -5.94 0.06
N SER A 39 5.64 -6.89 0.80
CA SER A 39 7.09 -6.87 1.18
C SER A 39 7.85 -7.88 0.33
N PRO A 40 9.15 -7.71 0.22
CA PRO A 40 10.02 -8.63 -0.54
C PRO A 40 9.86 -10.09 -0.10
N SER A 41 9.28 -10.31 1.04
CA SER A 41 9.08 -11.71 1.52
C SER A 41 7.78 -12.25 0.94
N GLY A 42 7.06 -11.46 0.20
CA GLY A 42 5.77 -11.93 -0.39
C GLY A 42 4.65 -11.78 0.62
N LYS A 43 4.92 -11.17 1.74
CA LYS A 43 3.86 -10.98 2.77
C LYS A 43 2.92 -9.87 2.33
N LYS A 44 1.66 -10.17 2.17
CA LYS A 44 0.69 -9.12 1.75
C LYS A 44 0.03 -8.51 2.99
N PHE A 45 0.16 -7.22 3.16
CA PHE A 45 -0.49 -6.57 4.34
C PHE A 45 -1.06 -5.21 3.92
N ARG A 46 -2.12 -4.78 4.56
CA ARG A 46 -2.72 -3.46 4.19
C ARG A 46 -2.80 -2.58 5.44
N SER A 47 -3.69 -2.89 6.34
CA SER A 47 -3.83 -2.07 7.57
C SER A 47 -2.52 -1.31 7.82
N LYS A 48 -2.60 -0.03 8.06
CA LYS A 48 -1.37 0.76 8.30
C LYS A 48 -0.72 0.30 9.60
N PRO A 49 -1.51 0.09 10.62
CA PRO A 49 -1.02 -0.37 11.95
C PRO A 49 -0.16 -1.63 11.86
N GLN A 50 -0.65 -2.64 11.19
CA GLN A 50 0.12 -3.90 11.06
C GLN A 50 1.37 -3.65 10.20
N LEU A 51 1.25 -2.78 9.22
CA LEU A 51 2.43 -2.50 8.35
C LEU A 51 3.55 -1.89 9.20
N ALA A 52 3.23 -0.97 10.07
CA ALA A 52 4.27 -0.34 10.92
C ALA A 52 4.79 -1.37 11.92
N ARG A 53 3.92 -2.16 12.48
CA ARG A 53 4.37 -3.18 13.47
C ARG A 53 5.38 -4.12 12.82
N TYR A 54 5.13 -4.55 11.61
CA TYR A 54 6.09 -5.45 10.92
C TYR A 54 7.45 -4.75 10.79
N LEU A 55 7.45 -3.54 10.28
CA LEU A 55 8.73 -2.80 10.15
C LEU A 55 9.39 -2.67 11.52
N GLY A 56 8.63 -2.35 12.53
CA GLY A 56 9.22 -2.23 13.90
C GLY A 56 10.20 -1.06 13.93
N GLY A 57 9.71 0.14 14.10
CA GLY A 57 10.61 1.32 14.17
C GLY A 57 11.66 1.22 13.06
N SER A 58 11.26 1.45 11.83
CA SER A 58 12.24 1.37 10.70
C SER A 58 12.29 2.73 9.99
N MET A 59 11.24 3.49 10.06
CA MET A 59 11.25 4.82 9.39
C MET A 59 10.01 5.61 9.83
N ASP A 60 10.04 6.91 9.69
CA ASP A 60 8.87 7.74 10.09
C ASP A 60 7.81 7.69 9.00
N LEU A 61 6.88 6.77 9.09
CA LEU A 61 5.82 6.67 8.06
C LEU A 61 4.53 7.32 8.58
N SER A 62 4.56 7.83 9.78
CA SER A 62 3.34 8.47 10.35
C SER A 62 2.86 9.57 9.40
N THR A 63 3.76 10.19 8.68
CA THR A 63 3.34 11.25 7.73
C THR A 63 3.11 10.64 6.35
N PHE A 64 3.07 9.34 6.26
CA PHE A 64 2.84 8.68 4.94
C PHE A 64 1.35 8.56 4.68
N ASP A 65 0.91 8.95 3.52
CA ASP A 65 -0.55 8.86 3.20
C ASP A 65 -0.89 7.44 2.75
N PHE A 66 -1.69 6.74 3.50
CA PHE A 66 -2.04 5.34 3.12
C PHE A 66 -3.06 5.37 1.97
N ARG A 67 -4.08 6.18 2.09
CA ARG A 67 -5.11 6.24 1.02
C ARG A 67 -4.44 6.55 -0.32
N THR A 68 -3.50 7.46 -0.33
CA THR A 68 -2.81 7.82 -1.60
C THR A 68 -1.48 7.08 -1.69
N GLY A 69 -1.03 6.52 -0.60
CA GLY A 69 0.27 5.79 -0.61
C GLY A 69 1.39 6.74 -1.02
N LYS A 70 1.37 7.95 -0.52
CA LYS A 70 2.44 8.93 -0.86
C LYS A 70 2.91 9.64 0.40
N MET A 71 4.14 10.11 0.41
CA MET A 71 4.65 10.82 1.61
C MET A 71 4.29 12.31 1.52
N LEU A 72 3.65 12.83 2.54
CA LEU A 72 3.28 14.27 2.51
C LEU A 72 3.67 14.92 3.85
N GLY A 1 -4.86 -6.59 -22.96
CA GLY A 1 -5.65 -6.30 -21.69
C GLY A 1 -5.75 -4.91 -21.18
N SER A 2 -6.72 -4.63 -20.36
CA SER A 2 -6.86 -3.25 -19.81
C SER A 2 -5.78 -3.00 -18.77
N MET A 3 -5.52 -1.76 -18.45
CA MET A 3 -4.47 -1.45 -17.43
C MET A 3 -5.08 -1.58 -16.03
N GLU A 4 -5.50 -2.75 -15.66
CA GLU A 4 -6.08 -2.93 -14.30
C GLU A 4 -4.97 -3.24 -13.30
N ARG A 5 -5.19 -2.94 -12.05
CA ARG A 5 -4.13 -3.22 -11.02
C ARG A 5 -2.82 -2.56 -11.46
N LYS A 6 -2.44 -1.48 -10.82
CA LYS A 6 -1.17 -0.81 -11.19
C LYS A 6 -0.23 -0.77 -9.98
N ARG A 7 0.86 -1.47 -10.05
CA ARG A 7 1.81 -1.48 -8.90
C ARG A 7 2.92 -0.44 -9.13
N TRP A 8 3.01 0.54 -8.27
CA TRP A 8 4.07 1.57 -8.44
C TRP A 8 5.16 1.36 -7.39
N GLU A 9 6.35 1.82 -7.65
CA GLU A 9 7.46 1.64 -6.67
C GLU A 9 7.23 2.55 -5.47
N CYS A 10 7.65 2.14 -4.31
CA CYS A 10 7.47 2.99 -3.10
C CYS A 10 8.80 3.60 -2.68
N PRO A 11 8.99 4.87 -2.95
CA PRO A 11 10.24 5.59 -2.62
C PRO A 11 10.33 5.94 -1.13
N ALA A 12 9.22 5.97 -0.45
CA ALA A 12 9.25 6.29 1.01
C ALA A 12 9.55 5.01 1.80
N LEU A 13 9.06 3.89 1.35
CA LEU A 13 9.32 2.62 2.08
C LEU A 13 10.69 2.07 1.68
N PRO A 14 11.27 1.27 2.53
CA PRO A 14 12.61 0.65 2.28
C PRO A 14 12.67 -0.05 0.91
N GLN A 15 13.78 0.09 0.22
CA GLN A 15 13.90 -0.57 -1.12
C GLN A 15 13.39 -2.02 -1.03
N GLY A 16 12.42 -2.35 -1.84
CA GLY A 16 11.88 -3.74 -1.79
C GLY A 16 10.37 -3.69 -1.53
N TRP A 17 9.88 -2.59 -1.02
CA TRP A 17 8.42 -2.48 -0.75
C TRP A 17 7.73 -1.86 -1.96
N GLU A 18 6.48 -2.19 -2.19
CA GLU A 18 5.75 -1.62 -3.36
C GLU A 18 4.27 -1.48 -3.02
N ARG A 19 3.55 -0.70 -3.77
CA ARG A 19 2.10 -0.53 -3.50
C ARG A 19 1.33 -0.50 -4.83
N GLU A 20 0.13 -1.01 -4.84
CA GLU A 20 -0.65 -1.03 -6.11
C GLU A 20 -2.11 -0.68 -5.81
N GLU A 21 -2.78 -0.01 -6.72
CA GLU A 21 -4.20 0.33 -6.49
C GLU A 21 -5.09 -0.61 -7.33
N VAL A 22 -6.19 -1.05 -6.76
CA VAL A 22 -7.08 -1.97 -7.52
C VAL A 22 -8.55 -1.62 -7.23
N PRO A 23 -9.30 -1.35 -8.25
CA PRO A 23 -10.75 -1.01 -8.13
C PRO A 23 -11.61 -2.24 -7.84
N ARG A 24 -12.52 -2.14 -6.92
CA ARG A 24 -13.38 -3.31 -6.60
C ARG A 24 -14.26 -3.65 -7.80
N ARG A 25 -14.54 -4.91 -8.00
CA ARG A 25 -15.37 -5.29 -9.17
C ARG A 25 -16.42 -6.33 -8.74
N SER A 26 -16.10 -7.13 -7.75
CA SER A 26 -17.08 -8.15 -7.27
C SER A 26 -17.19 -8.08 -5.76
N GLY A 27 -18.08 -7.25 -5.26
CA GLY A 27 -18.25 -7.13 -3.78
C GLY A 27 -19.37 -6.15 -3.48
N LEU A 28 -19.92 -6.20 -2.29
CA LEU A 28 -21.03 -5.27 -1.93
C LEU A 28 -20.49 -3.83 -1.92
N SER A 29 -19.33 -3.62 -1.37
CA SER A 29 -18.76 -2.25 -1.34
C SER A 29 -18.35 -1.83 -2.75
N ALA A 30 -18.66 -2.62 -3.74
CA ALA A 30 -18.31 -2.27 -5.13
C ALA A 30 -18.41 -0.75 -5.31
N GLY A 31 -17.69 -0.20 -6.25
CA GLY A 31 -17.74 1.26 -6.46
C GLY A 31 -16.51 1.92 -5.82
N HIS A 32 -16.09 1.43 -4.68
CA HIS A 32 -14.90 2.02 -4.02
C HIS A 32 -13.64 1.30 -4.51
N ARG A 33 -12.50 1.86 -4.24
CA ARG A 33 -11.23 1.20 -4.68
C ARG A 33 -10.39 0.84 -3.46
N ASP A 34 -9.84 -0.34 -3.44
CA ASP A 34 -9.02 -0.77 -2.26
C ASP A 34 -7.55 -0.75 -2.64
N VAL A 35 -6.70 -0.33 -1.73
CA VAL A 35 -5.24 -0.30 -2.04
C VAL A 35 -4.53 -1.39 -1.24
N PHE A 36 -3.63 -2.11 -1.86
CA PHE A 36 -2.91 -3.19 -1.13
C PHE A 36 -1.40 -2.93 -1.20
N TYR A 37 -0.70 -3.25 -0.15
CA TYR A 37 0.78 -3.03 -0.16
C TYR A 37 1.50 -4.37 -0.07
N TYR A 38 2.65 -4.48 -0.66
CA TYR A 38 3.40 -5.77 -0.62
C TYR A 38 4.83 -5.51 -0.12
N SER A 39 5.34 -6.39 0.68
CA SER A 39 6.73 -6.20 1.19
C SER A 39 7.70 -7.05 0.36
N PRO A 40 8.97 -6.96 0.65
CA PRO A 40 10.02 -7.72 -0.07
C PRO A 40 9.75 -9.23 -0.09
N SER A 41 9.17 -9.75 0.96
CA SER A 41 8.89 -11.21 1.00
C SER A 41 7.53 -11.48 0.34
N GLY A 42 6.89 -10.45 -0.15
CA GLY A 42 5.56 -10.65 -0.80
C GLY A 42 4.46 -10.62 0.26
N LYS A 43 4.76 -10.14 1.43
CA LYS A 43 3.73 -10.10 2.50
C LYS A 43 2.63 -9.11 2.11
N LYS A 44 1.41 -9.55 2.03
CA LYS A 44 0.30 -8.63 1.67
C LYS A 44 -0.33 -8.07 2.93
N PHE A 45 -0.40 -6.76 3.04
CA PHE A 45 -1.01 -6.15 4.26
C PHE A 45 -1.86 -4.95 3.86
N ARG A 46 -2.94 -4.70 4.56
CA ARG A 46 -3.79 -3.53 4.22
C ARG A 46 -4.20 -2.81 5.50
N SER A 47 -3.25 -2.35 6.26
CA SER A 47 -3.58 -1.63 7.52
C SER A 47 -2.46 -0.64 7.86
N LYS A 48 -2.81 0.55 8.28
CA LYS A 48 -1.76 1.55 8.61
C LYS A 48 -0.97 1.08 9.84
N PRO A 49 -1.66 0.63 10.85
CA PRO A 49 -1.03 0.16 12.12
C PRO A 49 0.01 -0.95 11.87
N GLN A 50 -0.35 -1.95 11.12
CA GLN A 50 0.61 -3.05 10.85
C GLN A 50 1.79 -2.52 10.03
N LEU A 51 1.53 -1.62 9.12
CA LEU A 51 2.63 -1.09 8.28
C LEU A 51 3.60 -0.29 9.15
N ALA A 52 3.08 0.58 9.99
CA ALA A 52 3.97 1.40 10.85
C ALA A 52 4.66 0.49 11.87
N ARG A 53 3.93 -0.40 12.49
CA ARG A 53 4.55 -1.31 13.49
C ARG A 53 5.63 -2.15 12.82
N TYR A 54 5.35 -2.69 11.67
CA TYR A 54 6.36 -3.55 10.98
C TYR A 54 7.58 -2.70 10.63
N LEU A 55 7.38 -1.59 9.96
CA LEU A 55 8.54 -0.72 9.59
C LEU A 55 8.81 0.28 10.72
N GLY A 56 8.10 0.16 11.82
CA GLY A 56 8.32 1.10 12.95
C GLY A 56 9.74 0.95 13.47
N GLY A 57 10.23 -0.26 13.54
CA GLY A 57 11.62 -0.47 14.05
C GLY A 57 12.62 -0.25 12.92
N SER A 58 12.15 0.13 11.76
CA SER A 58 13.08 0.35 10.62
C SER A 58 12.97 1.81 10.16
N MET A 59 11.87 2.45 10.43
CA MET A 59 11.70 3.87 10.00
C MET A 59 10.36 4.41 10.53
N ASP A 60 10.15 5.69 10.43
CA ASP A 60 8.88 6.28 10.92
C ASP A 60 7.91 6.43 9.74
N LEU A 61 6.82 5.71 9.74
CA LEU A 61 5.86 5.81 8.61
C LEU A 61 4.71 6.75 9.00
N SER A 62 4.80 7.36 10.16
CA SER A 62 3.72 8.28 10.59
C SER A 62 3.54 9.39 9.56
N THR A 63 4.62 9.87 9.00
CA THR A 63 4.52 10.95 7.98
C THR A 63 4.32 10.33 6.60
N PHE A 64 4.15 9.03 6.53
CA PHE A 64 3.96 8.37 5.21
C PHE A 64 2.46 8.28 4.90
N ASP A 65 2.04 8.83 3.79
CA ASP A 65 0.59 8.78 3.43
C ASP A 65 0.24 7.38 2.95
N PHE A 66 -0.58 6.67 3.67
CA PHE A 66 -0.95 5.29 3.25
C PHE A 66 -1.99 5.35 2.12
N ARG A 67 -2.93 6.25 2.22
CA ARG A 67 -3.97 6.36 1.16
C ARG A 67 -3.30 6.72 -0.17
N THR A 68 -2.40 7.66 -0.15
CA THR A 68 -1.72 8.07 -1.41
C THR A 68 -0.40 7.31 -1.55
N GLY A 69 0.07 6.72 -0.48
CA GLY A 69 1.36 5.97 -0.55
C GLY A 69 2.50 6.94 -0.87
N LYS A 70 2.52 8.08 -0.23
CA LYS A 70 3.60 9.07 -0.52
C LYS A 70 4.03 9.75 0.79
N MET A 71 5.21 10.31 0.82
CA MET A 71 5.67 10.99 2.06
C MET A 71 5.05 12.38 2.14
N LEU A 72 4.59 12.78 3.30
CA LEU A 72 3.97 14.12 3.44
C LEU A 72 5.06 15.18 3.55
N GLY A 1 -4.76 -4.34 -21.28
CA GLY A 1 -5.41 -3.02 -20.88
C GLY A 1 -6.74 -3.01 -20.23
N SER A 2 -7.51 -4.06 -20.41
CA SER A 2 -8.86 -4.11 -19.78
C SER A 2 -8.71 -4.08 -18.26
N MET A 3 -7.78 -4.84 -17.73
CA MET A 3 -7.59 -4.86 -16.25
C MET A 3 -6.12 -4.62 -15.92
N GLU A 4 -5.67 -3.39 -15.94
CA GLU A 4 -4.25 -3.10 -15.62
C GLU A 4 -4.13 -2.71 -14.15
N ARG A 5 -3.19 -3.29 -13.45
CA ARG A 5 -3.02 -2.95 -12.00
C ARG A 5 -2.06 -1.76 -11.87
N LYS A 6 -2.46 -0.75 -11.15
CA LYS A 6 -1.56 0.43 -10.97
C LYS A 6 -0.41 0.07 -10.02
N ARG A 7 0.70 0.73 -10.15
CA ARG A 7 1.86 0.41 -9.26
C ARG A 7 2.69 1.67 -9.03
N TRP A 8 3.18 1.86 -7.84
CA TRP A 8 3.98 3.07 -7.55
C TRP A 8 5.05 2.74 -6.50
N GLU A 9 6.28 3.07 -6.76
CA GLU A 9 7.36 2.78 -5.77
C GLU A 9 7.68 4.05 -4.98
N CYS A 10 7.66 3.97 -3.68
CA CYS A 10 7.95 5.18 -2.86
C CYS A 10 9.37 5.08 -2.28
N PRO A 11 10.12 6.14 -2.37
CA PRO A 11 11.52 6.19 -1.87
C PRO A 11 11.59 6.12 -0.33
N ALA A 12 10.49 6.33 0.32
CA ALA A 12 10.49 6.29 1.81
C ALA A 12 10.71 4.84 2.28
N LEU A 13 10.21 3.89 1.55
CA LEU A 13 10.39 2.47 1.95
C LEU A 13 11.66 1.92 1.29
N PRO A 14 12.30 0.97 1.93
CA PRO A 14 13.54 0.35 1.41
C PRO A 14 13.30 -0.42 0.10
N GLN A 15 14.33 -0.61 -0.68
CA GLN A 15 14.17 -1.33 -1.97
C GLN A 15 13.48 -2.68 -1.71
N GLY A 16 12.42 -2.97 -2.42
CA GLY A 16 11.73 -4.27 -2.21
C GLY A 16 10.26 -4.01 -1.90
N TRP A 17 9.94 -2.85 -1.40
CA TRP A 17 8.51 -2.54 -1.08
C TRP A 17 7.83 -1.96 -2.32
N GLU A 18 6.58 -2.28 -2.51
CA GLU A 18 5.85 -1.76 -3.70
C GLU A 18 4.40 -1.47 -3.34
N ARG A 19 3.76 -0.61 -4.07
CA ARG A 19 2.33 -0.28 -3.78
C ARG A 19 1.51 -0.41 -5.06
N GLU A 20 0.41 -1.14 -5.00
CA GLU A 20 -0.42 -1.31 -6.22
C GLU A 20 -1.89 -1.09 -5.86
N GLU A 21 -2.64 -0.45 -6.72
CA GLU A 21 -4.09 -0.25 -6.43
C GLU A 21 -4.91 -1.19 -7.30
N VAL A 22 -6.05 -1.62 -6.83
CA VAL A 22 -6.90 -2.55 -7.63
C VAL A 22 -8.37 -2.26 -7.37
N PRO A 23 -9.12 -2.01 -8.41
CA PRO A 23 -10.58 -1.73 -8.31
C PRO A 23 -11.39 -2.99 -8.04
N ARG A 24 -12.34 -2.92 -7.15
CA ARG A 24 -13.18 -4.12 -6.85
C ARG A 24 -13.95 -4.53 -8.11
N ARG A 25 -14.18 -5.80 -8.29
CA ARG A 25 -14.93 -6.26 -9.49
C ARG A 25 -15.98 -7.30 -9.07
N SER A 26 -15.67 -8.10 -8.08
CA SER A 26 -16.65 -9.13 -7.64
C SER A 26 -16.71 -9.15 -6.11
N GLY A 27 -17.74 -8.60 -5.53
CA GLY A 27 -17.86 -8.60 -4.05
C GLY A 27 -19.07 -7.76 -3.64
N LEU A 28 -19.41 -7.77 -2.38
CA LEU A 28 -20.58 -6.97 -1.91
C LEU A 28 -20.30 -5.48 -2.14
N SER A 29 -19.10 -5.04 -1.83
CA SER A 29 -18.78 -3.60 -2.02
C SER A 29 -18.36 -3.35 -3.47
N ALA A 30 -18.56 -4.32 -4.32
CA ALA A 30 -18.18 -4.13 -5.75
C ALA A 30 -18.51 -2.70 -6.19
N GLY A 31 -17.57 -2.04 -6.82
CA GLY A 31 -17.83 -0.64 -7.26
C GLY A 31 -16.78 0.29 -6.65
N HIS A 32 -16.43 0.08 -5.41
CA HIS A 32 -15.39 0.94 -4.78
C HIS A 32 -14.00 0.46 -5.17
N ARG A 33 -12.98 1.17 -4.77
CA ARG A 33 -11.60 0.75 -5.13
C ARG A 33 -10.80 0.48 -3.85
N ASP A 34 -10.05 -0.58 -3.82
CA ASP A 34 -9.26 -0.90 -2.60
C ASP A 34 -7.76 -0.86 -2.93
N VAL A 35 -6.96 -0.34 -2.04
CA VAL A 35 -5.50 -0.28 -2.31
C VAL A 35 -4.77 -1.35 -1.50
N PHE A 36 -3.90 -2.09 -2.11
CA PHE A 36 -3.16 -3.15 -1.37
C PHE A 36 -1.67 -2.88 -1.44
N TYR A 37 -0.94 -3.15 -0.39
CA TYR A 37 0.53 -2.89 -0.41
C TYR A 37 1.27 -4.21 -0.20
N TYR A 38 2.42 -4.36 -0.80
CA TYR A 38 3.19 -5.63 -0.64
C TYR A 38 4.62 -5.31 -0.20
N SER A 39 5.16 -6.07 0.71
CA SER A 39 6.55 -5.82 1.16
C SER A 39 7.50 -6.80 0.47
N PRO A 40 8.76 -6.70 0.76
CA PRO A 40 9.81 -7.58 0.15
C PRO A 40 9.51 -9.07 0.40
N SER A 41 8.92 -9.39 1.51
CA SER A 41 8.62 -10.81 1.80
C SER A 41 7.26 -11.18 1.20
N GLY A 42 6.66 -10.29 0.48
CA GLY A 42 5.34 -10.59 -0.15
C GLY A 42 4.23 -10.38 0.89
N LYS A 43 4.56 -9.81 2.02
CA LYS A 43 3.53 -9.58 3.08
C LYS A 43 2.47 -8.63 2.54
N LYS A 44 1.24 -9.07 2.48
CA LYS A 44 0.14 -8.18 1.98
C LYS A 44 -0.55 -7.53 3.17
N PHE A 45 -0.60 -6.22 3.21
CA PHE A 45 -1.27 -5.53 4.35
C PHE A 45 -2.04 -4.31 3.82
N ARG A 46 -3.15 -3.99 4.43
CA ARG A 46 -3.93 -2.81 3.96
C ARG A 46 -4.26 -1.92 5.16
N SER A 47 -3.27 -1.49 5.88
CA SER A 47 -3.53 -0.62 7.08
C SER A 47 -2.26 0.15 7.43
N LYS A 48 -2.40 1.34 7.92
CA LYS A 48 -1.20 2.15 8.29
C LYS A 48 -0.52 1.52 9.50
N PRO A 49 -1.29 1.12 10.47
CA PRO A 49 -0.76 0.48 11.72
C PRO A 49 0.13 -0.72 11.43
N GLN A 50 -0.29 -1.57 10.53
CA GLN A 50 0.54 -2.77 10.19
C GLN A 50 1.77 -2.32 9.39
N LEU A 51 1.61 -1.33 8.55
CA LEU A 51 2.78 -0.86 7.75
C LEU A 51 3.83 -0.28 8.68
N ALA A 52 3.44 0.55 9.61
CA ALA A 52 4.42 1.15 10.55
C ALA A 52 5.00 0.04 11.44
N ARG A 53 4.18 -0.85 11.91
CA ARG A 53 4.68 -1.94 12.77
C ARG A 53 5.78 -2.71 12.05
N TYR A 54 5.58 -3.03 10.81
CA TYR A 54 6.63 -3.75 10.04
C TYR A 54 7.85 -2.86 9.86
N LEU A 55 7.65 -1.65 9.41
CA LEU A 55 8.80 -0.72 9.22
C LEU A 55 9.33 -0.28 10.59
N GLY A 56 8.69 -0.71 11.64
CA GLY A 56 9.16 -0.32 13.01
C GLY A 56 10.66 -0.62 13.13
N GLY A 57 11.31 -0.02 14.10
CA GLY A 57 12.77 -0.26 14.27
C GLY A 57 13.51 0.15 13.00
N SER A 58 13.20 -0.46 11.88
CA SER A 58 13.90 -0.12 10.62
C SER A 58 13.65 1.35 10.28
N MET A 59 12.53 1.88 10.69
CA MET A 59 12.22 3.30 10.38
C MET A 59 10.76 3.60 10.73
N ASP A 60 10.53 4.61 11.51
CA ASP A 60 9.12 4.96 11.87
C ASP A 60 8.40 5.53 10.66
N LEU A 61 7.11 5.37 10.58
CA LEU A 61 6.36 5.88 9.41
C LEU A 61 5.12 6.64 9.88
N SER A 62 5.15 7.15 11.08
CA SER A 62 3.97 7.89 11.61
C SER A 62 3.56 8.97 10.62
N THR A 63 4.50 9.54 9.92
CA THR A 63 4.17 10.60 8.93
C THR A 63 4.01 9.98 7.54
N PHE A 64 3.50 8.78 7.47
CA PHE A 64 3.32 8.12 6.15
C PHE A 64 1.86 8.29 5.69
N ASP A 65 1.66 8.76 4.49
CA ASP A 65 0.27 8.93 3.98
C ASP A 65 -0.27 7.60 3.47
N PHE A 66 -1.26 7.07 4.13
CA PHE A 66 -1.83 5.75 3.68
C PHE A 66 -2.69 5.96 2.43
N ARG A 67 -3.47 7.01 2.42
CA ARG A 67 -4.36 7.25 1.24
C ARG A 67 -3.50 7.48 -0.01
N THR A 68 -2.38 8.13 0.13
CA THR A 68 -1.52 8.38 -1.04
C THR A 68 -0.44 7.30 -1.13
N GLY A 69 -0.23 6.56 -0.09
CA GLY A 69 0.80 5.49 -0.11
C GLY A 69 2.19 6.12 -0.28
N LYS A 70 2.41 7.26 0.30
CA LYS A 70 3.73 7.93 0.17
C LYS A 70 4.08 8.66 1.46
N MET A 71 5.33 9.00 1.65
CA MET A 71 5.72 9.71 2.89
C MET A 71 5.39 11.21 2.75
N LEU A 72 4.69 11.76 3.71
CA LEU A 72 4.34 13.21 3.63
C LEU A 72 3.77 13.51 2.25
N GLY A 1 -3.54 -3.75 -24.71
CA GLY A 1 -4.39 -4.52 -23.69
C GLY A 1 -4.79 -3.85 -22.42
N SER A 2 -4.20 -2.73 -22.12
CA SER A 2 -4.56 -2.02 -20.86
C SER A 2 -4.50 -2.99 -19.69
N MET A 3 -3.39 -3.06 -19.02
CA MET A 3 -3.27 -3.99 -17.86
C MET A 3 -3.86 -3.32 -16.61
N GLU A 4 -4.69 -4.02 -15.90
CA GLU A 4 -5.29 -3.43 -14.67
C GLU A 4 -4.28 -3.52 -13.52
N ARG A 5 -4.71 -3.21 -12.32
CA ARG A 5 -3.77 -3.28 -11.16
C ARG A 5 -2.55 -2.40 -11.45
N LYS A 6 -2.41 -1.32 -10.75
CA LYS A 6 -1.24 -0.43 -10.98
C LYS A 6 -0.28 -0.51 -9.78
N ARG A 7 0.77 -1.26 -9.91
CA ARG A 7 1.74 -1.39 -8.79
C ARG A 7 2.92 -0.44 -9.00
N TRP A 8 3.12 0.49 -8.11
CA TRP A 8 4.26 1.44 -8.27
C TRP A 8 5.02 1.55 -6.94
N GLU A 9 6.28 1.84 -6.99
CA GLU A 9 7.07 1.96 -5.74
C GLU A 9 7.03 3.41 -5.25
N CYS A 10 6.95 3.62 -3.96
CA CYS A 10 6.92 5.00 -3.43
C CYS A 10 8.25 5.32 -2.73
N PRO A 11 8.55 6.58 -2.58
CA PRO A 11 9.81 7.03 -1.92
C PRO A 11 9.86 6.64 -0.43
N ALA A 12 8.72 6.37 0.15
CA ALA A 12 8.71 5.98 1.59
C ALA A 12 8.76 4.46 1.70
N LEU A 13 8.70 3.77 0.59
CA LEU A 13 8.74 2.27 0.65
C LEU A 13 10.17 1.80 0.35
N PRO A 14 10.81 1.21 1.31
CA PRO A 14 12.20 0.70 1.17
C PRO A 14 12.35 -0.20 -0.06
N GLN A 15 13.55 -0.31 -0.58
CA GLN A 15 13.76 -1.17 -1.78
C GLN A 15 13.14 -2.55 -1.54
N GLY A 16 12.04 -2.83 -2.18
CA GLY A 16 11.39 -4.16 -2.01
C GLY A 16 9.93 -3.97 -1.59
N TRP A 17 9.62 -2.86 -0.98
CA TRP A 17 8.20 -2.60 -0.58
C TRP A 17 7.50 -1.82 -1.69
N GLU A 18 6.27 -2.15 -1.97
CA GLU A 18 5.54 -1.46 -3.07
C GLU A 18 4.03 -1.48 -2.76
N ARG A 19 3.27 -0.68 -3.47
CA ARG A 19 1.80 -0.67 -3.24
C ARG A 19 1.08 -0.53 -4.59
N GLU A 20 -0.06 -1.14 -4.73
CA GLU A 20 -0.81 -1.06 -6.02
C GLU A 20 -2.27 -0.74 -5.75
N GLU A 21 -2.89 0.00 -6.61
CA GLU A 21 -4.33 0.33 -6.42
C GLU A 21 -5.19 -0.59 -7.30
N VAL A 22 -6.26 -1.11 -6.78
CA VAL A 22 -7.11 -2.03 -7.58
C VAL A 22 -8.59 -1.66 -7.38
N PRO A 23 -9.32 -1.59 -8.46
CA PRO A 23 -10.78 -1.28 -8.42
C PRO A 23 -11.53 -2.17 -7.42
N ARG A 24 -12.59 -1.67 -6.86
CA ARG A 24 -13.37 -2.47 -5.87
C ARG A 24 -13.81 -3.79 -6.52
N ARG A 25 -13.00 -4.81 -6.42
CA ARG A 25 -13.38 -6.12 -7.00
C ARG A 25 -14.73 -6.57 -6.43
N SER A 26 -14.74 -7.03 -5.21
CA SER A 26 -16.01 -7.47 -4.58
C SER A 26 -15.84 -7.53 -3.06
N GLY A 27 -15.49 -6.43 -2.45
CA GLY A 27 -15.32 -6.43 -0.97
C GLY A 27 -16.64 -6.02 -0.30
N LEU A 28 -16.71 -6.10 1.00
CA LEU A 28 -17.96 -5.71 1.70
C LEU A 28 -18.20 -4.21 1.54
N SER A 29 -17.17 -3.42 1.63
CA SER A 29 -17.33 -1.95 1.47
C SER A 29 -16.99 -1.53 0.05
N ALA A 30 -17.04 -2.46 -0.88
CA ALA A 30 -16.72 -2.12 -2.29
C ALA A 30 -17.39 -0.80 -2.66
N GLY A 31 -17.07 -0.26 -3.80
CA GLY A 31 -17.68 1.04 -4.21
C GLY A 31 -16.58 2.05 -4.52
N HIS A 32 -15.37 1.78 -4.08
CA HIS A 32 -14.25 2.72 -4.35
C HIS A 32 -13.04 1.93 -4.87
N ARG A 33 -11.86 2.37 -4.53
CA ARG A 33 -10.64 1.64 -4.99
C ARG A 33 -9.88 1.11 -3.78
N ASP A 34 -9.45 -0.12 -3.83
CA ASP A 34 -8.70 -0.69 -2.67
C ASP A 34 -7.21 -0.73 -3.00
N VAL A 35 -6.38 -0.44 -2.03
CA VAL A 35 -4.91 -0.44 -2.27
C VAL A 35 -4.25 -1.47 -1.36
N PHE A 36 -3.39 -2.30 -1.89
CA PHE A 36 -2.72 -3.32 -1.05
C PHE A 36 -1.21 -3.06 -1.03
N TYR A 37 -0.55 -3.43 0.03
CA TYR A 37 0.93 -3.21 0.10
C TYR A 37 1.64 -4.55 0.09
N TYR A 38 2.81 -4.61 -0.48
CA TYR A 38 3.56 -5.90 -0.54
C TYR A 38 4.96 -5.70 0.04
N SER A 39 5.44 -6.64 0.79
CA SER A 39 6.80 -6.51 1.37
C SER A 39 7.78 -7.38 0.57
N PRO A 40 9.04 -7.30 0.88
CA PRO A 40 10.11 -8.09 0.20
C PRO A 40 9.79 -9.59 0.18
N SER A 41 9.21 -10.09 1.23
CA SER A 41 8.88 -11.54 1.27
C SER A 41 7.57 -11.80 0.53
N GLY A 42 6.95 -10.77 0.02
CA GLY A 42 5.67 -10.96 -0.72
C GLY A 42 4.50 -10.91 0.26
N LYS A 43 4.76 -10.49 1.48
CA LYS A 43 3.65 -10.43 2.48
C LYS A 43 2.70 -9.30 2.10
N LYS A 44 1.46 -9.63 1.80
CA LYS A 44 0.47 -8.57 1.44
C LYS A 44 -0.32 -8.19 2.70
N PHE A 45 -0.47 -6.92 2.95
CA PHE A 45 -1.24 -6.48 4.15
C PHE A 45 -2.06 -5.23 3.81
N ARG A 46 -3.16 -5.04 4.48
CA ARG A 46 -4.01 -3.84 4.20
C ARG A 46 -4.23 -3.07 5.50
N SER A 47 -3.19 -2.56 6.09
CA SER A 47 -3.35 -1.79 7.35
C SER A 47 -2.25 -0.74 7.46
N LYS A 48 -2.60 0.50 7.65
CA LYS A 48 -1.57 1.56 7.74
C LYS A 48 -0.73 1.34 9.00
N PRO A 49 -1.36 1.22 10.13
CA PRO A 49 -0.68 0.98 11.43
C PRO A 49 0.20 -0.27 11.40
N GLN A 50 -0.26 -1.31 10.75
CA GLN A 50 0.55 -2.55 10.67
C GLN A 50 1.82 -2.27 9.86
N LEU A 51 1.73 -1.44 8.86
CA LEU A 51 2.94 -1.13 8.05
C LEU A 51 3.93 -0.32 8.90
N ALA A 52 3.45 0.63 9.65
CA ALA A 52 4.37 1.44 10.50
C ALA A 52 5.07 0.54 11.52
N ARG A 53 4.34 -0.38 12.09
CA ARG A 53 4.97 -1.29 13.09
C ARG A 53 6.12 -2.06 12.44
N TYR A 54 5.88 -2.64 11.29
CA TYR A 54 6.96 -3.40 10.60
C TYR A 54 8.08 -2.44 10.22
N LEU A 55 7.76 -1.34 9.61
CA LEU A 55 8.82 -0.35 9.22
C LEU A 55 9.19 0.50 10.43
N GLY A 56 8.55 0.27 11.55
CA GLY A 56 8.87 1.08 12.76
C GLY A 56 10.32 0.86 13.17
N GLY A 57 10.83 -0.33 12.98
CA GLY A 57 12.24 -0.62 13.37
C GLY A 57 13.16 -0.29 12.19
N SER A 58 12.61 0.09 11.07
CA SER A 58 13.46 0.42 9.90
C SER A 58 13.38 1.91 9.59
N MET A 59 12.26 2.53 9.90
CA MET A 59 12.12 3.99 9.62
C MET A 59 10.79 4.48 10.18
N ASP A 60 10.61 5.78 10.26
CA ASP A 60 9.33 6.32 10.80
C ASP A 60 8.36 6.56 9.65
N LEU A 61 7.29 5.83 9.59
CA LEU A 61 6.30 6.03 8.49
C LEU A 61 5.01 6.61 9.05
N SER A 62 5.01 7.01 10.29
CA SER A 62 3.78 7.58 10.90
C SER A 62 3.30 8.76 10.05
N THR A 63 4.21 9.50 9.49
CA THR A 63 3.79 10.67 8.65
C THR A 63 3.65 10.23 7.20
N PHE A 64 3.41 8.97 6.97
CA PHE A 64 3.27 8.48 5.57
C PHE A 64 1.81 8.54 5.15
N ASP A 65 1.52 9.19 4.05
CA ASP A 65 0.10 9.28 3.59
C ASP A 65 -0.33 7.95 2.97
N PHE A 66 -1.22 7.25 3.61
CA PHE A 66 -1.67 5.94 3.08
C PHE A 66 -2.59 6.17 1.88
N ARG A 67 -3.51 7.09 1.99
CA ARG A 67 -4.45 7.34 0.86
C ARG A 67 -3.67 7.86 -0.35
N THR A 68 -2.67 8.67 -0.12
CA THR A 68 -1.89 9.22 -1.26
C THR A 68 -0.59 8.42 -1.42
N GLY A 69 -0.24 7.64 -0.43
CA GLY A 69 1.01 6.83 -0.53
C GLY A 69 2.22 7.77 -0.66
N LYS A 70 2.21 8.86 0.05
CA LYS A 70 3.34 9.82 -0.05
C LYS A 70 3.78 10.24 1.36
N MET A 71 5.04 10.58 1.53
CA MET A 71 5.52 11.00 2.88
C MET A 71 5.49 12.52 2.97
N LEU A 72 4.82 13.06 3.95
CA LEU A 72 4.75 14.54 4.09
C LEU A 72 4.19 14.89 5.47
N GLY A 1 -13.17 -4.77 -18.21
CA GLY A 1 -12.14 -5.85 -18.50
C GLY A 1 -10.78 -5.46 -18.98
N SER A 2 -9.87 -6.39 -19.08
CA SER A 2 -8.50 -6.06 -19.54
C SER A 2 -8.06 -4.74 -18.91
N MET A 3 -8.45 -4.49 -17.68
CA MET A 3 -8.05 -3.22 -17.02
C MET A 3 -6.65 -3.38 -16.43
N GLU A 4 -5.85 -2.35 -16.49
CA GLU A 4 -4.48 -2.44 -15.93
C GLU A 4 -4.47 -1.87 -14.51
N ARG A 5 -3.96 -2.63 -13.56
CA ARG A 5 -3.93 -2.12 -12.15
C ARG A 5 -2.81 -1.09 -12.01
N LYS A 6 -3.03 -0.07 -11.22
CA LYS A 6 -1.98 0.98 -11.04
C LYS A 6 -0.84 0.40 -10.20
N ARG A 7 0.34 0.94 -10.36
CA ARG A 7 1.50 0.42 -9.57
C ARG A 7 2.53 1.54 -9.39
N TRP A 8 3.19 1.57 -8.26
CA TRP A 8 4.20 2.64 -8.02
C TRP A 8 5.06 2.27 -6.81
N GLU A 9 6.34 2.52 -6.89
CA GLU A 9 7.23 2.20 -5.73
C GLU A 9 7.62 3.50 -5.02
N CYS A 10 7.25 3.64 -3.78
CA CYS A 10 7.58 4.90 -3.04
C CYS A 10 8.90 4.71 -2.30
N PRO A 11 9.75 5.71 -2.34
CA PRO A 11 11.08 5.67 -1.65
C PRO A 11 10.95 5.72 -0.13
N ALA A 12 9.80 6.11 0.36
CA ALA A 12 9.61 6.18 1.85
C ALA A 12 9.81 4.79 2.44
N LEU A 13 9.47 3.76 1.71
CA LEU A 13 9.64 2.38 2.24
C LEU A 13 10.97 1.80 1.76
N PRO A 14 11.53 0.88 2.49
CA PRO A 14 12.82 0.23 2.15
C PRO A 14 12.80 -0.39 0.74
N GLN A 15 13.89 -0.32 0.04
CA GLN A 15 13.93 -0.92 -1.33
C GLN A 15 13.36 -2.33 -1.30
N GLY A 16 12.44 -2.63 -2.17
CA GLY A 16 11.83 -3.99 -2.19
C GLY A 16 10.34 -3.89 -1.89
N TRP A 17 9.91 -2.80 -1.30
CA TRP A 17 8.46 -2.66 -0.98
C TRP A 17 7.73 -2.10 -2.21
N GLU A 18 6.51 -2.53 -2.43
CA GLU A 18 5.74 -2.03 -3.61
C GLU A 18 4.27 -1.92 -3.24
N ARG A 19 3.54 -1.09 -3.94
CA ARG A 19 2.08 -0.95 -3.64
C ARG A 19 1.32 -0.65 -4.93
N GLU A 20 0.07 -1.03 -4.99
CA GLU A 20 -0.71 -0.78 -6.23
C GLU A 20 -2.20 -0.60 -5.87
N GLU A 21 -2.91 0.16 -6.65
CA GLU A 21 -4.36 0.36 -6.37
C GLU A 21 -5.19 -0.61 -7.21
N VAL A 22 -6.29 -1.08 -6.69
CA VAL A 22 -7.12 -2.05 -7.45
C VAL A 22 -8.60 -1.79 -7.17
N PRO A 23 -9.36 -1.54 -8.20
CA PRO A 23 -10.84 -1.28 -8.07
C PRO A 23 -11.62 -2.57 -7.82
N ARG A 24 -12.57 -2.53 -6.92
CA ARG A 24 -13.36 -3.74 -6.63
C ARG A 24 -14.18 -4.13 -7.86
N ARG A 25 -14.43 -5.40 -8.06
CA ARG A 25 -15.20 -5.84 -9.25
C ARG A 25 -16.29 -6.83 -8.82
N SER A 26 -16.06 -7.54 -7.76
CA SER A 26 -17.09 -8.52 -7.29
C SER A 26 -17.19 -8.45 -5.76
N GLY A 27 -18.14 -7.72 -5.26
CA GLY A 27 -18.29 -7.61 -3.78
C GLY A 27 -19.41 -6.62 -3.45
N LEU A 28 -19.87 -6.62 -2.22
CA LEU A 28 -20.97 -5.69 -1.85
C LEU A 28 -20.45 -4.24 -1.88
N SER A 29 -19.29 -4.01 -1.33
CA SER A 29 -18.73 -2.63 -1.34
C SER A 29 -18.29 -2.26 -2.76
N ALA A 30 -18.54 -3.12 -3.71
CA ALA A 30 -18.14 -2.81 -5.11
C ALA A 30 -18.30 -1.31 -5.36
N GLY A 31 -17.53 -0.77 -6.28
CA GLY A 31 -17.64 0.69 -6.56
C GLY A 31 -16.47 1.42 -5.90
N HIS A 32 -16.05 0.98 -4.74
CA HIS A 32 -14.92 1.65 -4.04
C HIS A 32 -13.60 1.03 -4.53
N ARG A 33 -12.50 1.64 -4.20
CA ARG A 33 -11.18 1.08 -4.64
C ARG A 33 -10.33 0.78 -3.41
N ASP A 34 -9.63 -0.32 -3.42
CA ASP A 34 -8.78 -0.67 -2.25
C ASP A 34 -7.32 -0.77 -2.69
N VAL A 35 -6.41 -0.32 -1.86
CA VAL A 35 -4.97 -0.39 -2.24
C VAL A 35 -4.26 -1.42 -1.36
N PHE A 36 -3.35 -2.18 -1.92
CA PHE A 36 -2.65 -3.21 -1.13
C PHE A 36 -1.13 -2.96 -1.19
N TYR A 37 -0.42 -3.32 -0.16
CA TYR A 37 1.05 -3.10 -0.17
C TYR A 37 1.77 -4.45 -0.11
N TYR A 38 2.89 -4.56 -0.77
CA TYR A 38 3.64 -5.86 -0.76
C TYR A 38 5.03 -5.65 -0.17
N SER A 39 5.46 -6.52 0.71
CA SER A 39 6.82 -6.37 1.30
C SER A 39 7.80 -7.27 0.55
N PRO A 40 9.04 -7.26 0.97
CA PRO A 40 10.10 -8.08 0.33
C PRO A 40 9.76 -9.57 0.33
N SER A 41 9.00 -10.03 1.29
CA SER A 41 8.62 -11.47 1.33
C SER A 41 7.31 -11.68 0.58
N GLY A 42 6.77 -10.63 0.00
CA GLY A 42 5.49 -10.79 -0.75
C GLY A 42 4.31 -10.71 0.22
N LYS A 43 4.56 -10.25 1.42
CA LYS A 43 3.45 -10.16 2.42
C LYS A 43 2.50 -9.03 2.01
N LYS A 44 1.23 -9.33 1.87
CA LYS A 44 0.25 -8.28 1.48
C LYS A 44 -0.42 -7.73 2.75
N PHE A 45 -0.44 -6.44 2.90
CA PHE A 45 -1.08 -5.84 4.11
C PHE A 45 -1.85 -4.58 3.71
N ARG A 46 -2.93 -4.31 4.40
CA ARG A 46 -3.72 -3.09 4.06
C ARG A 46 -4.08 -2.33 5.35
N SER A 47 -3.10 -1.97 6.11
CA SER A 47 -3.38 -1.24 7.38
C SER A 47 -2.21 -0.30 7.71
N LYS A 48 -2.49 0.92 8.04
CA LYS A 48 -1.39 1.88 8.36
C LYS A 48 -0.76 1.51 9.70
N PRO A 49 -1.58 1.11 10.65
CA PRO A 49 -1.12 0.72 12.00
C PRO A 49 -0.09 -0.42 11.97
N GLN A 50 -0.43 -1.51 11.35
CA GLN A 50 0.53 -2.65 11.26
C GLN A 50 1.69 -2.27 10.33
N LEU A 51 1.44 -1.47 9.34
CA LEU A 51 2.52 -1.05 8.41
C LEU A 51 3.52 -0.17 9.15
N ALA A 52 3.05 0.86 9.82
CA ALA A 52 3.99 1.75 10.56
C ALA A 52 4.64 0.97 11.70
N ARG A 53 3.88 0.18 12.40
CA ARG A 53 4.45 -0.60 13.54
C ARG A 53 5.51 -1.57 13.01
N TYR A 54 5.28 -2.14 11.85
CA TYR A 54 6.27 -3.09 11.30
C TYR A 54 7.61 -2.38 11.09
N LEU A 55 7.60 -1.26 10.43
CA LEU A 55 8.87 -0.51 10.21
C LEU A 55 8.98 0.64 11.21
N GLY A 56 8.05 0.71 12.13
CA GLY A 56 8.09 1.82 13.12
C GLY A 56 9.46 1.87 13.79
N GLY A 57 10.27 0.87 13.58
CA GLY A 57 11.62 0.85 14.20
C GLY A 57 12.68 1.14 13.13
N SER A 58 12.63 0.44 12.04
CA SER A 58 13.64 0.67 10.97
C SER A 58 13.50 2.09 10.42
N MET A 59 12.33 2.68 10.55
CA MET A 59 12.13 4.06 10.04
C MET A 59 10.78 4.59 10.54
N ASP A 60 10.59 5.88 10.47
CA ASP A 60 9.30 6.46 10.93
C ASP A 60 8.36 6.63 9.74
N LEU A 61 7.27 5.91 9.73
CA LEU A 61 6.32 6.03 8.59
C LEU A 61 5.03 6.71 9.07
N SER A 62 5.02 7.21 10.28
CA SER A 62 3.80 7.88 10.79
C SER A 62 3.35 8.95 9.79
N THR A 63 4.28 9.56 9.11
CA THR A 63 3.91 10.62 8.13
C THR A 63 3.71 10.00 6.76
N PHE A 64 3.61 8.70 6.69
CA PHE A 64 3.40 8.04 5.36
C PHE A 64 1.91 7.93 5.07
N ASP A 65 1.47 8.47 3.95
CA ASP A 65 0.04 8.39 3.61
C ASP A 65 -0.30 7.00 3.06
N PHE A 66 -1.24 6.33 3.65
CA PHE A 66 -1.61 4.97 3.15
C PHE A 66 -2.46 5.10 1.89
N ARG A 67 -3.40 6.00 1.90
CA ARG A 67 -4.28 6.17 0.70
C ARG A 67 -3.44 6.56 -0.51
N THR A 68 -2.53 7.48 -0.35
CA THR A 68 -1.69 7.90 -1.51
C THR A 68 -0.40 7.08 -1.53
N GLY A 69 -0.06 6.46 -0.43
CA GLY A 69 1.18 5.64 -0.39
C GLY A 69 2.39 6.56 -0.61
N LYS A 70 2.29 7.81 -0.24
CA LYS A 70 3.42 8.74 -0.44
C LYS A 70 3.78 9.39 0.90
N MET A 71 5.02 9.80 1.06
CA MET A 71 5.44 10.44 2.33
C MET A 71 5.23 11.96 2.25
N LEU A 72 4.53 12.52 3.18
CA LEU A 72 4.30 13.99 3.15
C LEU A 72 4.28 14.53 4.58
N GLY A 1 -0.61 -3.89 -20.69
CA GLY A 1 -1.98 -3.98 -21.36
C GLY A 1 -2.98 -4.96 -20.85
N SER A 2 -4.24 -4.67 -20.98
CA SER A 2 -5.29 -5.60 -20.49
C SER A 2 -5.24 -5.67 -18.96
N MET A 3 -4.08 -5.46 -18.39
CA MET A 3 -3.96 -5.51 -16.91
C MET A 3 -4.43 -4.18 -16.32
N GLU A 4 -5.46 -4.20 -15.52
CA GLU A 4 -5.97 -2.93 -14.91
C GLU A 4 -5.34 -2.76 -13.52
N ARG A 5 -4.28 -3.46 -13.25
CA ARG A 5 -3.64 -3.33 -11.91
C ARG A 5 -2.60 -2.20 -11.94
N LYS A 6 -2.87 -1.13 -11.24
CA LYS A 6 -1.92 0.01 -11.25
C LYS A 6 -0.80 -0.25 -10.25
N ARG A 7 0.24 0.54 -10.28
CA ARG A 7 1.38 0.30 -9.35
C ARG A 7 2.01 1.65 -8.96
N TRP A 8 2.34 1.81 -7.71
CA TRP A 8 2.98 3.09 -7.27
C TRP A 8 4.32 2.80 -6.61
N GLU A 9 5.39 3.29 -7.17
CA GLU A 9 6.73 3.07 -6.55
C GLU A 9 6.92 4.02 -5.36
N CYS A 10 7.65 3.61 -4.37
CA CYS A 10 7.85 4.48 -3.18
C CYS A 10 9.32 4.47 -2.78
N PRO A 11 10.04 5.50 -3.13
CA PRO A 11 11.49 5.63 -2.80
C PRO A 11 11.72 5.96 -1.32
N ALA A 12 10.67 6.30 -0.62
CA ALA A 12 10.82 6.60 0.84
C ALA A 12 10.88 5.30 1.63
N LEU A 13 10.38 4.23 1.07
CA LEU A 13 10.43 2.93 1.78
C LEU A 13 11.60 2.09 1.27
N PRO A 14 12.06 1.17 2.07
CA PRO A 14 13.19 0.27 1.70
C PRO A 14 12.96 -0.43 0.36
N GLN A 15 14.00 -0.69 -0.37
CA GLN A 15 13.84 -1.38 -1.69
C GLN A 15 13.11 -2.71 -1.48
N GLY A 16 12.03 -2.92 -2.18
CA GLY A 16 11.28 -4.20 -2.03
C GLY A 16 9.82 -3.90 -1.67
N TRP A 17 9.55 -2.72 -1.19
CA TRP A 17 8.15 -2.37 -0.84
C TRP A 17 7.46 -1.73 -2.04
N GLU A 18 6.24 -2.09 -2.30
CA GLU A 18 5.52 -1.52 -3.47
C GLU A 18 4.04 -1.39 -3.15
N ARG A 19 3.32 -0.59 -3.90
CA ARG A 19 1.86 -0.45 -3.65
C ARG A 19 1.09 -0.81 -4.94
N GLU A 20 -0.18 -1.12 -4.81
CA GLU A 20 -0.97 -1.49 -6.01
C GLU A 20 -2.41 -0.98 -5.86
N GLU A 21 -2.94 -0.39 -6.88
CA GLU A 21 -4.36 0.09 -6.80
C GLU A 21 -5.26 -0.86 -7.58
N VAL A 22 -6.33 -1.30 -6.98
CA VAL A 22 -7.25 -2.25 -7.69
C VAL A 22 -8.70 -1.79 -7.49
N PRO A 23 -9.24 -1.13 -8.47
CA PRO A 23 -10.66 -0.65 -8.45
C PRO A 23 -11.64 -1.81 -8.25
N ARG A 24 -12.61 -1.64 -7.40
CA ARG A 24 -13.60 -2.73 -7.19
C ARG A 24 -14.44 -2.91 -8.45
N ARG A 25 -14.87 -4.13 -8.72
CA ARG A 25 -15.67 -4.37 -9.96
C ARG A 25 -16.73 -5.44 -9.66
N SER A 26 -16.44 -6.35 -8.78
CA SER A 26 -17.43 -7.43 -8.47
C SER A 26 -17.76 -7.39 -6.98
N GLY A 27 -17.12 -6.52 -6.24
CA GLY A 27 -17.40 -6.45 -4.78
C GLY A 27 -18.74 -5.76 -4.55
N LEU A 28 -19.38 -6.04 -3.44
CA LEU A 28 -20.69 -5.39 -3.15
C LEU A 28 -20.50 -3.87 -3.07
N SER A 29 -19.44 -3.43 -2.46
CA SER A 29 -19.21 -1.96 -2.32
C SER A 29 -18.71 -1.40 -3.66
N ALA A 30 -19.04 -2.05 -4.75
CA ALA A 30 -18.58 -1.55 -6.07
C ALA A 30 -18.51 -0.03 -6.05
N GLY A 31 -17.64 0.55 -6.83
CA GLY A 31 -17.50 2.04 -6.83
C GLY A 31 -16.24 2.44 -6.07
N HIS A 32 -15.97 1.79 -4.98
CA HIS A 32 -14.74 2.15 -4.20
C HIS A 32 -13.57 1.29 -4.69
N ARG A 33 -12.36 1.74 -4.45
CA ARG A 33 -11.19 0.95 -4.89
C ARG A 33 -10.37 0.51 -3.67
N ASP A 34 -9.89 -0.70 -3.66
CA ASP A 34 -9.09 -1.20 -2.51
C ASP A 34 -7.60 -1.12 -2.85
N VAL A 35 -6.79 -0.69 -1.92
CA VAL A 35 -5.33 -0.61 -2.19
C VAL A 35 -4.60 -1.69 -1.38
N PHE A 36 -3.68 -2.38 -1.99
CA PHE A 36 -2.93 -3.44 -1.25
C PHE A 36 -1.44 -3.10 -1.27
N TYR A 37 -0.74 -3.40 -0.21
CA TYR A 37 0.72 -3.09 -0.17
C TYR A 37 1.51 -4.41 -0.11
N TYR A 38 2.66 -4.44 -0.73
CA TYR A 38 3.47 -5.70 -0.71
C TYR A 38 4.87 -5.38 -0.15
N SER A 39 5.36 -6.21 0.72
CA SER A 39 6.72 -5.98 1.29
C SER A 39 7.74 -6.84 0.54
N PRO A 40 8.99 -6.71 0.89
CA PRO A 40 10.09 -7.48 0.25
C PRO A 40 9.85 -9.00 0.30
N SER A 41 9.21 -9.47 1.34
CA SER A 41 8.96 -10.93 1.45
C SER A 41 7.64 -11.27 0.74
N GLY A 42 7.03 -10.30 0.10
CA GLY A 42 5.74 -10.57 -0.60
C GLY A 42 4.60 -10.53 0.40
N LYS A 43 4.82 -9.97 1.57
CA LYS A 43 3.74 -9.89 2.58
C LYS A 43 2.68 -8.90 2.12
N LYS A 44 1.47 -9.33 1.95
CA LYS A 44 0.38 -8.40 1.53
C LYS A 44 -0.37 -7.89 2.76
N PHE A 45 -0.47 -6.61 2.93
CA PHE A 45 -1.17 -6.06 4.11
C PHE A 45 -1.96 -4.82 3.70
N ARG A 46 -3.07 -4.56 4.35
CA ARG A 46 -3.88 -3.36 4.00
C ARG A 46 -4.29 -2.63 5.28
N SER A 47 -3.34 -2.17 6.05
CA SER A 47 -3.68 -1.46 7.30
C SER A 47 -2.52 -0.53 7.69
N LYS A 48 -2.83 0.65 8.15
CA LYS A 48 -1.75 1.60 8.53
C LYS A 48 -1.00 1.05 9.74
N PRO A 49 -1.72 0.58 10.73
CA PRO A 49 -1.13 0.01 11.96
C PRO A 49 -0.12 -1.12 11.67
N GLN A 50 -0.48 -2.01 10.78
CA GLN A 50 0.45 -3.13 10.43
C GLN A 50 1.68 -2.57 9.71
N LEU A 51 1.49 -1.59 8.88
CA LEU A 51 2.65 -1.02 8.13
C LEU A 51 3.59 -0.33 9.12
N ALA A 52 3.06 0.46 10.02
CA ALA A 52 3.94 1.16 11.00
C ALA A 52 4.54 0.14 11.96
N ARG A 53 3.75 -0.78 12.45
CA ARG A 53 4.29 -1.78 13.41
C ARG A 53 5.40 -2.59 12.73
N TYR A 54 5.21 -2.98 11.50
CA TYR A 54 6.25 -3.77 10.79
C TYR A 54 7.53 -2.94 10.67
N LEU A 55 7.42 -1.75 10.14
CA LEU A 55 8.63 -0.88 10.00
C LEU A 55 8.78 -0.01 11.24
N GLY A 56 7.92 -0.19 12.21
CA GLY A 56 8.03 0.64 13.44
C GLY A 56 9.49 0.69 13.91
N GLY A 57 9.95 -0.35 14.54
CA GLY A 57 11.36 -0.36 15.02
C GLY A 57 12.31 -0.24 13.82
N SER A 58 11.78 -0.01 12.65
CA SER A 58 12.66 0.12 11.46
C SER A 58 12.78 1.60 11.06
N MET A 59 11.79 2.39 11.39
CA MET A 59 11.85 3.84 11.03
C MET A 59 10.56 4.52 11.48
N ASP A 60 10.51 5.83 11.40
CA ASP A 60 9.28 6.56 11.82
C ASP A 60 8.38 6.78 10.61
N LEU A 61 7.24 6.12 10.57
CA LEU A 61 6.33 6.30 9.41
C LEU A 61 5.21 7.27 9.79
N SER A 62 5.29 7.85 10.96
CA SER A 62 4.24 8.81 11.39
C SER A 62 3.93 9.78 10.25
N THR A 63 4.94 10.20 9.54
CA THR A 63 4.71 11.14 8.40
C THR A 63 4.60 10.34 7.09
N PHE A 64 3.80 9.32 7.08
CA PHE A 64 3.65 8.50 5.85
C PHE A 64 2.21 8.60 5.32
N ASP A 65 2.05 8.85 4.06
CA ASP A 65 0.68 8.96 3.48
C ASP A 65 0.24 7.60 2.94
N PHE A 66 -0.67 6.95 3.61
CA PHE A 66 -1.13 5.62 3.13
C PHE A 66 -2.07 5.80 1.93
N ARG A 67 -2.92 6.79 1.98
CA ARG A 67 -3.86 7.01 0.84
C ARG A 67 -3.06 7.33 -0.43
N THR A 68 -1.94 7.98 -0.28
CA THR A 68 -1.12 8.32 -1.49
C THR A 68 -0.05 7.25 -1.70
N GLY A 69 0.19 6.44 -0.71
CA GLY A 69 1.24 5.38 -0.86
C GLY A 69 2.62 6.03 -0.96
N LYS A 70 2.77 7.19 -0.40
CA LYS A 70 4.10 7.88 -0.47
C LYS A 70 4.42 8.51 0.89
N MET A 71 5.67 8.76 1.15
CA MET A 71 6.05 9.37 2.46
C MET A 71 6.07 10.89 2.33
N LEU A 72 5.47 11.58 3.25
CA LEU A 72 5.45 13.07 3.18
C LEU A 72 5.16 13.50 1.73
N GLY A 1 -11.53 -4.40 -18.13
CA GLY A 1 -10.31 -5.27 -17.84
C GLY A 1 -10.28 -6.12 -16.62
N SER A 2 -9.80 -7.33 -16.73
CA SER A 2 -9.76 -8.22 -15.53
C SER A 2 -8.31 -8.37 -15.06
N MET A 3 -8.12 -8.64 -13.80
CA MET A 3 -6.73 -8.79 -13.28
C MET A 3 -5.90 -7.56 -13.65
N GLU A 4 -6.48 -6.40 -13.56
CA GLU A 4 -5.72 -5.16 -13.90
C GLU A 4 -5.22 -4.50 -12.62
N ARG A 5 -3.93 -4.44 -12.43
CA ARG A 5 -3.37 -3.81 -11.20
C ARG A 5 -2.35 -2.75 -11.59
N LYS A 6 -2.44 -1.59 -11.01
CA LYS A 6 -1.47 -0.50 -11.35
C LYS A 6 -0.41 -0.43 -10.25
N ARG A 7 0.74 -1.02 -10.47
CA ARG A 7 1.81 -1.00 -9.44
C ARG A 7 2.39 0.42 -9.36
N TRP A 8 3.14 0.70 -8.31
CA TRP A 8 3.73 2.06 -8.17
C TRP A 8 4.82 2.03 -7.10
N GLU A 9 5.89 2.75 -7.31
CA GLU A 9 6.99 2.78 -6.31
C GLU A 9 7.04 4.17 -5.65
N CYS A 10 7.26 4.21 -4.36
CA CYS A 10 7.33 5.53 -3.68
C CYS A 10 8.62 5.61 -2.86
N PRO A 11 9.24 6.76 -2.86
CA PRO A 11 10.50 7.01 -2.11
C PRO A 11 10.39 6.56 -0.64
N ALA A 12 9.23 6.66 -0.07
CA ALA A 12 9.06 6.26 1.36
C ALA A 12 9.00 4.74 1.45
N LEU A 13 8.90 4.06 0.34
CA LEU A 13 8.84 2.58 0.37
C LEU A 13 10.26 2.02 0.26
N PRO A 14 10.71 1.33 1.28
CA PRO A 14 12.07 0.74 1.31
C PRO A 14 12.37 -0.11 0.07
N GLN A 15 13.57 -0.05 -0.43
CA GLN A 15 13.92 -0.83 -1.64
C GLN A 15 13.35 -2.26 -1.51
N GLY A 16 12.32 -2.56 -2.25
CA GLY A 16 11.74 -3.93 -2.18
C GLY A 16 10.23 -3.84 -1.90
N TRP A 17 9.80 -2.77 -1.31
CA TRP A 17 8.34 -2.61 -1.03
C TRP A 17 7.63 -2.15 -2.31
N GLU A 18 6.48 -2.69 -2.57
CA GLU A 18 5.75 -2.32 -3.82
C GLU A 18 4.32 -1.89 -3.48
N ARG A 19 3.74 -1.02 -4.25
CA ARG A 19 2.34 -0.60 -4.00
C ARG A 19 1.52 -0.75 -5.29
N GLU A 20 0.25 -1.02 -5.17
CA GLU A 20 -0.60 -1.19 -6.38
C GLU A 20 -2.06 -0.91 -6.03
N GLU A 21 -2.78 -0.26 -6.91
CA GLU A 21 -4.21 0.02 -6.65
C GLU A 21 -5.07 -1.03 -7.36
N VAL A 22 -6.03 -1.59 -6.69
CA VAL A 22 -6.88 -2.63 -7.32
C VAL A 22 -8.34 -2.43 -6.90
N PRO A 23 -9.14 -1.89 -7.77
CA PRO A 23 -10.59 -1.66 -7.51
C PRO A 23 -11.32 -2.94 -7.10
N ARG A 24 -12.05 -2.92 -6.02
CA ARG A 24 -12.78 -4.13 -5.59
C ARG A 24 -13.75 -4.58 -6.69
N ARG A 25 -13.87 -5.86 -6.90
CA ARG A 25 -14.79 -6.35 -7.96
C ARG A 25 -15.85 -7.28 -7.33
N SER A 26 -15.84 -7.39 -6.03
CA SER A 26 -16.84 -8.28 -5.37
C SER A 26 -18.16 -8.25 -6.15
N GLY A 27 -19.07 -7.41 -5.75
CA GLY A 27 -20.37 -7.33 -6.47
C GLY A 27 -21.01 -5.95 -6.25
N LEU A 28 -21.83 -5.82 -5.24
CA LEU A 28 -22.48 -4.51 -4.99
C LEU A 28 -21.42 -3.49 -4.58
N SER A 29 -20.51 -3.87 -3.73
CA SER A 29 -19.45 -2.91 -3.29
C SER A 29 -18.43 -2.74 -4.42
N ALA A 30 -18.37 -3.66 -5.33
CA ALA A 30 -17.41 -3.53 -6.46
C ALA A 30 -17.35 -2.08 -6.92
N GLY A 31 -16.16 -1.55 -7.09
CA GLY A 31 -16.04 -0.13 -7.54
C GLY A 31 -15.19 0.64 -6.53
N HIS A 32 -15.38 0.41 -5.26
CA HIS A 32 -14.58 1.12 -4.24
C HIS A 32 -13.10 0.87 -4.49
N ARG A 33 -12.41 1.82 -5.06
CA ARG A 33 -10.95 1.64 -5.32
C ARG A 33 -10.24 1.25 -4.03
N ASP A 34 -9.42 0.24 -4.06
CA ASP A 34 -8.70 -0.17 -2.83
C ASP A 34 -7.18 -0.20 -3.11
N VAL A 35 -6.38 0.06 -2.13
CA VAL A 35 -4.92 0.07 -2.34
C VAL A 35 -4.27 -1.03 -1.48
N PHE A 36 -3.38 -1.79 -2.06
CA PHE A 36 -2.71 -2.87 -1.27
C PHE A 36 -1.20 -2.65 -1.32
N TYR A 37 -0.51 -2.99 -0.27
CA TYR A 37 0.98 -2.81 -0.25
C TYR A 37 1.65 -4.17 -0.13
N TYR A 38 2.84 -4.31 -0.66
CA TYR A 38 3.55 -5.62 -0.57
C TYR A 38 4.94 -5.40 0.05
N SER A 39 5.33 -6.26 0.95
CA SER A 39 6.69 -6.10 1.58
C SER A 39 7.68 -7.02 0.88
N PRO A 40 8.91 -6.99 1.31
CA PRO A 40 10.00 -7.83 0.71
C PRO A 40 9.65 -9.32 0.74
N SER A 41 8.88 -9.74 1.72
CA SER A 41 8.52 -11.19 1.81
C SER A 41 7.27 -11.45 0.97
N GLY A 42 6.78 -10.46 0.28
CA GLY A 42 5.56 -10.65 -0.55
C GLY A 42 4.32 -10.64 0.34
N LYS A 43 4.45 -10.15 1.54
CA LYS A 43 3.28 -10.12 2.46
C LYS A 43 2.37 -8.94 2.09
N LYS A 44 1.11 -9.19 1.86
CA LYS A 44 0.19 -8.08 1.50
C LYS A 44 -0.48 -7.55 2.77
N PHE A 45 -0.55 -6.26 2.91
CA PHE A 45 -1.20 -5.67 4.13
C PHE A 45 -2.04 -4.45 3.72
N ARG A 46 -3.11 -4.21 4.41
CA ARG A 46 -3.97 -3.04 4.07
C ARG A 46 -4.29 -2.27 5.36
N SER A 47 -3.30 -1.81 6.05
CA SER A 47 -3.57 -1.05 7.31
C SER A 47 -2.33 -0.23 7.69
N LYS A 48 -2.52 0.96 8.18
CA LYS A 48 -1.35 1.82 8.54
C LYS A 48 -0.65 1.23 9.77
N PRO A 49 -1.41 0.71 10.70
CA PRO A 49 -0.87 0.09 11.94
C PRO A 49 0.04 -1.11 11.63
N GLN A 50 -0.43 -2.04 10.85
CA GLN A 50 0.41 -3.22 10.51
C GLN A 50 1.63 -2.77 9.70
N LEU A 51 1.47 -1.76 8.88
CA LEU A 51 2.63 -1.28 8.07
C LEU A 51 3.73 -0.77 9.00
N ALA A 52 3.37 0.06 9.95
CA ALA A 52 4.40 0.60 10.89
C ALA A 52 4.88 -0.53 11.81
N ARG A 53 3.99 -1.34 12.29
CA ARG A 53 4.41 -2.46 13.18
C ARG A 53 5.39 -3.36 12.44
N TYR A 54 5.14 -3.64 11.18
CA TYR A 54 6.06 -4.51 10.41
C TYR A 54 7.46 -3.89 10.37
N LEU A 55 7.55 -2.66 9.93
CA LEU A 55 8.89 -1.99 9.88
C LEU A 55 9.45 -1.86 11.30
N GLY A 56 8.62 -1.49 12.23
CA GLY A 56 9.10 -1.34 13.64
C GLY A 56 9.97 -0.08 13.75
N GLY A 57 11.04 -0.15 14.48
CA GLY A 57 11.93 1.04 14.62
C GLY A 57 12.91 1.10 13.46
N SER A 58 12.83 0.15 12.56
CA SER A 58 13.76 0.15 11.40
C SER A 58 13.47 1.36 10.51
N MET A 59 12.23 1.76 10.43
CA MET A 59 11.88 2.94 9.57
C MET A 59 10.76 3.74 10.24
N ASP A 60 10.88 5.04 10.25
CA ASP A 60 9.82 5.88 10.88
C ASP A 60 8.81 6.30 9.81
N LEU A 61 7.61 5.81 9.88
CA LEU A 61 6.58 6.18 8.86
C LEU A 61 5.43 6.91 9.53
N SER A 62 5.61 7.34 10.75
CA SER A 62 4.51 8.07 11.46
C SER A 62 3.97 9.17 10.55
N THR A 63 4.81 9.78 9.77
CA THR A 63 4.34 10.86 8.85
C THR A 63 4.15 10.31 7.45
N PHE A 64 3.72 9.08 7.33
CA PHE A 64 3.54 8.47 5.99
C PHE A 64 2.04 8.40 5.66
N ASP A 65 1.65 8.89 4.51
CA ASP A 65 0.20 8.84 4.15
C ASP A 65 -0.11 7.50 3.47
N PHE A 66 -0.98 6.73 4.06
CA PHE A 66 -1.33 5.41 3.46
C PHE A 66 -2.34 5.60 2.33
N ARG A 67 -3.27 6.51 2.51
CA ARG A 67 -4.30 6.74 1.46
C ARG A 67 -3.63 7.23 0.18
N THR A 68 -2.71 8.15 0.31
CA THR A 68 -2.02 8.69 -0.90
C THR A 68 -0.71 7.93 -1.12
N GLY A 69 -0.20 7.29 -0.10
CA GLY A 69 1.05 6.51 -0.26
C GLY A 69 2.22 7.47 -0.50
N LYS A 70 2.39 8.45 0.34
CA LYS A 70 3.51 9.41 0.17
C LYS A 70 3.96 9.94 1.53
N MET A 71 5.20 10.30 1.66
CA MET A 71 5.70 10.82 2.97
C MET A 71 5.63 12.35 2.98
N LEU A 72 4.97 12.92 3.94
CA LEU A 72 4.86 14.40 4.00
C LEU A 72 4.92 14.86 5.45
N GLY A 1 -11.25 -5.19 -17.71
CA GLY A 1 -10.01 -4.57 -18.36
C GLY A 1 -8.88 -5.45 -18.77
N SER A 2 -8.07 -5.00 -19.68
CA SER A 2 -6.92 -5.83 -20.14
C SER A 2 -5.93 -6.01 -19.00
N MET A 3 -5.22 -4.99 -18.65
CA MET A 3 -4.23 -5.10 -17.54
C MET A 3 -4.90 -4.69 -16.22
N GLU A 4 -4.96 -5.57 -15.27
CA GLU A 4 -5.60 -5.21 -13.97
C GLU A 4 -4.52 -5.01 -12.91
N ARG A 5 -4.88 -4.45 -11.78
CA ARG A 5 -3.88 -4.23 -10.71
C ARG A 5 -2.76 -3.31 -11.23
N LYS A 6 -2.76 -2.07 -10.81
CA LYS A 6 -1.72 -1.13 -11.29
C LYS A 6 -0.67 -0.92 -10.18
N ARG A 7 0.51 -1.48 -10.35
CA ARG A 7 1.56 -1.33 -9.31
C ARG A 7 2.05 0.12 -9.28
N TRP A 8 2.77 0.49 -8.26
CA TRP A 8 3.29 1.89 -8.18
C TRP A 8 4.69 1.88 -7.57
N GLU A 9 5.63 2.53 -8.20
CA GLU A 9 7.01 2.56 -7.66
C GLU A 9 6.98 3.16 -6.26
N CYS A 10 7.75 2.60 -5.35
CA CYS A 10 7.76 3.14 -3.96
C CYS A 10 8.48 4.49 -3.94
N PRO A 11 7.84 5.49 -3.40
CA PRO A 11 8.41 6.86 -3.31
C PRO A 11 9.51 6.98 -2.25
N ALA A 12 9.17 6.70 -1.01
CA ALA A 12 10.21 6.76 0.07
C ALA A 12 10.41 5.37 0.66
N LEU A 13 9.40 4.55 0.63
CA LEU A 13 9.54 3.17 1.20
C LEU A 13 10.91 2.60 0.82
N PRO A 14 11.38 1.65 1.56
CA PRO A 14 12.69 0.98 1.30
C PRO A 14 12.68 0.18 -0.01
N GLN A 15 13.81 0.04 -0.64
CA GLN A 15 13.86 -0.71 -1.93
C GLN A 15 13.34 -2.13 -1.72
N GLY A 16 12.34 -2.52 -2.45
CA GLY A 16 11.81 -3.91 -2.31
C GLY A 16 10.30 -3.85 -2.04
N TRP A 17 9.84 -2.80 -1.44
CA TRP A 17 8.38 -2.69 -1.16
C TRP A 17 7.66 -2.14 -2.39
N GLU A 18 6.47 -2.61 -2.66
CA GLU A 18 5.72 -2.14 -3.85
C GLU A 18 4.26 -1.87 -3.48
N ARG A 19 3.62 -0.97 -4.17
CA ARG A 19 2.19 -0.69 -3.88
C ARG A 19 1.36 -0.92 -5.14
N GLU A 20 0.06 -1.05 -5.00
CA GLU A 20 -0.79 -1.30 -6.20
C GLU A 20 -2.21 -0.83 -5.90
N GLU A 21 -2.78 -0.02 -6.76
CA GLU A 21 -4.17 0.46 -6.55
C GLU A 21 -5.14 -0.52 -7.21
N VAL A 22 -6.19 -0.89 -6.52
CA VAL A 22 -7.17 -1.84 -7.11
C VAL A 22 -8.59 -1.37 -6.79
N PRO A 23 -9.23 -0.74 -7.74
CA PRO A 23 -10.63 -0.25 -7.58
C PRO A 23 -11.59 -1.36 -7.15
N ARG A 24 -12.39 -1.12 -6.15
CA ARG A 24 -13.35 -2.16 -5.69
C ARG A 24 -14.51 -2.25 -6.69
N ARG A 25 -15.21 -3.36 -6.69
CA ARG A 25 -16.35 -3.51 -7.63
C ARG A 25 -17.19 -4.72 -7.22
N SER A 26 -17.07 -5.16 -6.01
CA SER A 26 -17.85 -6.34 -5.55
C SER A 26 -18.14 -6.22 -4.05
N GLY A 27 -17.17 -5.83 -3.29
CA GLY A 27 -17.38 -5.69 -1.82
C GLY A 27 -18.63 -4.85 -1.56
N LEU A 28 -19.26 -5.01 -0.43
CA LEU A 28 -20.48 -4.22 -0.13
C LEU A 28 -20.13 -2.73 -0.09
N SER A 29 -19.01 -2.38 0.49
CA SER A 29 -18.63 -0.95 0.55
C SER A 29 -17.95 -0.54 -0.76
N ALA A 30 -18.06 -1.36 -1.77
CA ALA A 30 -17.44 -1.02 -3.08
C ALA A 30 -17.68 0.46 -3.39
N GLY A 31 -17.03 0.98 -4.40
CA GLY A 31 -17.22 2.42 -4.74
C GLY A 31 -15.91 3.18 -4.48
N HIS A 32 -15.10 2.69 -3.58
CA HIS A 32 -13.81 3.38 -3.29
C HIS A 32 -12.66 2.56 -3.86
N ARG A 33 -11.45 3.02 -3.69
CA ARG A 33 -10.27 2.27 -4.21
C ARG A 33 -9.43 1.75 -3.05
N ASP A 34 -9.05 0.51 -3.09
CA ASP A 34 -8.23 -0.05 -1.98
C ASP A 34 -6.76 -0.18 -2.43
N VAL A 35 -5.85 0.20 -1.60
CA VAL A 35 -4.41 0.08 -1.98
C VAL A 35 -3.74 -1.01 -1.14
N PHE A 36 -2.97 -1.86 -1.76
CA PHE A 36 -2.30 -2.95 -1.00
C PHE A 36 -0.79 -2.73 -1.03
N TYR A 37 -0.10 -3.16 0.00
CA TYR A 37 1.38 -2.98 0.02
C TYR A 37 2.05 -4.35 0.11
N TYR A 38 3.23 -4.48 -0.44
CA TYR A 38 3.93 -5.80 -0.40
C TYR A 38 5.36 -5.60 0.11
N SER A 39 5.84 -6.51 0.92
CA SER A 39 7.23 -6.37 1.44
C SER A 39 8.12 -7.45 0.81
N PRO A 40 9.38 -7.42 1.13
CA PRO A 40 10.36 -8.42 0.60
C PRO A 40 9.91 -9.86 0.85
N SER A 41 9.24 -10.10 1.94
CA SER A 41 8.77 -11.49 2.23
C SER A 41 7.56 -11.81 1.35
N GLY A 42 7.07 -10.85 0.62
CA GLY A 42 5.88 -11.10 -0.25
C GLY A 42 4.61 -11.03 0.60
N LYS A 43 4.70 -10.49 1.78
CA LYS A 43 3.50 -10.39 2.66
C LYS A 43 2.62 -9.22 2.19
N LYS A 44 1.38 -9.48 1.91
CA LYS A 44 0.48 -8.38 1.45
C LYS A 44 -0.30 -7.82 2.65
N PHE A 45 -0.15 -6.55 2.91
CA PHE A 45 -0.91 -5.94 4.04
C PHE A 45 -1.36 -4.53 3.66
N ARG A 46 -2.41 -4.05 4.28
CA ARG A 46 -2.88 -2.67 3.96
C ARG A 46 -3.10 -1.89 5.26
N SER A 47 -4.06 -2.30 6.04
CA SER A 47 -4.30 -1.59 7.33
C SER A 47 -3.09 -0.71 7.68
N LYS A 48 -3.31 0.55 7.91
CA LYS A 48 -2.17 1.45 8.24
C LYS A 48 -1.47 0.95 9.51
N PRO A 49 -2.24 0.60 10.51
CA PRO A 49 -1.69 0.09 11.80
C PRO A 49 -0.73 -1.09 11.61
N GLN A 50 -1.11 -2.04 10.81
CA GLN A 50 -0.22 -3.21 10.57
C GLN A 50 1.03 -2.75 9.84
N LEU A 51 0.91 -1.81 8.95
CA LEU A 51 2.09 -1.32 8.20
C LEU A 51 3.10 -0.70 9.17
N ALA A 52 2.63 0.12 10.08
CA ALA A 52 3.56 0.76 11.06
C ALA A 52 4.14 -0.30 11.98
N ARG A 53 3.35 -1.24 12.41
CA ARG A 53 3.86 -2.29 13.32
C ARG A 53 4.98 -3.07 12.64
N TYR A 54 4.81 -3.39 11.38
CA TYR A 54 5.85 -4.15 10.65
C TYR A 54 7.15 -3.34 10.64
N LEU A 55 7.10 -2.12 10.18
CA LEU A 55 8.32 -1.28 10.15
C LEU A 55 8.47 -0.54 11.49
N GLY A 56 7.58 -0.78 12.41
CA GLY A 56 7.66 -0.09 13.72
C GLY A 56 9.10 -0.13 14.22
N GLY A 57 9.86 0.90 13.96
CA GLY A 57 11.27 0.93 14.43
C GLY A 57 12.20 1.18 13.23
N SER A 58 12.06 0.41 12.19
CA SER A 58 12.93 0.60 11.00
C SER A 58 12.67 1.99 10.40
N MET A 59 11.45 2.45 10.45
CA MET A 59 11.12 3.78 9.88
C MET A 59 9.77 4.25 10.42
N ASP A 60 9.52 5.54 10.39
CA ASP A 60 8.23 6.05 10.90
C ASP A 60 7.21 6.08 9.77
N LEU A 61 6.22 5.23 9.82
CA LEU A 61 5.19 5.21 8.74
C LEU A 61 4.01 6.09 9.15
N SER A 62 4.03 6.62 10.33
CA SER A 62 2.91 7.49 10.79
C SER A 62 2.76 8.68 9.83
N THR A 63 3.86 9.24 9.39
CA THR A 63 3.79 10.39 8.46
C THR A 63 3.68 9.89 7.02
N PHE A 64 3.38 8.62 6.84
CA PHE A 64 3.26 8.07 5.47
C PHE A 64 1.82 8.19 4.99
N ASP A 65 1.60 8.73 3.82
CA ASP A 65 0.21 8.87 3.30
C ASP A 65 -0.25 7.53 2.72
N PHE A 66 -1.21 6.90 3.34
CA PHE A 66 -1.68 5.58 2.84
C PHE A 66 -2.55 5.79 1.60
N ARG A 67 -3.43 6.75 1.64
CA ARG A 67 -4.32 6.99 0.47
C ARG A 67 -3.48 7.33 -0.76
N THR A 68 -2.47 8.13 -0.60
CA THR A 68 -1.62 8.50 -1.76
C THR A 68 -0.36 7.63 -1.77
N GLY A 69 -0.09 6.94 -0.70
CA GLY A 69 1.12 6.07 -0.64
C GLY A 69 2.37 6.94 -0.78
N LYS A 70 2.38 8.09 -0.16
CA LYS A 70 3.57 8.98 -0.27
C LYS A 70 3.89 9.57 1.10
N MET A 71 5.11 9.97 1.32
CA MET A 71 5.48 10.56 2.64
C MET A 71 5.15 12.06 2.64
N LEU A 72 4.80 12.58 3.78
CA LEU A 72 4.46 14.04 3.86
C LEU A 72 4.51 14.50 5.31
N GLY A 1 -2.92 0.67 -22.14
CA GLY A 1 -3.57 -0.66 -22.55
C GLY A 1 -3.89 -1.67 -21.51
N SER A 2 -4.92 -2.44 -21.71
CA SER A 2 -5.29 -3.48 -20.70
C SER A 2 -5.39 -2.82 -19.32
N MET A 3 -6.59 -2.58 -18.86
CA MET A 3 -6.75 -1.94 -17.51
C MET A 3 -6.57 -3.00 -16.42
N GLU A 4 -5.55 -2.85 -15.60
CA GLU A 4 -5.33 -3.83 -14.51
C GLU A 4 -4.83 -3.11 -13.26
N ARG A 5 -4.16 -3.81 -12.38
CA ARG A 5 -3.65 -3.16 -11.15
C ARG A 5 -2.40 -2.34 -11.48
N LYS A 6 -2.24 -1.20 -10.87
CA LYS A 6 -1.04 -0.36 -11.15
C LYS A 6 -0.17 -0.28 -9.90
N ARG A 7 1.00 -0.85 -9.95
CA ARG A 7 1.90 -0.80 -8.76
C ARG A 7 2.45 0.62 -8.59
N TRP A 8 3.06 0.89 -7.47
CA TRP A 8 3.61 2.26 -7.24
C TRP A 8 5.00 2.16 -6.62
N GLU A 9 5.98 2.77 -7.24
CA GLU A 9 7.37 2.70 -6.68
C GLU A 9 7.58 3.88 -5.73
N CYS A 10 7.82 3.61 -4.48
CA CYS A 10 8.05 4.73 -3.51
C CYS A 10 9.44 4.60 -2.90
N PRO A 11 10.37 5.37 -3.39
CA PRO A 11 11.78 5.37 -2.88
C PRO A 11 11.83 5.63 -1.37
N ALA A 12 10.86 6.30 -0.83
CA ALA A 12 10.87 6.58 0.64
C ALA A 12 10.95 5.26 1.41
N LEU A 13 10.35 4.22 0.92
CA LEU A 13 10.41 2.92 1.62
C LEU A 13 11.63 2.13 1.13
N PRO A 14 12.12 1.23 1.95
CA PRO A 14 13.29 0.37 1.59
C PRO A 14 13.08 -0.35 0.26
N GLN A 15 14.15 -0.55 -0.48
CA GLN A 15 14.02 -1.25 -1.79
C GLN A 15 13.33 -2.60 -1.59
N GLY A 16 12.24 -2.83 -2.28
CA GLY A 16 11.53 -4.14 -2.14
C GLY A 16 10.07 -3.88 -1.75
N TRP A 17 9.79 -2.74 -1.20
CA TRP A 17 8.38 -2.43 -0.81
C TRP A 17 7.65 -1.83 -2.02
N GLU A 18 6.44 -2.27 -2.25
CA GLU A 18 5.68 -1.74 -3.43
C GLU A 18 4.20 -1.58 -3.05
N ARG A 19 3.49 -0.73 -3.72
CA ARG A 19 2.04 -0.55 -3.42
C ARG A 19 1.26 -0.41 -4.73
N GLU A 20 0.10 -1.01 -4.80
CA GLU A 20 -0.69 -0.95 -6.06
C GLU A 20 -2.13 -0.59 -5.74
N GLU A 21 -2.77 0.20 -6.57
CA GLU A 21 -4.19 0.56 -6.32
C GLU A 21 -5.08 -0.32 -7.19
N VAL A 22 -6.22 -0.72 -6.67
CA VAL A 22 -7.13 -1.59 -7.47
C VAL A 22 -8.59 -1.24 -7.14
N PRO A 23 -9.35 -0.91 -8.13
CA PRO A 23 -10.79 -0.54 -7.97
C PRO A 23 -11.67 -1.77 -7.72
N ARG A 24 -12.57 -1.69 -6.78
CA ARG A 24 -13.45 -2.86 -6.50
C ARG A 24 -14.56 -2.91 -7.55
N ARG A 25 -15.27 -4.01 -7.63
CA ARG A 25 -16.35 -4.14 -8.64
C ARG A 25 -17.17 -5.40 -8.37
N SER A 26 -16.70 -6.23 -7.48
CA SER A 26 -17.45 -7.48 -7.17
C SER A 26 -17.70 -7.57 -5.65
N GLY A 27 -16.92 -6.86 -4.88
CA GLY A 27 -17.11 -6.91 -3.39
C GLY A 27 -18.37 -6.13 -3.01
N LEU A 28 -18.84 -6.31 -1.81
CA LEU A 28 -20.07 -5.57 -1.38
C LEU A 28 -19.80 -4.07 -1.42
N SER A 29 -18.64 -3.65 -0.98
CA SER A 29 -18.33 -2.19 -0.99
C SER A 29 -17.91 -1.76 -2.40
N ALA A 30 -18.19 -2.59 -3.38
CA ALA A 30 -17.82 -2.22 -4.77
C ALA A 30 -17.99 -0.71 -4.98
N GLY A 31 -17.24 -0.14 -5.87
CA GLY A 31 -17.35 1.33 -6.11
C GLY A 31 -16.17 2.05 -5.45
N HIS A 32 -15.76 1.59 -4.30
CA HIS A 32 -14.61 2.24 -3.61
C HIS A 32 -13.29 1.65 -4.15
N ARG A 33 -12.19 2.26 -3.82
CA ARG A 33 -10.88 1.74 -4.33
C ARG A 33 -10.05 1.26 -3.14
N ASP A 34 -9.55 0.05 -3.20
CA ASP A 34 -8.71 -0.47 -2.08
C ASP A 34 -7.25 -0.52 -2.51
N VAL A 35 -6.35 -0.12 -1.66
CA VAL A 35 -4.91 -0.15 -2.02
C VAL A 35 -4.22 -1.30 -1.26
N PHE A 36 -3.40 -2.05 -1.94
CA PHE A 36 -2.71 -3.18 -1.26
C PHE A 36 -1.20 -2.90 -1.22
N TYR A 37 -0.55 -3.24 -0.14
CA TYR A 37 0.91 -2.97 -0.04
C TYR A 37 1.67 -4.31 0.02
N TYR A 38 2.80 -4.38 -0.62
CA TYR A 38 3.58 -5.65 -0.60
C TYR A 38 4.98 -5.40 -0.05
N SER A 39 5.45 -6.24 0.82
CA SER A 39 6.81 -6.04 1.40
C SER A 39 7.81 -6.92 0.63
N PRO A 40 9.07 -6.82 0.99
CA PRO A 40 10.15 -7.60 0.33
C PRO A 40 9.87 -9.10 0.33
N SER A 41 9.19 -9.59 1.34
CA SER A 41 8.88 -11.05 1.40
C SER A 41 7.56 -11.32 0.67
N GLY A 42 7.01 -10.32 0.02
CA GLY A 42 5.73 -10.52 -0.70
C GLY A 42 4.57 -10.45 0.29
N LYS A 43 4.84 -10.04 1.50
CA LYS A 43 3.75 -9.95 2.51
C LYS A 43 2.72 -8.90 2.06
N LYS A 44 1.48 -9.29 1.93
CA LYS A 44 0.43 -8.31 1.53
C LYS A 44 -0.27 -7.77 2.77
N PHE A 45 -0.33 -6.47 2.91
CA PHE A 45 -1.01 -5.89 4.11
C PHE A 45 -1.82 -4.66 3.69
N ARG A 46 -2.93 -4.42 4.33
CA ARG A 46 -3.76 -3.24 3.98
C ARG A 46 -4.20 -2.52 5.25
N SER A 47 -3.27 -2.18 6.11
CA SER A 47 -3.64 -1.48 7.37
C SER A 47 -2.41 -0.76 7.93
N LYS A 48 -2.60 0.38 8.53
CA LYS A 48 -1.46 1.14 9.08
C LYS A 48 -0.88 0.40 10.29
N PRO A 49 -1.74 -0.12 11.12
CA PRO A 49 -1.34 -0.87 12.35
C PRO A 49 -0.45 -2.07 12.02
N GLN A 50 -0.86 -2.88 11.07
CA GLN A 50 -0.03 -4.06 10.70
C GLN A 50 1.28 -3.59 10.08
N LEU A 51 1.24 -2.54 9.31
CA LEU A 51 2.50 -2.04 8.67
C LEU A 51 3.46 -1.57 9.75
N ALA A 52 2.98 -0.82 10.71
CA ALA A 52 3.87 -0.32 11.79
C ALA A 52 4.38 -1.50 12.62
N ARG A 53 3.52 -2.43 12.95
CA ARG A 53 3.96 -3.59 13.77
C ARG A 53 5.11 -4.31 13.06
N TYR A 54 5.01 -4.48 11.77
CA TYR A 54 6.09 -5.19 11.03
C TYR A 54 7.41 -4.41 11.17
N LEU A 55 7.39 -3.14 10.88
CA LEU A 55 8.62 -2.32 11.02
C LEU A 55 8.75 -1.80 12.46
N GLY A 56 7.81 -2.15 13.29
CA GLY A 56 7.87 -1.66 14.71
C GLY A 56 8.24 -0.18 14.72
N GLY A 57 9.31 0.16 15.39
CA GLY A 57 9.72 1.60 15.44
C GLY A 57 10.99 1.79 14.62
N SER A 58 11.17 1.03 13.58
CA SER A 58 12.39 1.17 12.74
C SER A 58 12.16 2.24 11.67
N MET A 59 10.93 2.52 11.36
CA MET A 59 10.64 3.55 10.32
C MET A 59 9.45 4.41 10.77
N ASP A 60 9.61 5.71 10.70
CA ASP A 60 8.48 6.60 11.11
C ASP A 60 7.60 6.91 9.89
N LEU A 61 6.45 6.33 9.82
CA LEU A 61 5.55 6.58 8.65
C LEU A 61 4.59 7.72 8.98
N SER A 62 4.75 8.34 10.12
CA SER A 62 3.85 9.47 10.49
C SER A 62 3.65 10.38 9.28
N THR A 63 4.69 10.61 8.52
CA THR A 63 4.55 11.47 7.32
C THR A 63 4.40 10.59 6.07
N PHE A 64 3.52 9.63 6.13
CA PHE A 64 3.33 8.74 4.95
C PHE A 64 1.85 8.76 4.54
N ASP A 65 1.59 8.94 3.27
CA ASP A 65 0.17 8.97 2.80
C ASP A 65 -0.27 7.56 2.42
N PHE A 66 -1.06 6.93 3.24
CA PHE A 66 -1.51 5.54 2.94
C PHE A 66 -2.56 5.58 1.83
N ARG A 67 -3.55 6.41 1.96
CA ARG A 67 -4.61 6.49 0.92
C ARG A 67 -3.96 6.67 -0.46
N THR A 68 -2.91 7.44 -0.52
CA THR A 68 -2.22 7.65 -1.84
C THR A 68 -0.99 6.74 -1.94
N GLY A 69 -0.61 6.15 -0.84
CA GLY A 69 0.59 5.25 -0.87
C GLY A 69 1.82 6.06 -1.25
N LYS A 70 1.88 7.30 -0.85
CA LYS A 70 3.07 8.14 -1.19
C LYS A 70 3.64 8.76 0.08
N MET A 71 4.92 8.96 0.13
CA MET A 71 5.54 9.58 1.33
C MET A 71 5.30 11.08 1.32
N LEU A 72 5.02 11.67 2.45
CA LEU A 72 4.78 13.14 2.50
C LEU A 72 3.70 13.51 1.49
N GLY A 1 -1.18 -8.81 -18.76
CA GLY A 1 -1.86 -7.84 -19.74
C GLY A 1 -3.32 -7.61 -19.64
N SER A 2 -4.03 -8.46 -18.93
CA SER A 2 -5.50 -8.28 -18.79
C SER A 2 -5.78 -7.00 -18.00
N MET A 3 -6.85 -6.33 -18.32
CA MET A 3 -7.18 -5.06 -17.58
C MET A 3 -5.89 -4.26 -17.37
N GLU A 4 -5.89 -3.39 -16.40
CA GLU A 4 -4.67 -2.57 -16.12
C GLU A 4 -4.54 -2.32 -14.62
N ARG A 5 -3.81 -3.16 -13.94
CA ARG A 5 -3.64 -2.98 -12.47
C ARG A 5 -2.47 -2.03 -12.20
N LYS A 6 -2.60 -1.17 -11.23
CA LYS A 6 -1.49 -0.23 -10.92
C LYS A 6 -0.38 -0.97 -10.18
N ARG A 7 0.85 -0.69 -10.48
CA ARG A 7 1.98 -1.38 -9.80
C ARG A 7 3.24 -0.53 -9.89
N TRP A 8 3.49 0.29 -8.92
CA TRP A 8 4.71 1.15 -8.95
C TRP A 8 5.55 0.87 -7.71
N GLU A 9 6.85 0.99 -7.80
CA GLU A 9 7.71 0.76 -6.62
C GLU A 9 7.38 1.78 -5.52
N CYS A 10 7.57 1.41 -4.28
CA CYS A 10 7.25 2.35 -3.17
C CYS A 10 8.52 3.13 -2.79
N PRO A 11 8.51 4.42 -3.02
CA PRO A 11 9.66 5.30 -2.69
C PRO A 11 9.74 5.61 -1.18
N ALA A 12 8.62 5.82 -0.56
CA ALA A 12 8.63 6.13 0.90
C ALA A 12 9.12 4.90 1.68
N LEU A 13 8.76 3.73 1.23
CA LEU A 13 9.21 2.49 1.95
C LEU A 13 10.56 2.05 1.40
N PRO A 14 11.30 1.30 2.18
CA PRO A 14 12.64 0.80 1.78
C PRO A 14 12.61 0.08 0.42
N GLN A 15 13.63 0.24 -0.37
CA GLN A 15 13.66 -0.42 -1.70
C GLN A 15 13.25 -1.90 -1.54
N GLY A 16 12.35 -2.36 -2.36
CA GLY A 16 11.92 -3.79 -2.27
C GLY A 16 10.41 -3.85 -2.00
N TRP A 17 9.84 -2.78 -1.49
CA TRP A 17 8.39 -2.78 -1.21
C TRP A 17 7.63 -2.40 -2.49
N GLU A 18 6.45 -2.93 -2.67
CA GLU A 18 5.68 -2.62 -3.91
C GLU A 18 4.28 -2.13 -3.53
N ARG A 19 3.71 -1.25 -4.32
CA ARG A 19 2.34 -0.75 -4.01
C ARG A 19 1.47 -0.84 -5.27
N GLU A 20 0.33 -1.48 -5.16
CA GLU A 20 -0.55 -1.61 -6.34
C GLU A 20 -1.98 -1.18 -5.97
N GLU A 21 -2.64 -0.46 -6.85
CA GLU A 21 -4.03 -0.03 -6.54
C GLU A 21 -5.01 -0.93 -7.29
N VAL A 22 -6.15 -1.19 -6.72
CA VAL A 22 -7.14 -2.09 -7.38
C VAL A 22 -8.55 -1.57 -7.12
N PRO A 23 -9.27 -1.27 -8.16
CA PRO A 23 -10.68 -0.78 -8.06
C PRO A 23 -11.67 -1.92 -7.79
N ARG A 24 -12.69 -1.66 -7.03
CA ARG A 24 -13.70 -2.73 -6.74
C ARG A 24 -14.82 -2.66 -7.78
N ARG A 25 -15.75 -3.58 -7.71
CA ARG A 25 -16.88 -3.57 -8.70
C ARG A 25 -18.21 -3.61 -7.94
N SER A 26 -18.22 -3.16 -6.72
CA SER A 26 -19.49 -3.19 -5.93
C SER A 26 -20.50 -2.25 -6.58
N GLY A 27 -21.76 -2.41 -6.27
CA GLY A 27 -22.80 -1.53 -6.86
C GLY A 27 -22.55 -0.08 -6.46
N LEU A 28 -23.22 0.39 -5.44
CA LEU A 28 -23.03 1.80 -5.02
C LEU A 28 -21.61 2.01 -4.51
N SER A 29 -21.05 1.01 -3.87
CA SER A 29 -19.67 1.16 -3.34
C SER A 29 -18.67 1.18 -4.50
N ALA A 30 -19.12 1.51 -5.68
CA ALA A 30 -18.20 1.56 -6.84
C ALA A 30 -17.39 2.86 -6.82
N GLY A 31 -16.33 2.94 -7.57
CA GLY A 31 -15.52 4.18 -7.59
C GLY A 31 -14.49 4.14 -6.46
N HIS A 32 -14.68 3.28 -5.50
CA HIS A 32 -13.72 3.20 -4.37
C HIS A 32 -12.50 2.39 -4.81
N ARG A 33 -11.33 2.93 -4.65
CA ARG A 33 -10.10 2.19 -5.05
C ARG A 33 -9.28 1.84 -3.81
N ASP A 34 -9.09 0.56 -3.56
CA ASP A 34 -8.31 0.16 -2.35
C ASP A 34 -6.84 0.00 -2.73
N VAL A 35 -5.96 0.44 -1.88
CA VAL A 35 -4.50 0.32 -2.18
C VAL A 35 -3.89 -0.79 -1.32
N PHE A 36 -3.28 -1.77 -1.94
CA PHE A 36 -2.65 -2.87 -1.15
C PHE A 36 -1.13 -2.73 -1.21
N TYR A 37 -0.47 -2.99 -0.10
CA TYR A 37 1.02 -2.86 -0.09
C TYR A 37 1.66 -4.24 0.00
N TYR A 38 2.74 -4.45 -0.68
CA TYR A 38 3.41 -5.78 -0.64
C TYR A 38 4.87 -5.61 -0.24
N SER A 39 5.38 -6.48 0.59
CA SER A 39 6.80 -6.38 1.01
C SER A 39 7.65 -7.36 0.19
N PRO A 40 8.94 -7.19 0.22
CA PRO A 40 9.89 -8.07 -0.52
C PRO A 40 9.81 -9.53 -0.06
N SER A 41 9.25 -9.77 1.09
CA SER A 41 9.13 -11.17 1.58
C SER A 41 7.81 -11.76 1.10
N GLY A 42 7.04 -11.00 0.37
CA GLY A 42 5.74 -11.52 -0.15
C GLY A 42 4.66 -11.33 0.91
N LYS A 43 4.93 -10.54 1.92
CA LYS A 43 3.92 -10.30 2.98
C LYS A 43 2.87 -9.30 2.49
N LYS A 44 1.64 -9.71 2.40
CA LYS A 44 0.57 -8.79 1.94
C LYS A 44 -0.08 -8.13 3.17
N PHE A 45 -0.16 -6.82 3.18
CA PHE A 45 -0.78 -6.13 4.34
C PHE A 45 -1.64 -4.97 3.83
N ARG A 46 -2.72 -4.66 4.51
CA ARG A 46 -3.58 -3.53 4.08
C ARG A 46 -4.10 -2.79 5.32
N SER A 47 -3.21 -2.27 6.12
CA SER A 47 -3.65 -1.53 7.33
C SER A 47 -2.54 -0.59 7.79
N LYS A 48 -2.90 0.57 8.31
CA LYS A 48 -1.86 1.54 8.76
C LYS A 48 -1.13 0.98 9.98
N PRO A 49 -1.88 0.47 10.92
CA PRO A 49 -1.31 -0.10 12.18
C PRO A 49 -0.28 -1.21 11.90
N GLN A 50 -0.60 -2.12 11.02
CA GLN A 50 0.36 -3.22 10.70
C GLN A 50 1.58 -2.63 9.99
N LEU A 51 1.37 -1.69 9.11
CA LEU A 51 2.52 -1.09 8.37
C LEU A 51 3.43 -0.35 9.36
N ALA A 52 2.85 0.43 10.23
CA ALA A 52 3.68 1.19 11.21
C ALA A 52 4.29 0.22 12.22
N ARG A 53 3.52 -0.69 12.73
CA ARG A 53 4.07 -1.66 13.72
C ARG A 53 5.20 -2.46 13.09
N TYR A 54 5.02 -2.90 11.87
CA TYR A 54 6.09 -3.71 11.21
C TYR A 54 7.35 -2.85 11.06
N LEU A 55 7.24 -1.72 10.44
CA LEU A 55 8.44 -0.84 10.26
C LEU A 55 8.54 0.12 11.44
N GLY A 56 7.69 -0.03 12.42
CA GLY A 56 7.74 0.89 13.60
C GLY A 56 9.18 0.98 14.11
N GLY A 57 9.64 -0.02 14.81
CA GLY A 57 11.02 0.02 15.35
C GLY A 57 12.01 0.08 14.19
N SER A 58 11.54 0.24 12.99
CA SER A 58 12.45 0.30 11.82
C SER A 58 12.49 1.74 11.28
N MET A 59 11.44 2.48 11.48
CA MET A 59 11.43 3.89 10.97
C MET A 59 10.12 4.57 11.42
N ASP A 60 10.04 5.86 11.23
CA ASP A 60 8.80 6.58 11.64
C ASP A 60 7.88 6.76 10.43
N LEU A 61 6.72 6.17 10.46
CA LEU A 61 5.79 6.29 9.30
C LEU A 61 4.57 7.12 9.71
N SER A 62 4.67 7.84 10.79
CA SER A 62 3.52 8.67 11.25
C SER A 62 3.14 9.66 10.14
N THR A 63 4.12 10.22 9.48
CA THR A 63 3.82 11.20 8.40
C THR A 63 3.74 10.48 7.06
N PHE A 64 3.44 9.20 7.09
CA PHE A 64 3.35 8.43 5.81
C PHE A 64 1.89 8.29 5.41
N ASP A 65 1.54 8.68 4.22
CA ASP A 65 0.12 8.57 3.77
C ASP A 65 -0.12 7.15 3.25
N PHE A 66 -1.04 6.43 3.85
CA PHE A 66 -1.31 5.05 3.38
C PHE A 66 -2.28 5.08 2.20
N ARG A 67 -3.17 6.03 2.20
CA ARG A 67 -4.17 6.11 1.08
C ARG A 67 -3.43 6.44 -0.22
N THR A 68 -2.53 7.38 -0.19
CA THR A 68 -1.79 7.75 -1.41
C THR A 68 -0.45 7.00 -1.46
N GLY A 69 -0.02 6.45 -0.35
CA GLY A 69 1.26 5.70 -0.33
C GLY A 69 2.41 6.66 -0.64
N LYS A 70 2.60 7.65 0.18
CA LYS A 70 3.72 8.61 -0.07
C LYS A 70 4.15 9.23 1.26
N MET A 71 5.40 9.58 1.38
CA MET A 71 5.89 10.19 2.67
C MET A 71 5.77 11.71 2.58
N LEU A 72 5.03 12.31 3.47
CA LEU A 72 4.88 13.79 3.44
C LEU A 72 6.23 14.45 3.71
N GLY A 1 -11.20 -3.02 -18.69
CA GLY A 1 -10.97 -2.13 -19.91
C GLY A 1 -9.81 -1.19 -19.93
N SER A 2 -9.05 -1.14 -18.88
CA SER A 2 -7.89 -0.23 -18.84
C SER A 2 -6.78 -0.85 -17.97
N MET A 3 -5.88 -0.04 -17.47
CA MET A 3 -4.78 -0.58 -16.63
C MET A 3 -5.35 -1.01 -15.27
N GLU A 4 -5.56 -2.28 -15.07
CA GLU A 4 -6.09 -2.75 -13.77
C GLU A 4 -4.94 -3.21 -12.87
N ARG A 5 -5.19 -3.38 -11.61
CA ARG A 5 -4.11 -3.84 -10.68
C ARG A 5 -2.76 -3.31 -11.18
N LYS A 6 -2.31 -2.19 -10.66
CA LYS A 6 -1.01 -1.64 -11.10
C LYS A 6 -0.07 -1.53 -9.91
N ARG A 7 1.09 -2.14 -9.98
CA ARG A 7 2.04 -2.08 -8.84
C ARG A 7 3.12 -1.04 -9.13
N TRP A 8 3.08 0.07 -8.45
CA TRP A 8 4.14 1.11 -8.67
C TRP A 8 5.13 1.09 -7.51
N GLU A 9 6.22 1.79 -7.64
CA GLU A 9 7.23 1.81 -6.55
C GLU A 9 6.90 2.93 -5.56
N CYS A 10 7.17 2.73 -4.30
CA CYS A 10 6.87 3.79 -3.30
C CYS A 10 8.16 4.18 -2.58
N PRO A 11 8.74 5.28 -2.96
CA PRO A 11 10.01 5.77 -2.35
C PRO A 11 9.91 5.89 -0.83
N ALA A 12 8.79 6.35 -0.34
CA ALA A 12 8.64 6.49 1.15
C ALA A 12 8.89 5.14 1.82
N LEU A 13 8.63 4.06 1.13
CA LEU A 13 8.85 2.73 1.74
C LEU A 13 10.27 2.24 1.40
N PRO A 14 10.84 1.44 2.25
CA PRO A 14 12.19 0.87 2.04
C PRO A 14 12.35 0.22 0.66
N GLN A 15 13.55 0.15 0.15
CA GLN A 15 13.75 -0.47 -1.19
C GLN A 15 13.25 -1.91 -1.17
N GLY A 16 12.30 -2.23 -2.01
CA GLY A 16 11.76 -3.61 -2.03
C GLY A 16 10.24 -3.58 -1.85
N TRP A 17 9.76 -2.68 -1.05
CA TRP A 17 8.29 -2.57 -0.84
C TRP A 17 7.64 -1.92 -2.08
N GLU A 18 6.43 -2.29 -2.37
CA GLU A 18 5.77 -1.73 -3.58
C GLU A 18 4.30 -1.41 -3.26
N ARG A 19 3.72 -0.47 -3.96
CA ARG A 19 2.29 -0.14 -3.71
C ARG A 19 1.44 -0.67 -4.88
N GLU A 20 0.18 -0.90 -4.64
CA GLU A 20 -0.69 -1.44 -5.72
C GLU A 20 -2.08 -0.81 -5.63
N GLU A 21 -2.67 -0.50 -6.75
CA GLU A 21 -4.04 0.08 -6.74
C GLU A 21 -5.02 -0.90 -7.39
N VAL A 22 -6.01 -1.32 -6.66
CA VAL A 22 -6.99 -2.30 -7.22
C VAL A 22 -8.42 -1.79 -7.02
N PRO A 23 -9.21 -1.86 -8.04
CA PRO A 23 -10.65 -1.45 -7.99
C PRO A 23 -11.52 -2.47 -7.28
N ARG A 24 -12.76 -2.13 -7.01
CA ARG A 24 -13.66 -3.10 -6.32
C ARG A 24 -14.65 -3.67 -7.32
N ARG A 25 -14.75 -4.97 -7.41
CA ARG A 25 -15.69 -5.60 -8.38
C ARG A 25 -16.89 -6.17 -7.63
N SER A 26 -16.68 -6.68 -6.44
CA SER A 26 -17.81 -7.26 -5.66
C SER A 26 -19.07 -7.23 -6.52
N GLY A 27 -20.03 -6.44 -6.14
CA GLY A 27 -21.30 -6.37 -6.93
C GLY A 27 -21.93 -4.99 -6.79
N LEU A 28 -22.83 -4.82 -5.87
CA LEU A 28 -23.47 -3.49 -5.68
C LEU A 28 -22.44 -2.51 -5.12
N SER A 29 -21.70 -2.90 -4.13
CA SER A 29 -20.67 -1.99 -3.55
C SER A 29 -19.53 -1.80 -4.54
N ALA A 30 -19.51 -2.59 -5.58
CA ALA A 30 -18.42 -2.46 -6.59
C ALA A 30 -18.30 -0.99 -7.03
N GLY A 31 -17.12 -0.55 -7.36
CA GLY A 31 -16.95 0.86 -7.78
C GLY A 31 -15.89 1.54 -6.89
N HIS A 32 -15.83 1.18 -5.64
CA HIS A 32 -14.81 1.77 -4.75
C HIS A 32 -13.43 1.20 -5.08
N ARG A 33 -12.39 1.76 -4.53
CA ARG A 33 -11.03 1.25 -4.83
C ARG A 33 -10.27 1.00 -3.52
N ASP A 34 -9.37 0.06 -3.51
CA ASP A 34 -8.60 -0.21 -2.27
C ASP A 34 -7.10 -0.23 -2.58
N VAL A 35 -6.29 0.21 -1.66
CA VAL A 35 -4.82 0.22 -1.92
C VAL A 35 -4.15 -0.92 -1.15
N PHE A 36 -3.31 -1.67 -1.80
CA PHE A 36 -2.61 -2.78 -1.10
C PHE A 36 -1.10 -2.59 -1.22
N TYR A 37 -0.35 -3.08 -0.27
CA TYR A 37 1.13 -2.93 -0.32
C TYR A 37 1.79 -4.31 -0.26
N TYR A 38 2.94 -4.46 -0.88
CA TYR A 38 3.63 -5.77 -0.87
C TYR A 38 4.96 -5.65 -0.14
N SER A 39 5.21 -6.50 0.82
CA SER A 39 6.50 -6.44 1.55
C SER A 39 7.51 -7.37 0.89
N PRO A 40 8.69 -7.47 1.45
CA PRO A 40 9.77 -8.33 0.91
C PRO A 40 9.33 -9.80 0.75
N SER A 41 8.45 -10.25 1.60
CA SER A 41 7.97 -11.65 1.48
C SER A 41 6.70 -11.69 0.64
N GLY A 42 6.38 -10.61 -0.02
CA GLY A 42 5.15 -10.58 -0.86
C GLY A 42 3.92 -10.50 0.05
N LYS A 43 4.10 -10.18 1.29
CA LYS A 43 2.94 -10.10 2.22
C LYS A 43 2.01 -8.98 1.78
N LYS A 44 0.74 -9.26 1.63
CA LYS A 44 -0.23 -8.21 1.24
C LYS A 44 -0.87 -7.59 2.48
N PHE A 45 -0.67 -6.32 2.71
CA PHE A 45 -1.25 -5.68 3.90
C PHE A 45 -1.78 -4.29 3.53
N ARG A 46 -2.86 -3.86 4.15
CA ARG A 46 -3.41 -2.52 3.83
C ARG A 46 -3.56 -1.71 5.12
N SER A 47 -2.49 -1.52 5.84
CA SER A 47 -2.56 -0.74 7.10
C SER A 47 -1.22 -0.04 7.35
N LYS A 48 -1.25 1.23 7.63
CA LYS A 48 0.02 1.96 7.89
C LYS A 48 0.70 1.39 9.15
N PRO A 49 -0.05 1.21 10.18
CA PRO A 49 0.46 0.65 11.47
C PRO A 49 1.08 -0.74 11.28
N GLN A 50 0.50 -1.54 10.42
CA GLN A 50 1.07 -2.91 10.19
C GLN A 50 2.43 -2.77 9.50
N LEU A 51 2.56 -1.84 8.60
CA LEU A 51 3.86 -1.67 7.89
C LEU A 51 4.94 -1.27 8.89
N ALA A 52 4.63 -0.39 9.79
CA ALA A 52 5.64 0.05 10.80
C ALA A 52 6.01 -1.13 11.70
N ARG A 53 5.04 -1.92 12.08
CA ARG A 53 5.33 -3.08 12.96
C ARG A 53 6.40 -3.96 12.31
N TYR A 54 6.25 -4.25 11.04
CA TYR A 54 7.26 -5.09 10.35
C TYR A 54 8.62 -4.38 10.36
N LEU A 55 8.65 -3.13 10.02
CA LEU A 55 9.94 -2.38 10.03
C LEU A 55 10.45 -2.27 11.46
N GLY A 56 9.73 -2.81 12.40
CA GLY A 56 10.18 -2.73 13.82
C GLY A 56 10.39 -1.27 14.22
N GLY A 57 9.37 -0.47 14.14
CA GLY A 57 9.52 0.98 14.50
C GLY A 57 10.91 1.46 14.08
N SER A 58 11.40 1.01 12.96
CA SER A 58 12.74 1.44 12.50
C SER A 58 12.62 2.71 11.67
N MET A 59 11.42 3.20 11.48
CA MET A 59 11.22 4.43 10.67
C MET A 59 9.91 5.10 11.07
N ASP A 60 9.85 6.40 10.98
CA ASP A 60 8.60 7.12 11.37
C ASP A 60 7.65 7.16 10.18
N LEU A 61 6.66 6.32 10.18
CA LEU A 61 5.68 6.30 9.06
C LEU A 61 4.45 7.13 9.44
N SER A 62 4.45 7.71 10.61
CA SER A 62 3.30 8.54 11.04
C SER A 62 3.03 9.63 9.99
N THR A 63 4.05 10.03 9.27
CA THR A 63 3.85 11.08 8.24
C THR A 63 3.60 10.41 6.88
N PHE A 64 3.57 9.12 6.84
CA PHE A 64 3.32 8.41 5.56
C PHE A 64 1.81 8.24 5.35
N ASP A 65 1.27 8.88 4.35
CA ASP A 65 -0.20 8.77 4.10
C ASP A 65 -0.51 7.41 3.47
N PHE A 66 -1.54 6.76 3.90
CA PHE A 66 -1.90 5.44 3.31
C PHE A 66 -2.84 5.65 2.12
N ARG A 67 -3.73 6.61 2.22
CA ARG A 67 -4.67 6.86 1.10
C ARG A 67 -3.88 7.21 -0.16
N THR A 68 -2.89 8.04 -0.04
CA THR A 68 -2.08 8.41 -1.24
C THR A 68 -0.81 7.56 -1.27
N GLY A 69 -0.41 7.01 -0.15
CA GLY A 69 0.81 6.16 -0.12
C GLY A 69 2.04 7.04 -0.39
N LYS A 70 1.99 8.27 0.03
CA LYS A 70 3.16 9.18 -0.20
C LYS A 70 3.51 9.90 1.10
N MET A 71 4.74 10.28 1.27
CA MET A 71 5.14 11.00 2.50
C MET A 71 4.71 12.47 2.41
N LEU A 72 4.31 13.05 3.51
CA LEU A 72 3.89 14.48 3.47
C LEU A 72 3.69 14.98 4.90
N GLY A 1 -11.48 -3.40 -17.01
CA GLY A 1 -11.30 -2.01 -16.37
C GLY A 1 -10.21 -1.81 -15.37
N SER A 2 -9.72 -2.88 -14.78
CA SER A 2 -8.64 -2.73 -13.78
C SER A 2 -7.28 -2.79 -14.48
N MET A 3 -7.27 -2.98 -15.78
CA MET A 3 -5.99 -3.05 -16.52
C MET A 3 -5.01 -3.97 -15.77
N GLU A 4 -3.75 -3.65 -15.80
CA GLU A 4 -2.76 -4.51 -15.10
C GLU A 4 -2.52 -3.98 -13.69
N ARG A 5 -3.54 -3.46 -13.06
CA ARG A 5 -3.38 -2.93 -11.68
C ARG A 5 -2.28 -1.86 -11.66
N LYS A 6 -2.49 -0.80 -10.92
CA LYS A 6 -1.47 0.28 -10.88
C LYS A 6 -0.28 -0.18 -10.04
N ARG A 7 0.86 0.42 -10.23
CA ARG A 7 2.07 0.02 -9.44
C ARG A 7 3.00 1.22 -9.28
N TRP A 8 3.59 1.37 -8.12
CA TRP A 8 4.52 2.51 -7.91
C TRP A 8 5.30 2.30 -6.62
N GLU A 9 6.56 2.63 -6.60
CA GLU A 9 7.37 2.47 -5.35
C GLU A 9 7.24 3.74 -4.51
N CYS A 10 7.05 3.59 -3.22
CA CYS A 10 6.91 4.78 -2.35
C CYS A 10 8.27 5.14 -1.75
N PRO A 11 8.56 6.41 -1.66
CA PRO A 11 9.84 6.91 -1.09
C PRO A 11 9.95 6.68 0.41
N ALA A 12 8.85 6.38 1.06
CA ALA A 12 8.89 6.14 2.53
C ALA A 12 9.13 4.65 2.80
N LEU A 13 9.03 3.82 1.79
CA LEU A 13 9.25 2.37 1.99
C LEU A 13 10.66 2.00 1.54
N PRO A 14 11.25 1.02 2.16
CA PRO A 14 12.62 0.54 1.82
C PRO A 14 12.66 -0.18 0.46
N GLN A 15 13.76 -0.09 -0.23
CA GLN A 15 13.85 -0.76 -1.57
C GLN A 15 13.46 -2.23 -1.43
N GLY A 16 12.57 -2.70 -2.24
CA GLY A 16 12.16 -4.13 -2.17
C GLY A 16 10.64 -4.21 -1.97
N TRP A 17 10.05 -3.20 -1.40
CA TRP A 17 8.58 -3.22 -1.18
C TRP A 17 7.87 -2.70 -2.43
N GLU A 18 6.66 -3.14 -2.67
CA GLU A 18 5.92 -2.69 -3.87
C GLU A 18 4.53 -2.19 -3.46
N ARG A 19 4.01 -1.22 -4.15
CA ARG A 19 2.66 -0.70 -3.81
C ARG A 19 1.79 -0.68 -5.07
N GLU A 20 0.64 -1.29 -5.02
CA GLU A 20 -0.24 -1.32 -6.23
C GLU A 20 -1.68 -1.00 -5.81
N GLU A 21 -2.37 -0.21 -6.58
CA GLU A 21 -3.78 0.14 -6.23
C GLU A 21 -4.74 -0.71 -7.07
N VAL A 22 -5.91 -0.98 -6.55
CA VAL A 22 -6.89 -1.81 -7.31
C VAL A 22 -8.28 -1.18 -7.20
N PRO A 23 -8.87 -0.86 -8.33
CA PRO A 23 -10.22 -0.23 -8.39
C PRO A 23 -11.34 -1.24 -8.13
N ARG A 24 -12.34 -0.84 -7.39
CA ARG A 24 -13.49 -1.75 -7.13
C ARG A 24 -14.55 -1.58 -8.22
N ARG A 25 -15.50 -2.47 -8.28
CA ARG A 25 -16.55 -2.37 -9.34
C ARG A 25 -17.92 -2.21 -8.69
N SER A 26 -18.91 -2.87 -9.22
CA SER A 26 -20.28 -2.74 -8.63
C SER A 26 -20.18 -2.66 -7.11
N GLY A 27 -21.23 -2.27 -6.45
CA GLY A 27 -21.19 -2.17 -4.96
C GLY A 27 -21.21 -0.68 -4.56
N LEU A 28 -21.71 -0.39 -3.39
CA LEU A 28 -21.76 1.04 -2.94
C LEU A 28 -20.34 1.61 -2.92
N SER A 29 -19.39 0.85 -2.45
CA SER A 29 -17.99 1.36 -2.41
C SER A 29 -17.45 1.41 -3.85
N ALA A 30 -18.29 1.65 -4.80
CA ALA A 30 -17.83 1.72 -6.23
C ALA A 30 -16.91 2.94 -6.40
N GLY A 31 -15.98 2.86 -7.30
CA GLY A 31 -15.06 4.01 -7.53
C GLY A 31 -13.99 4.04 -6.43
N HIS A 32 -14.22 3.34 -5.36
CA HIS A 32 -13.20 3.30 -4.26
C HIS A 32 -11.99 2.48 -4.71
N ARG A 33 -10.81 3.01 -4.52
CA ARG A 33 -9.60 2.26 -4.96
C ARG A 33 -8.86 1.73 -3.72
N ASP A 34 -8.91 0.45 -3.50
CA ASP A 34 -8.20 -0.13 -2.32
C ASP A 34 -6.70 -0.24 -2.62
N VAL A 35 -5.87 0.16 -1.70
CA VAL A 35 -4.41 0.09 -1.95
C VAL A 35 -3.82 -1.07 -1.14
N PHE A 36 -3.08 -1.94 -1.79
CA PHE A 36 -2.46 -3.08 -1.06
C PHE A 36 -0.94 -2.94 -1.09
N TYR A 37 -0.28 -3.30 -0.03
CA TYR A 37 1.20 -3.18 0.01
C TYR A 37 1.84 -4.58 0.02
N TYR A 38 2.94 -4.74 -0.66
CA TYR A 38 3.60 -6.09 -0.69
C TYR A 38 4.98 -5.98 -0.07
N SER A 39 5.35 -6.91 0.77
CA SER A 39 6.70 -6.87 1.40
C SER A 39 7.68 -7.71 0.57
N PRO A 40 8.92 -7.72 0.97
CA PRO A 40 9.98 -8.50 0.26
C PRO A 40 9.62 -9.98 0.14
N SER A 41 8.88 -10.51 1.06
CA SER A 41 8.52 -11.95 1.01
C SER A 41 7.20 -12.11 0.25
N GLY A 42 6.61 -11.03 -0.16
CA GLY A 42 5.31 -11.12 -0.90
C GLY A 42 4.15 -11.13 0.08
N LYS A 43 4.36 -10.62 1.27
CA LYS A 43 3.26 -10.59 2.27
C LYS A 43 2.26 -9.49 1.90
N LYS A 44 0.99 -9.82 1.85
CA LYS A 44 -0.02 -8.78 1.52
C LYS A 44 -0.59 -8.19 2.80
N PHE A 45 -0.47 -6.90 2.98
CA PHE A 45 -0.99 -6.26 4.22
C PHE A 45 -1.60 -4.90 3.86
N ARG A 46 -2.58 -4.47 4.60
CA ARG A 46 -3.20 -3.14 4.33
C ARG A 46 -3.58 -2.46 5.64
N SER A 47 -2.60 -2.06 6.40
CA SER A 47 -2.90 -1.39 7.70
C SER A 47 -1.80 -0.37 8.02
N LYS A 48 -2.17 0.85 8.33
CA LYS A 48 -1.16 1.89 8.62
C LYS A 48 -0.33 1.46 9.83
N PRO A 49 -0.97 0.95 10.84
CA PRO A 49 -0.30 0.47 12.08
C PRO A 49 0.76 -0.61 11.80
N GLN A 50 0.47 -1.51 10.91
CA GLN A 50 1.44 -2.59 10.59
C GLN A 50 2.68 -1.97 9.93
N LEU A 51 2.49 -1.00 9.09
CA LEU A 51 3.65 -0.36 8.41
C LEU A 51 4.52 0.35 9.44
N ALA A 52 3.91 1.09 10.33
CA ALA A 52 4.70 1.83 11.36
C ALA A 52 5.26 0.83 12.38
N ARG A 53 4.43 -0.04 12.88
CA ARG A 53 4.90 -1.03 13.88
C ARG A 53 6.03 -1.87 13.30
N TYR A 54 6.00 -2.11 12.01
CA TYR A 54 7.06 -2.96 11.38
C TYR A 54 8.24 -2.07 10.99
N LEU A 55 8.00 -1.03 10.24
CA LEU A 55 9.12 -0.15 9.80
C LEU A 55 9.27 1.02 10.77
N GLY A 56 8.51 1.01 11.85
CA GLY A 56 8.59 2.13 12.82
C GLY A 56 10.07 2.46 13.10
N GLY A 57 10.75 1.61 13.82
CA GLY A 57 12.17 1.89 14.14
C GLY A 57 12.96 2.07 12.84
N SER A 58 12.74 1.22 11.87
CA SER A 58 13.48 1.34 10.59
C SER A 58 13.24 2.73 9.99
N MET A 59 12.08 3.27 10.16
CA MET A 59 11.78 4.62 9.58
C MET A 59 10.44 5.12 10.12
N ASP A 60 10.18 6.40 10.01
CA ASP A 60 8.89 6.94 10.51
C ASP A 60 7.88 7.02 9.36
N LEU A 61 6.83 6.26 9.43
CA LEU A 61 5.83 6.27 8.32
C LEU A 61 4.57 7.00 8.79
N SER A 62 4.59 7.53 9.98
CA SER A 62 3.39 8.25 10.50
C SER A 62 2.96 9.32 9.48
N THR A 63 3.92 9.95 8.85
CA THR A 63 3.57 11.00 7.85
C THR A 63 3.20 10.34 6.52
N PHE A 64 2.96 9.06 6.53
CA PHE A 64 2.60 8.35 5.26
C PHE A 64 1.08 8.41 5.07
N ASP A 65 0.64 8.75 3.90
CA ASP A 65 -0.82 8.83 3.64
C ASP A 65 -1.36 7.42 3.33
N PHE A 66 -2.19 6.89 4.18
CA PHE A 66 -2.73 5.52 3.94
C PHE A 66 -3.80 5.57 2.84
N ARG A 67 -4.68 6.53 2.90
CA ARG A 67 -5.75 6.64 1.87
C ARG A 67 -5.11 6.75 0.48
N THR A 68 -4.12 7.58 0.34
CA THR A 68 -3.46 7.74 -0.99
C THR A 68 -2.23 6.84 -1.05
N GLY A 69 -1.80 6.32 0.06
CA GLY A 69 -0.61 5.43 0.06
C GLY A 69 0.61 6.21 -0.44
N LYS A 70 0.75 7.44 -0.03
CA LYS A 70 1.91 8.25 -0.49
C LYS A 70 2.47 9.06 0.69
N MET A 71 3.72 9.45 0.62
CA MET A 71 4.31 10.23 1.74
C MET A 71 3.98 11.71 1.56
N LEU A 72 3.35 12.31 2.54
CA LEU A 72 2.99 13.74 2.43
C LEU A 72 4.10 14.60 3.05
N GLY A 1 -1.88 -9.50 -17.82
CA GLY A 1 -3.11 -8.61 -17.70
C GLY A 1 -4.16 -8.94 -16.69
N SER A 2 -4.39 -10.20 -16.45
CA SER A 2 -5.42 -10.59 -15.46
C SER A 2 -4.88 -10.32 -14.04
N MET A 3 -5.76 -10.04 -13.11
CA MET A 3 -5.30 -9.77 -11.72
C MET A 3 -4.18 -8.73 -11.75
N GLU A 4 -3.53 -8.52 -10.64
CA GLU A 4 -2.42 -7.52 -10.59
C GLU A 4 -2.85 -6.27 -11.35
N ARG A 5 -3.49 -5.34 -10.69
CA ARG A 5 -3.92 -4.09 -11.37
C ARG A 5 -2.70 -3.23 -11.69
N LYS A 6 -2.56 -2.12 -11.02
CA LYS A 6 -1.38 -1.24 -11.27
C LYS A 6 -0.51 -1.17 -10.01
N ARG A 7 0.64 -1.78 -10.04
CA ARG A 7 1.53 -1.75 -8.85
C ARG A 7 2.87 -1.09 -9.20
N TRP A 8 3.33 -0.19 -8.39
CA TRP A 8 4.63 0.48 -8.68
C TRP A 8 5.53 0.41 -7.44
N GLU A 9 6.74 0.88 -7.56
CA GLU A 9 7.67 0.84 -6.39
C GLU A 9 7.28 1.93 -5.39
N CYS A 10 7.39 1.66 -4.12
CA CYS A 10 7.03 2.68 -3.10
C CYS A 10 8.31 3.34 -2.56
N PRO A 11 8.54 4.57 -2.92
CA PRO A 11 9.74 5.32 -2.47
C PRO A 11 9.63 5.82 -1.03
N ALA A 12 8.44 5.80 -0.47
CA ALA A 12 8.26 6.27 0.93
C ALA A 12 8.88 5.25 1.89
N LEU A 13 8.71 3.99 1.62
CA LEU A 13 9.29 2.95 2.52
C LEU A 13 10.64 2.48 1.96
N PRO A 14 11.27 1.56 2.63
CA PRO A 14 12.59 1.02 2.21
C PRO A 14 12.55 0.36 0.83
N GLN A 15 13.60 0.47 0.07
CA GLN A 15 13.61 -0.15 -1.29
C GLN A 15 13.19 -1.61 -1.18
N GLY A 16 12.23 -2.02 -1.97
CA GLY A 16 11.78 -3.44 -1.92
C GLY A 16 10.27 -3.50 -1.66
N TRP A 17 9.74 -2.46 -1.06
CA TRP A 17 8.28 -2.44 -0.79
C TRP A 17 7.53 -1.95 -2.03
N GLU A 18 6.35 -2.46 -2.28
CA GLU A 18 5.58 -2.03 -3.48
C GLU A 18 4.11 -1.85 -3.11
N ARG A 19 3.40 -1.04 -3.84
CA ARG A 19 1.95 -0.84 -3.54
C ARG A 19 1.14 -1.08 -4.81
N GLU A 20 -0.14 -1.31 -4.66
CA GLU A 20 -0.99 -1.58 -5.86
C GLU A 20 -2.36 -0.92 -5.67
N GLU A 21 -2.95 -0.43 -6.72
CA GLU A 21 -4.29 0.20 -6.61
C GLU A 21 -5.32 -0.64 -7.35
N VAL A 22 -6.43 -0.90 -6.74
CA VAL A 22 -7.47 -1.73 -7.42
C VAL A 22 -8.82 -1.00 -7.38
N PRO A 23 -9.26 -0.50 -8.51
CA PRO A 23 -10.53 0.26 -8.61
C PRO A 23 -11.76 -0.65 -8.52
N ARG A 24 -12.81 -0.20 -7.88
CA ARG A 24 -14.04 -1.03 -7.77
C ARG A 24 -15.04 -0.59 -8.85
N ARG A 25 -16.11 -1.32 -8.99
CA ARG A 25 -17.12 -0.96 -10.04
C ARG A 25 -18.33 -1.88 -9.91
N SER A 26 -19.02 -1.82 -8.80
CA SER A 26 -20.22 -2.68 -8.63
C SER A 26 -20.67 -2.65 -7.17
N GLY A 27 -21.34 -1.61 -6.77
CA GLY A 27 -21.81 -1.52 -5.35
C GLY A 27 -21.72 -0.07 -4.87
N LEU A 28 -22.11 0.19 -3.65
CA LEU A 28 -22.05 1.57 -3.13
C LEU A 28 -20.59 2.06 -3.15
N SER A 29 -19.67 1.21 -2.79
CA SER A 29 -18.24 1.62 -2.79
C SER A 29 -17.76 1.80 -4.23
N ALA A 30 -18.63 2.16 -5.12
CA ALA A 30 -18.23 2.35 -6.54
C ALA A 30 -17.27 3.54 -6.64
N GLY A 31 -16.33 3.48 -7.55
CA GLY A 31 -15.37 4.61 -7.69
C GLY A 31 -14.30 4.52 -6.61
N HIS A 32 -14.54 3.72 -5.59
CA HIS A 32 -13.53 3.58 -4.51
C HIS A 32 -12.50 2.51 -4.90
N ARG A 33 -11.25 2.82 -4.78
CA ARG A 33 -10.20 1.82 -5.14
C ARG A 33 -9.46 1.36 -3.88
N ASP A 34 -9.28 0.09 -3.72
CA ASP A 34 -8.55 -0.41 -2.52
C ASP A 34 -7.04 -0.45 -2.81
N VAL A 35 -6.23 -0.12 -1.85
CA VAL A 35 -4.77 -0.15 -2.08
C VAL A 35 -4.14 -1.26 -1.23
N PHE A 36 -3.39 -2.13 -1.84
CA PHE A 36 -2.73 -3.22 -1.07
C PHE A 36 -1.22 -3.03 -1.10
N TYR A 37 -0.55 -3.35 -0.03
CA TYR A 37 0.93 -3.18 0.00
C TYR A 37 1.59 -4.56 0.07
N TYR A 38 2.77 -4.69 -0.50
CA TYR A 38 3.47 -6.00 -0.47
C TYR A 38 4.89 -5.81 0.06
N SER A 39 5.37 -6.72 0.87
CA SER A 39 6.75 -6.59 1.40
C SER A 39 7.71 -7.41 0.54
N PRO A 40 8.98 -7.34 0.85
CA PRO A 40 10.04 -8.09 0.10
C PRO A 40 9.74 -9.59 0.04
N SER A 41 9.07 -10.12 1.02
CA SER A 41 8.75 -11.57 1.02
C SER A 41 7.43 -11.80 0.29
N GLY A 42 6.78 -10.75 -0.14
CA GLY A 42 5.48 -10.91 -0.86
C GLY A 42 4.34 -10.95 0.16
N LYS A 43 4.56 -10.43 1.33
CA LYS A 43 3.48 -10.43 2.37
C LYS A 43 2.41 -9.42 2.00
N LYS A 44 1.18 -9.84 1.88
CA LYS A 44 0.09 -8.88 1.54
C LYS A 44 -0.51 -8.33 2.83
N PHE A 45 -0.49 -7.03 2.99
CA PHE A 45 -1.07 -6.43 4.22
C PHE A 45 -1.80 -5.13 3.86
N ARG A 46 -2.84 -4.80 4.57
CA ARG A 46 -3.58 -3.54 4.28
C ARG A 46 -4.03 -2.90 5.59
N SER A 47 -3.12 -2.38 6.36
CA SER A 47 -3.51 -1.73 7.64
C SER A 47 -2.40 -0.76 8.08
N LYS A 48 -2.77 0.34 8.67
CA LYS A 48 -1.74 1.32 9.12
C LYS A 48 -0.88 0.70 10.23
N PRO A 49 -1.51 0.00 11.13
CA PRO A 49 -0.81 -0.68 12.26
C PRO A 49 0.27 -1.65 11.78
N GLN A 50 0.01 -2.38 10.74
CA GLN A 50 1.02 -3.34 10.22
C GLN A 50 2.20 -2.56 9.62
N LEU A 51 1.93 -1.49 8.95
CA LEU A 51 3.03 -0.68 8.34
C LEU A 51 3.95 -0.17 9.44
N ALA A 52 3.40 0.37 10.49
CA ALA A 52 4.24 0.91 11.58
C ALA A 52 4.85 -0.26 12.38
N ARG A 53 4.06 -1.25 12.67
CA ARG A 53 4.57 -2.41 13.45
C ARG A 53 5.75 -3.04 12.70
N TYR A 54 5.60 -3.27 11.43
CA TYR A 54 6.72 -3.89 10.65
C TYR A 54 7.87 -2.90 10.52
N LEU A 55 7.59 -1.71 10.03
CA LEU A 55 8.68 -0.71 9.86
C LEU A 55 8.96 -0.04 11.20
N GLY A 56 8.26 -0.42 12.24
CA GLY A 56 8.49 0.20 13.57
C GLY A 56 9.96 0.02 13.96
N GLY A 57 10.79 0.96 13.61
CA GLY A 57 12.24 0.85 13.96
C GLY A 57 13.09 1.15 12.73
N SER A 58 12.47 1.44 11.62
CA SER A 58 13.24 1.76 10.39
C SER A 58 13.18 3.26 10.12
N MET A 59 12.10 3.89 10.49
CA MET A 59 11.97 5.35 10.25
C MET A 59 10.63 5.85 10.80
N ASP A 60 10.39 7.13 10.73
CA ASP A 60 9.10 7.67 11.24
C ASP A 60 8.04 7.58 10.15
N LEU A 61 7.14 6.64 10.26
CA LEU A 61 6.09 6.50 9.22
C LEU A 61 4.91 7.43 9.55
N SER A 62 5.00 8.15 10.63
CA SER A 62 3.89 9.07 11.00
C SER A 62 3.58 9.99 9.83
N THR A 63 4.58 10.43 9.12
CA THR A 63 4.34 11.33 7.95
C THR A 63 4.27 10.50 6.67
N PHE A 64 3.55 9.42 6.69
CA PHE A 64 3.44 8.57 5.48
C PHE A 64 1.96 8.45 5.07
N ASP A 65 1.68 8.70 3.82
CA ASP A 65 0.25 8.60 3.36
C ASP A 65 -0.03 7.18 2.87
N PHE A 66 -0.83 6.43 3.60
CA PHE A 66 -1.14 5.05 3.18
C PHE A 66 -2.16 5.07 2.04
N ARG A 67 -3.13 5.93 2.12
CA ARG A 67 -4.17 6.01 1.05
C ARG A 67 -3.49 6.35 -0.28
N THR A 68 -2.54 7.23 -0.26
CA THR A 68 -1.85 7.63 -1.52
C THR A 68 -0.52 6.88 -1.63
N GLY A 69 -0.06 6.33 -0.55
CA GLY A 69 1.24 5.58 -0.60
C GLY A 69 2.38 6.55 -0.93
N LYS A 70 2.37 7.71 -0.34
CA LYS A 70 3.45 8.69 -0.62
C LYS A 70 3.93 9.32 0.68
N MET A 71 5.20 9.58 0.80
CA MET A 71 5.73 10.19 2.06
C MET A 71 5.58 11.70 2.00
N LEU A 72 5.04 12.30 3.04
CA LEU A 72 4.86 13.78 3.04
C LEU A 72 4.90 14.29 4.48
N GLY A 1 1.77 -4.44 -16.52
CA GLY A 1 0.41 -4.73 -17.15
C GLY A 1 -0.69 -3.74 -17.01
N SER A 2 -0.78 -3.09 -15.89
CA SER A 2 -1.85 -2.07 -15.69
C SER A 2 -3.23 -2.74 -15.83
N MET A 3 -3.25 -4.03 -15.90
CA MET A 3 -4.56 -4.74 -16.04
C MET A 3 -5.36 -4.59 -14.75
N GLU A 4 -6.31 -3.70 -14.73
CA GLU A 4 -7.13 -3.51 -13.49
C GLU A 4 -6.21 -3.56 -12.26
N ARG A 5 -4.96 -3.20 -12.43
CA ARG A 5 -4.02 -3.23 -11.27
C ARG A 5 -2.93 -2.19 -11.48
N LYS A 6 -3.03 -1.07 -10.82
CA LYS A 6 -1.99 -0.01 -10.97
C LYS A 6 -0.71 -0.43 -10.24
N ARG A 7 0.39 0.20 -10.54
CA ARG A 7 1.67 -0.19 -9.87
C ARG A 7 2.50 1.06 -9.61
N TRP A 8 3.05 1.18 -8.43
CA TRP A 8 3.87 2.38 -8.11
C TRP A 8 4.79 2.06 -6.92
N GLU A 9 6.04 2.39 -7.01
CA GLU A 9 6.98 2.12 -5.89
C GLU A 9 6.70 3.11 -4.75
N CYS A 10 6.92 2.70 -3.53
CA CYS A 10 6.65 3.63 -2.39
C CYS A 10 7.98 3.97 -1.71
N PRO A 11 8.50 5.14 -2.00
CA PRO A 11 9.78 5.63 -1.39
C PRO A 11 9.74 5.59 0.14
N ALA A 12 8.59 5.73 0.72
CA ALA A 12 8.50 5.70 2.21
C ALA A 12 8.87 4.31 2.71
N LEU A 13 8.71 3.31 1.89
CA LEU A 13 9.05 1.92 2.33
C LEU A 13 10.46 1.57 1.86
N PRO A 14 11.09 0.64 2.54
CA PRO A 14 12.47 0.19 2.18
C PRO A 14 12.55 -0.38 0.76
N GLN A 15 13.63 -0.14 0.08
CA GLN A 15 13.78 -0.66 -1.30
C GLN A 15 13.38 -2.15 -1.33
N GLY A 16 12.52 -2.53 -2.23
CA GLY A 16 12.09 -3.95 -2.30
C GLY A 16 10.57 -4.03 -2.08
N TRP A 17 10.00 -3.03 -1.46
CA TRP A 17 8.53 -3.06 -1.22
C TRP A 17 7.80 -2.54 -2.46
N GLU A 18 6.60 -3.00 -2.68
CA GLU A 18 5.84 -2.55 -3.88
C GLU A 18 4.45 -2.06 -3.46
N ARG A 19 3.93 -1.08 -4.14
CA ARG A 19 2.57 -0.57 -3.79
C ARG A 19 1.70 -0.55 -5.05
N GLU A 20 0.58 -1.21 -5.02
CA GLU A 20 -0.32 -1.21 -6.22
C GLU A 20 -1.75 -0.89 -5.79
N GLU A 21 -2.43 -0.09 -6.57
CA GLU A 21 -3.84 0.26 -6.21
C GLU A 21 -4.81 -0.69 -6.93
N VAL A 22 -5.88 -1.05 -6.29
CA VAL A 22 -6.84 -1.99 -6.93
C VAL A 22 -8.24 -1.37 -6.91
N PRO A 23 -8.95 -1.46 -8.01
CA PRO A 23 -10.33 -0.90 -8.13
C PRO A 23 -11.33 -1.63 -7.23
N ARG A 24 -12.36 -0.95 -6.81
CA ARG A 24 -13.35 -1.60 -5.91
C ARG A 24 -13.96 -2.82 -6.60
N ARG A 25 -13.33 -3.96 -6.47
CA ARG A 25 -13.89 -5.20 -7.08
C ARG A 25 -14.63 -6.01 -6.02
N SER A 26 -15.93 -5.97 -6.02
CA SER A 26 -16.71 -6.74 -5.00
C SER A 26 -16.40 -6.19 -3.61
N GLY A 27 -17.39 -6.07 -2.77
CA GLY A 27 -17.16 -5.55 -1.40
C GLY A 27 -18.28 -4.59 -1.02
N LEU A 28 -18.65 -4.56 0.24
CA LEU A 28 -19.75 -3.65 0.67
C LEU A 28 -19.24 -2.20 0.65
N SER A 29 -18.10 -1.96 1.23
CA SER A 29 -17.56 -0.57 1.24
C SER A 29 -17.08 -0.19 -0.17
N ALA A 30 -17.23 -1.08 -1.11
CA ALA A 30 -16.78 -0.77 -2.50
C ALA A 30 -17.20 0.66 -2.86
N GLY A 31 -16.73 1.16 -3.96
CA GLY A 31 -17.09 2.55 -4.36
C GLY A 31 -15.82 3.38 -4.57
N HIS A 32 -14.73 2.97 -3.95
CA HIS A 32 -13.46 3.72 -4.12
C HIS A 32 -12.35 2.77 -4.56
N ARG A 33 -11.12 3.17 -4.41
CA ARG A 33 -10.00 2.28 -4.81
C ARG A 33 -9.24 1.82 -3.57
N ASP A 34 -9.04 0.54 -3.42
CA ASP A 34 -8.32 0.02 -2.22
C ASP A 34 -6.83 -0.08 -2.54
N VAL A 35 -5.99 0.27 -1.60
CA VAL A 35 -4.52 0.20 -1.84
C VAL A 35 -3.94 -0.99 -1.08
N PHE A 36 -3.13 -1.78 -1.74
CA PHE A 36 -2.52 -2.96 -1.04
C PHE A 36 -0.99 -2.83 -1.08
N TYR A 37 -0.34 -3.23 -0.03
CA TYR A 37 1.15 -3.13 0.00
C TYR A 37 1.75 -4.54 0.00
N TYR A 38 2.89 -4.71 -0.62
CA TYR A 38 3.53 -6.05 -0.64
C TYR A 38 4.98 -5.94 -0.14
N SER A 39 5.41 -6.90 0.64
CA SER A 39 6.81 -6.85 1.15
C SER A 39 7.70 -7.78 0.32
N PRO A 40 8.98 -7.63 0.44
CA PRO A 40 9.97 -8.46 -0.31
C PRO A 40 9.80 -9.96 0.00
N SER A 41 9.16 -10.29 1.08
CA SER A 41 8.96 -11.73 1.43
C SER A 41 7.65 -12.22 0.82
N GLY A 42 6.94 -11.36 0.13
CA GLY A 42 5.65 -11.78 -0.48
C GLY A 42 4.52 -11.64 0.54
N LYS A 43 4.76 -10.93 1.61
CA LYS A 43 3.70 -10.76 2.64
C LYS A 43 2.73 -9.67 2.20
N LYS A 44 1.48 -10.02 2.00
CA LYS A 44 0.48 -8.99 1.60
C LYS A 44 -0.20 -8.43 2.84
N PHE A 45 -0.24 -7.13 2.98
CA PHE A 45 -0.89 -6.52 4.17
C PHE A 45 -1.69 -5.30 3.74
N ARG A 46 -2.78 -5.02 4.41
CA ARG A 46 -3.60 -3.83 4.05
C ARG A 46 -4.04 -3.11 5.32
N SER A 47 -3.12 -2.62 6.09
CA SER A 47 -3.49 -1.91 7.35
C SER A 47 -2.44 -0.85 7.67
N LYS A 48 -2.86 0.35 7.99
CA LYS A 48 -1.87 1.42 8.30
C LYS A 48 -0.94 0.95 9.41
N PRO A 49 -1.50 0.39 10.46
CA PRO A 49 -0.71 -0.12 11.61
C PRO A 49 0.40 -1.08 11.19
N GLN A 50 0.14 -1.88 10.19
CA GLN A 50 1.19 -2.84 9.73
C GLN A 50 2.37 -2.08 9.13
N LEU A 51 2.10 -1.00 8.44
CA LEU A 51 3.20 -0.21 7.82
C LEU A 51 4.08 0.40 8.91
N ALA A 52 3.48 1.13 9.83
CA ALA A 52 4.28 1.78 10.90
C ALA A 52 4.88 0.71 11.81
N ARG A 53 4.08 -0.23 12.24
CA ARG A 53 4.60 -1.29 13.15
C ARG A 53 5.75 -2.03 12.47
N TYR A 54 5.58 -2.39 11.23
CA TYR A 54 6.66 -3.13 10.51
C TYR A 54 7.85 -2.20 10.28
N LEU A 55 7.62 -1.08 9.66
CA LEU A 55 8.74 -0.13 9.38
C LEU A 55 9.05 0.68 10.64
N GLY A 56 8.32 0.44 11.70
CA GLY A 56 8.58 1.19 12.96
C GLY A 56 10.06 1.10 13.32
N GLY A 57 10.45 1.64 14.45
CA GLY A 57 11.87 1.58 14.85
C GLY A 57 12.76 1.91 13.65
N SER A 58 12.82 1.03 12.68
CA SER A 58 13.69 1.27 11.50
C SER A 58 13.29 2.60 10.84
N MET A 59 12.04 2.95 10.91
CA MET A 59 11.59 4.22 10.27
C MET A 59 10.18 4.57 10.76
N ASP A 60 9.77 5.80 10.63
CA ASP A 60 8.41 6.20 11.09
C ASP A 60 7.53 6.50 9.87
N LEU A 61 6.37 5.92 9.81
CA LEU A 61 5.48 6.15 8.65
C LEU A 61 4.22 6.88 9.11
N SER A 62 4.24 7.46 10.28
CA SER A 62 3.06 8.18 10.78
C SER A 62 2.68 9.30 9.80
N THR A 63 3.66 9.94 9.23
CA THR A 63 3.36 11.04 8.27
C THR A 63 3.22 10.46 6.86
N PHE A 64 2.97 9.18 6.77
CA PHE A 64 2.82 8.55 5.42
C PHE A 64 1.35 8.64 4.99
N ASP A 65 1.11 9.07 3.77
CA ASP A 65 -0.29 9.19 3.29
C ASP A 65 -0.77 7.83 2.79
N PHE A 66 -1.70 7.23 3.49
CA PHE A 66 -2.22 5.90 3.05
C PHE A 66 -3.17 6.08 1.87
N ARG A 67 -3.99 7.09 1.91
CA ARG A 67 -4.96 7.31 0.79
C ARG A 67 -4.20 7.59 -0.50
N THR A 68 -3.17 8.39 -0.42
CA THR A 68 -2.39 8.73 -1.65
C THR A 68 -1.14 7.84 -1.72
N GLY A 69 -0.82 7.17 -0.65
CA GLY A 69 0.39 6.29 -0.66
C GLY A 69 1.63 7.13 -0.88
N LYS A 70 1.69 8.30 -0.27
CA LYS A 70 2.89 9.17 -0.45
C LYS A 70 3.24 9.83 0.88
N MET A 71 4.47 10.26 1.04
CA MET A 71 4.87 10.91 2.31
C MET A 71 4.54 12.40 2.26
N LEU A 72 3.92 12.92 3.28
CA LEU A 72 3.57 14.37 3.28
C LEU A 72 4.47 15.11 4.28
N GLY A 1 0.16 -3.26 -13.98
CA GLY A 1 -0.57 -2.83 -15.25
C GLY A 1 -1.88 -2.14 -15.15
N SER A 2 -2.48 -1.81 -16.27
CA SER A 2 -3.80 -1.13 -16.24
C SER A 2 -4.92 -2.18 -16.23
N MET A 3 -4.56 -3.44 -16.17
CA MET A 3 -5.60 -4.50 -16.18
C MET A 3 -6.35 -4.47 -14.84
N GLU A 4 -6.86 -3.34 -14.44
CA GLU A 4 -7.60 -3.25 -13.15
C GLU A 4 -6.65 -3.53 -11.99
N ARG A 5 -5.37 -3.47 -12.24
CA ARG A 5 -4.39 -3.71 -11.13
C ARG A 5 -3.01 -3.20 -11.57
N LYS A 6 -2.52 -2.17 -10.92
CA LYS A 6 -1.19 -1.62 -11.30
C LYS A 6 -0.27 -1.66 -10.07
N ARG A 7 0.76 -2.46 -10.12
CA ARG A 7 1.69 -2.53 -8.95
C ARG A 7 2.97 -1.75 -9.28
N TRP A 8 3.31 -0.79 -8.46
CA TRP A 8 4.53 0.01 -8.73
C TRP A 8 5.43 -0.03 -7.48
N GLU A 9 6.60 0.55 -7.57
CA GLU A 9 7.51 0.56 -6.40
C GLU A 9 7.11 1.69 -5.44
N CYS A 10 7.43 1.56 -4.18
CA CYS A 10 7.06 2.63 -3.21
C CYS A 10 8.33 3.29 -2.67
N PRO A 11 8.67 4.43 -3.20
CA PRO A 11 9.87 5.20 -2.76
C PRO A 11 9.90 5.44 -1.25
N ALA A 12 8.76 5.70 -0.67
CA ALA A 12 8.73 5.95 0.80
C ALA A 12 9.30 4.74 1.55
N LEU A 13 9.00 3.56 1.09
CA LEU A 13 9.54 2.34 1.76
C LEU A 13 10.85 1.93 1.12
N PRO A 14 11.68 1.24 1.85
CA PRO A 14 13.01 0.78 1.35
C PRO A 14 12.90 -0.04 0.06
N GLN A 15 13.97 -0.16 -0.68
CA GLN A 15 13.92 -0.93 -1.96
C GLN A 15 13.38 -2.33 -1.68
N GLY A 16 12.34 -2.72 -2.38
CA GLY A 16 11.78 -4.08 -2.17
C GLY A 16 10.28 -3.98 -1.84
N TRP A 17 9.85 -2.84 -1.38
CA TRP A 17 8.40 -2.67 -1.07
C TRP A 17 7.66 -2.17 -2.32
N GLU A 18 6.48 -2.67 -2.55
CA GLU A 18 5.72 -2.24 -3.76
C GLU A 18 4.26 -1.96 -3.37
N ARG A 19 3.60 -1.10 -4.09
CA ARG A 19 2.17 -0.81 -3.79
C ARG A 19 1.31 -1.19 -4.99
N GLU A 20 0.02 -1.37 -4.78
CA GLU A 20 -0.86 -1.75 -5.91
C GLU A 20 -2.21 -1.06 -5.76
N GLU A 21 -2.76 -0.55 -6.84
CA GLU A 21 -4.07 0.16 -6.76
C GLU A 21 -5.13 -0.69 -7.46
N VAL A 22 -6.26 -0.90 -6.82
CA VAL A 22 -7.33 -1.71 -7.46
C VAL A 22 -8.68 -1.04 -7.23
N PRO A 23 -9.38 -0.75 -8.30
CA PRO A 23 -10.71 -0.08 -8.23
C PRO A 23 -11.82 -1.05 -7.80
N ARG A 24 -12.68 -0.62 -6.91
CA ARG A 24 -13.77 -1.53 -6.46
C ARG A 24 -15.02 -1.29 -7.32
N ARG A 25 -16.00 -2.13 -7.19
CA ARG A 25 -17.25 -1.95 -7.99
C ARG A 25 -18.46 -1.93 -7.06
N SER A 26 -19.26 -0.90 -7.13
CA SER A 26 -20.46 -0.82 -6.24
C SER A 26 -21.37 0.32 -6.71
N GLY A 27 -22.61 0.28 -6.35
CA GLY A 27 -23.55 1.35 -6.78
C GLY A 27 -23.14 2.67 -6.13
N LEU A 28 -23.62 2.94 -4.94
CA LEU A 28 -23.27 4.22 -4.27
C LEU A 28 -21.79 4.20 -3.87
N SER A 29 -21.27 3.06 -3.53
CA SER A 29 -19.83 2.98 -3.13
C SER A 29 -18.96 2.98 -4.38
N ALA A 30 -19.51 3.34 -5.51
CA ALA A 30 -18.71 3.36 -6.76
C ALA A 30 -17.54 4.33 -6.60
N GLY A 31 -16.44 4.07 -7.24
CA GLY A 31 -15.26 4.96 -7.12
C GLY A 31 -14.38 4.51 -5.95
N HIS A 32 -14.90 3.68 -5.09
CA HIS A 32 -14.11 3.20 -3.93
C HIS A 32 -12.86 2.47 -4.45
N ARG A 33 -11.70 3.02 -4.25
CA ARG A 33 -10.46 2.35 -4.74
C ARG A 33 -9.60 1.93 -3.54
N ASP A 34 -9.24 0.68 -3.47
CA ASP A 34 -8.41 0.21 -2.33
C ASP A 34 -6.98 -0.05 -2.81
N VAL A 35 -6.00 0.28 -2.01
CA VAL A 35 -4.59 0.05 -2.42
C VAL A 35 -3.96 -0.99 -1.50
N PHE A 36 -3.29 -1.96 -2.06
CA PHE A 36 -2.64 -2.99 -1.21
C PHE A 36 -1.12 -2.78 -1.23
N TYR A 37 -0.46 -3.11 -0.15
CA TYR A 37 1.02 -2.90 -0.09
C TYR A 37 1.72 -4.26 0.04
N TYR A 38 2.88 -4.40 -0.52
CA TYR A 38 3.60 -5.70 -0.43
C TYR A 38 5.04 -5.46 0.05
N SER A 39 5.55 -6.35 0.86
CA SER A 39 6.95 -6.17 1.35
C SER A 39 7.90 -7.01 0.51
N PRO A 40 9.17 -6.91 0.78
CA PRO A 40 10.22 -7.67 0.04
C PRO A 40 9.95 -9.19 0.05
N SER A 41 9.29 -9.67 1.06
CA SER A 41 9.00 -11.13 1.12
C SER A 41 7.66 -11.41 0.43
N GLY A 42 7.02 -10.38 -0.08
CA GLY A 42 5.71 -10.60 -0.76
C GLY A 42 4.59 -10.61 0.29
N LYS A 43 4.86 -10.10 1.47
CA LYS A 43 3.81 -10.08 2.53
C LYS A 43 2.74 -9.06 2.15
N LYS A 44 1.51 -9.49 2.06
CA LYS A 44 0.41 -8.55 1.70
C LYS A 44 -0.21 -7.98 2.98
N PHE A 45 -0.28 -6.68 3.10
CA PHE A 45 -0.87 -6.07 4.32
C PHE A 45 -1.71 -4.85 3.94
N ARG A 46 -2.76 -4.60 4.65
CA ARG A 46 -3.61 -3.41 4.33
C ARG A 46 -4.04 -2.73 5.63
N SER A 47 -3.11 -2.29 6.42
CA SER A 47 -3.47 -1.62 7.70
C SER A 47 -2.36 -0.64 8.10
N LYS A 48 -2.71 0.57 8.44
CA LYS A 48 -1.69 1.57 8.83
C LYS A 48 -0.93 1.06 10.06
N PRO A 49 -1.64 0.56 11.03
CA PRO A 49 -1.04 0.03 12.29
C PRO A 49 0.00 -1.07 12.02
N GLN A 50 -0.31 -1.97 11.11
CA GLN A 50 0.67 -3.05 10.79
C GLN A 50 1.92 -2.44 10.16
N LEU A 51 1.76 -1.42 9.37
CA LEU A 51 2.94 -0.79 8.72
C LEU A 51 3.87 -0.22 9.79
N ALA A 52 3.32 0.45 10.78
CA ALA A 52 4.17 1.02 11.85
C ALA A 52 4.61 -0.08 12.81
N ARG A 53 3.69 -0.92 13.23
CA ARG A 53 4.04 -2.02 14.17
C ARG A 53 5.20 -2.83 13.59
N TYR A 54 5.33 -2.86 12.29
CA TYR A 54 6.42 -3.65 11.66
C TYR A 54 7.60 -2.72 11.34
N LEU A 55 7.35 -1.66 10.62
CA LEU A 55 8.46 -0.73 10.24
C LEU A 55 8.37 0.55 11.06
N GLY A 56 7.33 0.69 11.86
CA GLY A 56 7.19 1.92 12.68
C GLY A 56 8.38 2.04 13.64
N GLY A 57 9.26 1.08 13.63
CA GLY A 57 10.44 1.14 14.53
C GLY A 57 11.66 1.65 13.76
N SER A 58 11.97 1.05 12.65
CA SER A 58 13.14 1.50 11.85
C SER A 58 12.77 2.77 11.08
N MET A 59 11.51 3.11 11.06
CA MET A 59 11.09 4.34 10.32
C MET A 59 9.74 4.82 10.84
N ASP A 60 9.47 6.08 10.75
CA ASP A 60 8.15 6.61 11.25
C ASP A 60 7.14 6.60 10.10
N LEU A 61 6.16 5.75 10.18
CA LEU A 61 5.13 5.70 9.09
C LEU A 61 3.95 6.59 9.47
N SER A 62 4.00 7.20 10.62
CA SER A 62 2.88 8.09 11.04
C SER A 62 2.67 9.19 9.99
N THR A 63 3.74 9.68 9.43
CA THR A 63 3.61 10.76 8.40
C THR A 63 3.53 10.13 7.01
N PHE A 64 3.37 8.84 6.95
CA PHE A 64 3.29 8.16 5.62
C PHE A 64 1.84 8.15 5.14
N ASP A 65 1.61 8.52 3.91
CA ASP A 65 0.22 8.54 3.38
C ASP A 65 -0.16 7.15 2.87
N PHE A 66 -1.05 6.48 3.55
CA PHE A 66 -1.43 5.11 3.10
C PHE A 66 -2.39 5.21 1.91
N ARG A 67 -3.31 6.14 1.96
CA ARG A 67 -4.28 6.27 0.83
C ARG A 67 -3.53 6.66 -0.46
N THR A 68 -2.59 7.55 -0.36
CA THR A 68 -1.83 7.96 -1.57
C THR A 68 -0.52 7.16 -1.66
N GLY A 69 -0.16 6.50 -0.59
CA GLY A 69 1.11 5.70 -0.61
C GLY A 69 2.30 6.62 -0.84
N LYS A 70 2.31 7.76 -0.20
CA LYS A 70 3.45 8.72 -0.39
C LYS A 70 3.89 9.24 0.97
N MET A 71 5.16 9.52 1.11
CA MET A 71 5.66 10.04 2.42
C MET A 71 5.58 11.56 2.44
N LEU A 72 4.92 12.13 3.42
CA LEU A 72 4.81 13.61 3.49
C LEU A 72 4.40 14.02 4.91
N GLY A 1 -10.59 -7.62 -21.82
CA GLY A 1 -10.74 -9.01 -21.19
C GLY A 1 -10.42 -9.20 -19.74
N SER A 2 -9.61 -8.34 -19.19
CA SER A 2 -9.25 -8.47 -17.75
C SER A 2 -8.59 -7.18 -17.27
N MET A 3 -9.08 -6.61 -16.21
CA MET A 3 -8.47 -5.35 -15.69
C MET A 3 -7.29 -5.71 -14.77
N GLU A 4 -6.12 -5.22 -15.07
CA GLU A 4 -4.94 -5.52 -14.21
C GLU A 4 -4.69 -4.35 -13.25
N ARG A 5 -4.27 -4.64 -12.05
CA ARG A 5 -4.01 -3.56 -11.07
C ARG A 5 -2.74 -2.80 -11.47
N LYS A 6 -2.46 -1.71 -10.82
CA LYS A 6 -1.24 -0.92 -11.16
C LYS A 6 -0.27 -0.94 -9.97
N ARG A 7 0.83 -1.62 -10.10
CA ARG A 7 1.81 -1.67 -8.97
C ARG A 7 2.85 -0.58 -9.15
N TRP A 8 2.85 0.40 -8.28
CA TRP A 8 3.86 1.50 -8.40
C TRP A 8 4.93 1.32 -7.32
N GLU A 9 6.07 1.92 -7.49
CA GLU A 9 7.15 1.79 -6.48
C GLU A 9 6.84 2.69 -5.29
N CYS A 10 7.08 2.22 -4.09
CA CYS A 10 6.81 3.05 -2.89
C CYS A 10 8.13 3.54 -2.30
N PRO A 11 8.46 4.78 -2.55
CA PRO A 11 9.74 5.38 -2.07
C PRO A 11 9.73 5.64 -0.56
N ALA A 12 8.57 5.57 0.05
CA ALA A 12 8.49 5.82 1.52
C ALA A 12 8.86 4.56 2.28
N LEU A 13 8.79 3.43 1.63
CA LEU A 13 9.13 2.15 2.31
C LEU A 13 10.54 1.71 1.90
N PRO A 14 11.16 0.89 2.71
CA PRO A 14 12.53 0.38 2.43
C PRO A 14 12.66 -0.25 1.04
N GLN A 15 13.78 -0.09 0.40
CA GLN A 15 13.95 -0.67 -0.96
C GLN A 15 13.47 -2.11 -0.96
N GLY A 16 12.54 -2.44 -1.82
CA GLY A 16 12.03 -3.84 -1.88
C GLY A 16 10.52 -3.84 -1.69
N TRP A 17 9.98 -2.81 -1.09
CA TRP A 17 8.51 -2.75 -0.89
C TRP A 17 7.84 -2.17 -2.13
N GLU A 18 6.65 -2.62 -2.45
CA GLU A 18 5.95 -2.12 -3.66
C GLU A 18 4.51 -1.74 -3.30
N ARG A 19 3.96 -0.77 -3.98
CA ARG A 19 2.56 -0.36 -3.68
C ARG A 19 1.68 -0.65 -4.90
N GLU A 20 0.40 -0.79 -4.70
CA GLU A 20 -0.51 -1.10 -5.83
C GLU A 20 -1.91 -0.56 -5.54
N GLU A 21 -2.67 -0.26 -6.56
CA GLU A 21 -4.04 0.26 -6.34
C GLU A 21 -5.05 -0.69 -6.98
N VAL A 22 -6.08 -1.07 -6.26
CA VAL A 22 -7.09 -2.00 -6.83
C VAL A 22 -8.49 -1.44 -6.59
N PRO A 23 -9.25 -1.28 -7.64
CA PRO A 23 -10.64 -0.76 -7.56
C PRO A 23 -11.63 -1.77 -6.97
N ARG A 24 -12.29 -1.42 -5.90
CA ARG A 24 -13.25 -2.37 -5.28
C ARG A 24 -14.54 -2.40 -6.10
N ARG A 25 -15.31 -3.46 -5.98
CA ARG A 25 -16.57 -3.55 -6.75
C ARG A 25 -17.65 -4.23 -5.90
N SER A 26 -18.87 -3.82 -6.04
CA SER A 26 -19.96 -4.43 -5.23
C SER A 26 -21.30 -3.78 -5.60
N GLY A 27 -21.48 -2.54 -5.27
CA GLY A 27 -22.76 -1.86 -5.58
C GLY A 27 -22.73 -0.42 -5.04
N LEU A 28 -23.07 -0.24 -3.79
CA LEU A 28 -23.06 1.12 -3.20
C LEU A 28 -21.63 1.67 -3.22
N SER A 29 -20.66 0.85 -2.90
CA SER A 29 -19.25 1.33 -2.91
C SER A 29 -18.57 0.85 -4.19
N ALA A 30 -19.31 0.70 -5.25
CA ALA A 30 -18.70 0.23 -6.53
C ALA A 30 -17.85 1.35 -7.13
N GLY A 31 -16.56 1.20 -7.14
CA GLY A 31 -15.68 2.24 -7.71
C GLY A 31 -14.67 2.70 -6.66
N HIS A 32 -14.81 2.22 -5.45
CA HIS A 32 -13.84 2.62 -4.38
C HIS A 32 -12.43 2.17 -4.77
N ARG A 33 -11.43 2.85 -4.31
CA ARG A 33 -10.03 2.48 -4.67
C ARG A 33 -9.30 1.95 -3.43
N ASP A 34 -9.05 0.68 -3.39
CA ASP A 34 -8.34 0.10 -2.21
C ASP A 34 -6.84 0.05 -2.50
N VAL A 35 -6.03 0.33 -1.51
CA VAL A 35 -4.56 0.31 -1.73
C VAL A 35 -3.95 -0.91 -1.05
N PHE A 36 -3.12 -1.64 -1.73
CA PHE A 36 -2.48 -2.83 -1.10
C PHE A 36 -0.95 -2.69 -1.18
N TYR A 37 -0.25 -3.16 -0.18
CA TYR A 37 1.23 -3.03 -0.19
C TYR A 37 1.86 -4.44 -0.18
N TYR A 38 3.03 -4.57 -0.73
CA TYR A 38 3.70 -5.90 -0.75
C TYR A 38 5.08 -5.79 -0.09
N SER A 39 5.46 -6.77 0.68
CA SER A 39 6.80 -6.72 1.34
C SER A 39 7.81 -7.50 0.49
N PRO A 40 9.04 -7.51 0.91
CA PRO A 40 10.13 -8.22 0.18
C PRO A 40 9.79 -9.71 -0.04
N SER A 41 9.01 -10.29 0.82
CA SER A 41 8.66 -11.72 0.66
C SER A 41 7.37 -11.83 -0.17
N GLY A 42 6.81 -10.72 -0.55
CA GLY A 42 5.55 -10.76 -1.35
C GLY A 42 4.34 -10.85 -0.41
N LYS A 43 4.50 -10.43 0.81
CA LYS A 43 3.37 -10.50 1.77
C LYS A 43 2.37 -9.37 1.46
N LYS A 44 1.12 -9.72 1.30
CA LYS A 44 0.09 -8.67 1.00
C LYS A 44 -0.54 -8.19 2.31
N PHE A 45 -0.51 -6.91 2.56
CA PHE A 45 -1.11 -6.39 3.82
C PHE A 45 -1.80 -5.04 3.53
N ARG A 46 -2.83 -4.73 4.27
CA ARG A 46 -3.53 -3.44 4.04
C ARG A 46 -3.82 -2.77 5.38
N SER A 47 -2.80 -2.35 6.08
CA SER A 47 -3.02 -1.68 7.39
C SER A 47 -1.81 -0.80 7.72
N LYS A 48 -2.00 0.49 7.82
CA LYS A 48 -0.86 1.39 8.12
C LYS A 48 -0.14 0.91 9.39
N PRO A 49 -0.89 0.61 10.41
CA PRO A 49 -0.33 0.12 11.71
C PRO A 49 0.57 -1.11 11.52
N GLN A 50 0.19 -2.00 10.64
CA GLN A 50 1.03 -3.21 10.40
C GLN A 50 2.41 -2.79 9.89
N LEU A 51 2.45 -1.75 9.09
CA LEU A 51 3.77 -1.28 8.56
C LEU A 51 4.62 -0.74 9.70
N ALA A 52 4.03 0.01 10.59
CA ALA A 52 4.81 0.58 11.73
C ALA A 52 5.27 -0.55 12.64
N ARG A 53 4.37 -1.41 13.05
CA ARG A 53 4.75 -2.53 13.95
C ARG A 53 5.80 -3.41 13.27
N TYR A 54 5.61 -3.73 12.02
CA TYR A 54 6.60 -4.58 11.31
C TYR A 54 7.92 -3.82 11.17
N LEU A 55 7.88 -2.64 10.61
CA LEU A 55 9.13 -1.85 10.44
C LEU A 55 9.73 -1.55 11.82
N GLY A 56 8.91 -1.20 12.76
CA GLY A 56 9.42 -0.89 14.13
C GLY A 56 9.68 0.61 14.26
N GLY A 57 10.67 0.99 15.01
CA GLY A 57 10.97 2.45 15.17
C GLY A 57 12.11 2.84 14.22
N SER A 58 12.24 2.15 13.12
CA SER A 58 13.33 2.48 12.16
C SER A 58 12.81 3.52 11.15
N MET A 59 11.52 3.54 10.92
CA MET A 59 10.97 4.53 9.96
C MET A 59 9.61 5.02 10.46
N ASP A 60 9.38 6.31 10.42
CA ASP A 60 8.07 6.84 10.88
C ASP A 60 7.15 7.08 9.68
N LEU A 61 6.06 6.38 9.61
CA LEU A 61 5.14 6.55 8.45
C LEU A 61 4.03 7.53 8.83
N SER A 62 4.09 8.08 10.01
CA SER A 62 3.03 9.05 10.44
C SER A 62 2.87 10.13 9.36
N THR A 63 3.95 10.55 8.76
CA THR A 63 3.85 11.58 7.69
C THR A 63 3.80 10.90 6.32
N PHE A 64 3.10 9.81 6.23
CA PHE A 64 3.01 9.09 4.92
C PHE A 64 1.54 8.89 4.55
N ASP A 65 1.16 9.32 3.37
CA ASP A 65 -0.26 9.17 2.95
C ASP A 65 -0.52 7.72 2.53
N PHE A 66 -1.23 6.98 3.33
CA PHE A 66 -1.50 5.56 2.98
C PHE A 66 -2.56 5.50 1.87
N ARG A 67 -3.64 6.21 2.03
CA ARG A 67 -4.69 6.21 0.97
C ARG A 67 -4.09 6.59 -0.37
N THR A 68 -3.22 7.57 -0.38
CA THR A 68 -2.59 7.99 -1.67
C THR A 68 -1.21 7.35 -1.79
N GLY A 69 -0.69 6.82 -0.72
CA GLY A 69 0.65 6.17 -0.78
C GLY A 69 1.71 7.23 -1.11
N LYS A 70 1.50 8.44 -0.68
CA LYS A 70 2.50 9.52 -0.97
C LYS A 70 3.17 9.95 0.34
N MET A 71 4.40 10.40 0.26
CA MET A 71 5.11 10.84 1.49
C MET A 71 4.93 12.35 1.67
N LEU A 72 4.42 12.77 2.79
CA LEU A 72 4.22 14.22 3.02
C LEU A 72 5.35 14.76 3.92
N GLY A 1 -9.56 -9.27 -17.18
CA GLY A 1 -8.61 -8.82 -16.07
C GLY A 1 -8.82 -7.50 -15.42
N SER A 2 -8.03 -7.18 -14.43
CA SER A 2 -8.19 -5.87 -13.74
C SER A 2 -7.70 -4.75 -14.65
N MET A 3 -8.06 -3.53 -14.36
CA MET A 3 -7.62 -2.40 -15.21
C MET A 3 -6.16 -2.05 -14.90
N GLU A 4 -5.23 -2.65 -15.60
CA GLU A 4 -3.80 -2.35 -15.34
C GLU A 4 -3.61 -1.97 -13.87
N ARG A 5 -3.44 -2.93 -13.01
CA ARG A 5 -3.26 -2.62 -11.56
C ARG A 5 -2.22 -1.50 -11.40
N LYS A 6 -2.57 -0.45 -10.70
CA LYS A 6 -1.62 0.67 -10.52
C LYS A 6 -0.38 0.18 -9.76
N ARG A 7 0.77 0.74 -10.05
CA ARG A 7 2.00 0.31 -9.35
C ARG A 7 2.97 1.48 -9.25
N TRP A 8 3.62 1.64 -8.13
CA TRP A 8 4.58 2.77 -7.97
C TRP A 8 5.43 2.55 -6.71
N GLU A 9 6.69 2.89 -6.77
CA GLU A 9 7.56 2.74 -5.57
C GLU A 9 7.79 4.10 -4.92
N CYS A 10 7.82 4.15 -3.63
CA CYS A 10 8.03 5.45 -2.93
C CYS A 10 9.36 5.43 -2.18
N PRO A 11 10.18 6.42 -2.39
CA PRO A 11 11.50 6.55 -1.70
C PRO A 11 11.38 6.40 -0.18
N ALA A 12 10.22 6.67 0.36
CA ALA A 12 10.04 6.55 1.83
C ALA A 12 10.05 5.08 2.23
N LEU A 13 9.86 4.19 1.28
CA LEU A 13 9.85 2.75 1.61
C LEU A 13 11.20 2.13 1.22
N PRO A 14 11.61 1.12 1.94
CA PRO A 14 12.91 0.41 1.68
C PRO A 14 12.89 -0.35 0.35
N GLN A 15 14.00 -0.48 -0.30
CA GLN A 15 14.05 -1.20 -1.60
C GLN A 15 13.45 -2.59 -1.43
N GLY A 16 12.48 -2.94 -2.23
CA GLY A 16 11.87 -4.28 -2.12
C GLY A 16 10.37 -4.15 -1.86
N TRP A 17 9.96 -3.09 -1.23
CA TRP A 17 8.50 -2.89 -0.97
C TRP A 17 7.86 -2.14 -2.14
N GLU A 18 6.58 -2.29 -2.33
CA GLU A 18 5.92 -1.61 -3.47
C GLU A 18 4.46 -1.31 -3.09
N ARG A 19 3.82 -0.45 -3.84
CA ARG A 19 2.39 -0.12 -3.54
C ARG A 19 1.57 -0.18 -4.83
N GLU A 20 0.46 -0.85 -4.81
CA GLU A 20 -0.36 -0.95 -6.06
C GLU A 20 -1.83 -0.75 -5.71
N GLU A 21 -2.56 -0.07 -6.56
CA GLU A 21 -4.01 0.16 -6.30
C GLU A 21 -4.84 -0.81 -7.15
N VAL A 22 -5.97 -1.24 -6.65
CA VAL A 22 -6.80 -2.20 -7.43
C VAL A 22 -8.27 -1.99 -7.09
N PRO A 23 -9.09 -1.82 -8.09
CA PRO A 23 -10.56 -1.63 -7.91
C PRO A 23 -11.28 -2.95 -7.63
N ARG A 24 -12.23 -2.93 -6.74
CA ARG A 24 -12.99 -4.18 -6.43
C ARG A 24 -13.84 -4.58 -7.63
N ARG A 25 -14.12 -5.85 -7.77
CA ARG A 25 -14.96 -6.30 -8.91
C ARG A 25 -16.10 -7.18 -8.41
N SER A 26 -15.91 -7.84 -7.31
CA SER A 26 -16.98 -8.72 -6.76
C SER A 26 -16.98 -8.66 -5.23
N GLY A 27 -18.00 -8.09 -4.64
CA GLY A 27 -18.04 -8.00 -3.16
C GLY A 27 -19.22 -7.12 -2.73
N LEU A 28 -19.52 -7.09 -1.47
CA LEU A 28 -20.66 -6.25 -0.99
C LEU A 28 -20.36 -4.77 -1.29
N SER A 29 -19.15 -4.35 -1.06
CA SER A 29 -18.81 -2.93 -1.32
C SER A 29 -18.24 -2.80 -2.74
N ALA A 30 -18.41 -3.79 -3.56
CA ALA A 30 -17.89 -3.72 -4.95
C ALA A 30 -18.14 -2.31 -5.51
N GLY A 31 -17.14 -1.74 -6.13
CA GLY A 31 -17.31 -0.37 -6.68
C GLY A 31 -16.26 0.57 -6.09
N HIS A 32 -15.91 0.36 -4.85
CA HIS A 32 -14.88 1.23 -4.21
C HIS A 32 -13.49 0.77 -4.63
N ARG A 33 -12.46 1.49 -4.26
CA ARG A 33 -11.09 1.09 -4.64
C ARG A 33 -10.26 0.86 -3.37
N ASP A 34 -9.48 -0.19 -3.35
CA ASP A 34 -8.65 -0.46 -2.14
C ASP A 34 -7.17 -0.55 -2.55
N VAL A 35 -6.29 -0.08 -1.71
CA VAL A 35 -4.84 -0.13 -2.05
C VAL A 35 -4.17 -1.22 -1.21
N PHE A 36 -3.32 -2.00 -1.82
CA PHE A 36 -2.63 -3.08 -1.06
C PHE A 36 -1.11 -2.90 -1.17
N TYR A 37 -0.39 -3.25 -0.15
CA TYR A 37 1.09 -3.09 -0.21
C TYR A 37 1.75 -4.48 -0.21
N TYR A 38 2.78 -4.65 -1.00
CA TYR A 38 3.46 -5.97 -1.05
C TYR A 38 4.89 -5.83 -0.50
N SER A 39 5.26 -6.67 0.43
CA SER A 39 6.64 -6.60 0.98
C SER A 39 7.52 -7.63 0.29
N PRO A 40 8.78 -7.65 0.64
CA PRO A 40 9.76 -8.62 0.05
C PRO A 40 9.29 -10.07 0.18
N SER A 41 8.54 -10.38 1.21
CA SER A 41 8.05 -11.77 1.39
C SER A 41 6.73 -11.94 0.62
N GLY A 42 6.32 -10.94 -0.10
CA GLY A 42 5.05 -11.05 -0.86
C GLY A 42 3.85 -10.93 0.10
N LYS A 43 4.10 -10.52 1.31
CA LYS A 43 2.98 -10.38 2.29
C LYS A 43 2.13 -9.17 1.92
N LYS A 44 0.84 -9.34 1.88
CA LYS A 44 -0.05 -8.19 1.54
C LYS A 44 -0.54 -7.54 2.84
N PHE A 45 -0.42 -6.25 2.95
CA PHE A 45 -0.89 -5.55 4.19
C PHE A 45 -1.58 -4.24 3.81
N ARG A 46 -2.58 -3.86 4.56
CA ARG A 46 -3.30 -2.59 4.24
C ARG A 46 -3.62 -1.84 5.54
N SER A 47 -2.63 -1.61 6.36
CA SER A 47 -2.88 -0.89 7.63
C SER A 47 -1.62 -0.12 8.05
N LYS A 48 -1.76 1.11 8.45
CA LYS A 48 -0.57 1.90 8.86
C LYS A 48 0.15 1.18 10.01
N PRO A 49 -0.61 0.74 10.99
CA PRO A 49 -0.05 0.03 12.17
C PRO A 49 0.84 -1.15 11.78
N GLN A 50 0.42 -1.93 10.81
CA GLN A 50 1.24 -3.09 10.37
C GLN A 50 2.51 -2.57 9.68
N LEU A 51 2.41 -1.47 8.99
CA LEU A 51 3.62 -0.91 8.30
C LEU A 51 4.71 -0.62 9.34
N ALA A 52 4.37 0.07 10.39
CA ALA A 52 5.40 0.38 11.43
C ALA A 52 5.76 -0.89 12.20
N ARG A 53 4.80 -1.73 12.46
CA ARG A 53 5.09 -2.98 13.22
C ARG A 53 6.19 -3.77 12.51
N TYR A 54 6.03 -4.01 11.24
CA TYR A 54 7.06 -4.77 10.49
C TYR A 54 8.34 -3.95 10.39
N LEU A 55 8.23 -2.72 9.96
CA LEU A 55 9.44 -1.86 9.84
C LEU A 55 10.04 -1.63 11.23
N GLY A 56 9.46 -2.21 12.24
CA GLY A 56 10.01 -2.03 13.61
C GLY A 56 10.18 -0.54 13.90
N GLY A 57 9.11 0.21 13.92
CA GLY A 57 9.21 1.67 14.19
C GLY A 57 10.51 2.21 13.58
N SER A 58 10.91 1.68 12.46
CA SER A 58 12.17 2.17 11.82
C SER A 58 11.87 3.40 10.97
N MET A 59 10.62 3.82 10.93
CA MET A 59 10.26 5.01 10.11
C MET A 59 8.96 5.62 10.64
N ASP A 60 8.81 6.90 10.51
CA ASP A 60 7.56 7.55 11.01
C ASP A 60 6.48 7.48 9.92
N LEU A 61 5.50 6.63 10.10
CA LEU A 61 4.43 6.52 9.07
C LEU A 61 3.30 7.50 9.41
N SER A 62 3.40 8.18 10.52
CA SER A 62 2.34 9.16 10.89
C SER A 62 2.21 10.22 9.80
N THR A 63 3.29 10.57 9.17
CA THR A 63 3.23 11.60 8.09
C THR A 63 3.13 10.91 6.73
N PHE A 64 2.93 9.62 6.71
CA PHE A 64 2.82 8.89 5.42
C PHE A 64 1.36 8.86 4.98
N ASP A 65 1.09 9.13 3.73
CA ASP A 65 -0.31 9.10 3.24
C ASP A 65 -0.69 7.67 2.84
N PHE A 66 -1.57 7.06 3.58
CA PHE A 66 -1.97 5.66 3.24
C PHE A 66 -2.90 5.67 2.03
N ARG A 67 -3.89 6.53 2.04
CA ARG A 67 -4.83 6.58 0.88
C ARG A 67 -4.05 6.81 -0.41
N THR A 68 -3.11 7.72 -0.39
CA THR A 68 -2.32 7.99 -1.62
C THR A 68 -1.03 7.16 -1.60
N GLY A 69 -0.68 6.62 -0.46
CA GLY A 69 0.55 5.81 -0.37
C GLY A 69 1.77 6.68 -0.68
N LYS A 70 1.75 7.92 -0.27
CA LYS A 70 2.90 8.83 -0.54
C LYS A 70 3.39 9.44 0.77
N MET A 71 4.65 9.76 0.84
CA MET A 71 5.19 10.37 2.09
C MET A 71 5.15 11.90 1.98
N LEU A 72 4.46 12.55 2.89
CA LEU A 72 4.39 14.03 2.84
C LEU A 72 5.36 14.63 3.84
#